data_7UKZ
#
_entry.id   7UKZ
#
_cell.length_a   146.678
_cell.length_b   146.678
_cell.length_c   230.939
_cell.angle_alpha   90.000
_cell.angle_beta   90.000
_cell.angle_gamma   120.000
#
_symmetry.space_group_name_H-M   'P 65'
#
loop_
_entity.id
_entity.type
_entity.pdbx_description
1 polymer 'Cyclin-dependent kinase 11B'
2 non-polymer OTS964
3 non-polymer 'SULFATE ION'
#
_entity_poly.entity_id   1
_entity_poly.type   'polypeptide(L)'
_entity_poly.pdbx_seq_one_letter_code
;GAMGALQGCRSVEEFQCLNRIEEGTYGVVYRAKDKKTDEIVALKRLKMEKEKEGFPITSLREINTILKAQHPNIVTVREI
VVGSNMDKIYIVMNYVEHDLKSLMETMKQPFLPGEVKTLMIQLLRGVKHLHDNWILHRDLKTSNLLLSHAGILKVGDFGL
AREYGSPLKAY(TPO)PVVVTLWYRAPELLLGAKEYSTAVDMWSVGCIFGELLTQKPLFPGKSEIDQINKVFKDLGTPSE
KIWPGYSELPAVKKMTFSEHPYNNLRKRFGALLSDQGFDLMNKFLTYFPGRRISAEDGLKHEYFRETPLPIDPSMFPKLV
EKY
;
_entity_poly.pdbx_strand_id   A,B,C,D,E,F
#
loop_
_chem_comp.id
_chem_comp.type
_chem_comp.name
_chem_comp.formula
NK3 non-polymer OTS964 'C23 H24 N2 O2 S'
SO4 non-polymer 'SULFATE ION' 'O4 S -2'
#
# COMPACT_ATOMS: atom_id res chain seq x y z
N GLU A 13 -2.16 -52.49 -4.76
CA GLU A 13 -2.51 -53.45 -5.78
C GLU A 13 -2.07 -52.98 -7.16
N GLU A 14 -1.42 -53.89 -7.91
CA GLU A 14 -0.97 -53.68 -9.28
C GLU A 14 0.18 -52.68 -9.35
N PHE A 15 0.49 -52.01 -8.24
CA PHE A 15 1.59 -51.06 -8.19
C PHE A 15 2.45 -51.30 -6.96
N GLN A 16 3.76 -51.21 -7.14
CA GLN A 16 4.71 -51.30 -6.03
C GLN A 16 5.18 -49.90 -5.67
N CYS A 17 4.87 -49.47 -4.45
CA CYS A 17 5.20 -48.12 -3.99
C CYS A 17 6.70 -48.00 -3.79
N LEU A 18 7.38 -47.34 -4.73
CA LEU A 18 8.82 -47.16 -4.61
C LEU A 18 9.17 -46.23 -3.45
N ASN A 19 8.48 -45.09 -3.35
CA ASN A 19 8.77 -44.12 -2.30
C ASN A 19 7.64 -43.10 -2.26
N ARG A 20 7.19 -42.79 -1.04
CA ARG A 20 6.25 -41.71 -0.84
C ARG A 20 6.92 -40.37 -1.13
N ILE A 21 6.17 -39.45 -1.74
CA ILE A 21 6.75 -38.18 -2.18
C ILE A 21 6.46 -37.08 -1.16
N GLU A 22 5.19 -36.76 -0.96
CA GLU A 22 4.81 -35.68 -0.07
C GLU A 22 3.38 -35.90 0.39
N GLU A 23 3.02 -35.22 1.49
CA GLU A 23 1.70 -35.31 2.09
C GLU A 23 1.03 -33.95 2.00
N GLY A 24 -0.19 -33.92 1.45
CA GLY A 24 -0.96 -32.71 1.36
C GLY A 24 -2.38 -32.91 1.86
N THR A 25 -2.81 -32.05 2.81
CA THR A 25 -4.08 -32.22 3.50
C THR A 25 -4.16 -33.63 4.08
N TYR A 26 -5.19 -34.40 3.70
CA TYR A 26 -5.29 -35.79 4.07
C TYR A 26 -4.85 -36.74 2.95
N GLY A 27 -4.45 -36.20 1.80
CA GLY A 27 -3.99 -37.02 0.70
C GLY A 27 -2.49 -37.16 0.68
N VAL A 28 -2.02 -38.27 0.11
CA VAL A 28 -0.60 -38.58 0.07
C VAL A 28 -0.27 -39.13 -1.31
N VAL A 29 0.87 -38.68 -1.86
CA VAL A 29 1.30 -39.05 -3.20
C VAL A 29 2.51 -39.97 -3.09
N TYR A 30 2.46 -41.09 -3.79
CA TYR A 30 3.54 -42.07 -3.86
C TYR A 30 4.19 -42.03 -5.25
N ARG A 31 5.17 -42.91 -5.45
CA ARG A 31 5.77 -43.15 -6.75
C ARG A 31 5.82 -44.65 -6.98
N ALA A 32 5.19 -45.11 -8.05
CA ALA A 32 5.08 -46.53 -8.33
C ALA A 32 5.52 -46.82 -9.76
N LYS A 33 5.44 -48.09 -10.15
CA LYS A 33 5.80 -48.53 -11.49
C LYS A 33 4.70 -49.39 -12.06
N ASP A 34 4.50 -49.27 -13.38
CA ASP A 34 3.48 -50.03 -14.09
C ASP A 34 4.03 -51.30 -14.73
N LYS A 35 5.16 -51.20 -15.44
CA LYS A 35 5.76 -52.35 -16.08
C LYS A 35 7.28 -52.19 -16.17
N GLU A 39 7.26 -48.92 -16.25
CA GLU A 39 7.22 -47.48 -16.39
C GLU A 39 6.88 -46.80 -15.06
N ILE A 40 7.72 -45.86 -14.64
CA ILE A 40 7.51 -45.17 -13.38
C ILE A 40 6.28 -44.27 -13.49
N VAL A 41 5.39 -44.37 -12.51
CA VAL A 41 4.16 -43.59 -12.48
C VAL A 41 4.08 -42.85 -11.15
N ALA A 42 3.14 -41.91 -11.08
CA ALA A 42 2.85 -41.17 -9.86
C ALA A 42 1.45 -41.53 -9.39
N LEU A 43 1.33 -41.95 -8.13
CA LEU A 43 0.07 -42.42 -7.57
C LEU A 43 -0.25 -41.62 -6.32
N LYS A 44 -1.48 -41.12 -6.24
CA LYS A 44 -1.95 -40.36 -5.10
C LYS A 44 -3.24 -40.97 -4.58
N ARG A 45 -3.34 -41.13 -3.26
CA ARG A 45 -4.56 -41.57 -2.62
C ARG A 45 -5.30 -40.35 -2.08
N LEU A 46 -6.59 -40.27 -2.39
CA LEU A 46 -7.37 -39.10 -2.03
C LEU A 46 -7.68 -39.09 -0.53
N LYS A 47 -8.16 -37.95 -0.05
CA LYS A 47 -8.52 -37.81 1.35
C LYS A 47 -9.64 -38.77 1.72
N MET A 48 -9.48 -39.45 2.85
CA MET A 48 -10.49 -40.37 3.34
C MET A 48 -11.54 -39.63 4.15
N GLU A 49 -12.77 -40.16 4.12
CA GLU A 49 -13.91 -39.56 4.81
C GLU A 49 -14.46 -40.54 5.83
N LYS A 50 -14.88 -40.01 6.97
CA LYS A 50 -15.50 -40.84 8.00
C LYS A 50 -16.83 -41.41 7.53
N GLU A 51 -17.65 -40.59 6.87
CA GLU A 51 -18.96 -41.02 6.42
C GLU A 51 -18.84 -41.82 5.13
N LYS A 52 -19.53 -42.96 5.07
CA LYS A 52 -19.55 -43.82 3.89
C LYS A 52 -21.01 -44.15 3.59
N GLU A 53 -21.66 -43.28 2.82
CA GLU A 53 -23.06 -43.47 2.46
C GLU A 53 -23.43 -42.64 1.23
N PHE A 55 -20.10 -42.99 -1.55
CA PHE A 55 -18.97 -42.44 -2.26
C PHE A 55 -18.54 -41.11 -1.67
N PRO A 56 -17.25 -40.94 -1.41
CA PRO A 56 -16.78 -39.70 -0.77
C PRO A 56 -17.03 -38.49 -1.66
N ILE A 57 -17.65 -37.46 -1.06
CA ILE A 57 -17.94 -36.24 -1.79
C ILE A 57 -16.67 -35.47 -2.11
N THR A 58 -15.76 -35.36 -1.13
CA THR A 58 -14.50 -34.67 -1.36
C THR A 58 -13.67 -35.37 -2.42
N SER A 59 -13.65 -36.69 -2.42
CA SER A 59 -12.92 -37.43 -3.44
C SER A 59 -13.51 -37.18 -4.83
N LEU A 60 -14.84 -37.16 -4.94
CA LEU A 60 -15.48 -36.92 -6.23
C LEU A 60 -15.19 -35.51 -6.72
N ARG A 61 -15.24 -34.52 -5.83
CA ARG A 61 -15.00 -33.14 -6.25
C ARG A 61 -13.58 -32.98 -6.80
N GLU A 62 -12.61 -33.61 -6.16
CA GLU A 62 -11.24 -33.60 -6.68
C GLU A 62 -11.15 -34.31 -8.02
N ILE A 63 -11.85 -35.43 -8.16
CA ILE A 63 -11.84 -36.17 -9.42
C ILE A 63 -12.45 -35.34 -10.54
N ASN A 64 -13.58 -34.66 -10.26
CA ASN A 64 -14.27 -33.91 -11.29
C ASN A 64 -13.41 -32.77 -11.82
N THR A 65 -12.76 -32.03 -10.92
CA THR A 65 -11.96 -30.88 -11.36
C THR A 65 -10.76 -31.33 -12.19
N ILE A 66 -10.06 -32.38 -11.75
CA ILE A 66 -8.84 -32.79 -12.44
C ILE A 66 -9.16 -33.37 -13.81
N LEU A 67 -10.31 -34.03 -13.97
CA LEU A 67 -10.68 -34.58 -15.27
C LEU A 67 -11.03 -33.48 -16.25
N LYS A 68 -11.86 -32.52 -15.82
CA LYS A 68 -12.22 -31.39 -16.67
C LYS A 68 -11.02 -30.49 -16.95
N ALA A 69 -9.99 -30.54 -16.10
CA ALA A 69 -8.80 -29.73 -16.25
C ALA A 69 -7.73 -30.36 -17.12
N GLN A 70 -8.01 -31.51 -17.73
CA GLN A 70 -7.01 -32.20 -18.54
C GLN A 70 -6.50 -31.29 -19.65
N HIS A 71 -5.21 -31.02 -19.64
CA HIS A 71 -4.60 -29.97 -20.45
C HIS A 71 -3.10 -30.24 -20.51
N PRO A 72 -2.43 -29.82 -21.58
CA PRO A 72 -0.97 -30.03 -21.64
C PRO A 72 -0.21 -29.39 -20.49
N ASN A 73 -0.74 -28.30 -19.91
CA ASN A 73 -0.14 -27.67 -18.76
C ASN A 73 -0.71 -28.18 -17.44
N ILE A 74 -1.39 -29.32 -17.46
CA ILE A 74 -1.96 -29.96 -16.28
C ILE A 74 -1.47 -31.40 -16.25
N VAL A 75 -1.35 -31.96 -15.04
CA VAL A 75 -0.84 -33.30 -14.88
C VAL A 75 -1.70 -34.29 -15.65
N THR A 76 -1.06 -35.29 -16.25
CA THR A 76 -1.75 -36.29 -17.06
C THR A 76 -2.20 -37.43 -16.17
N VAL A 77 -3.52 -37.64 -16.10
CA VAL A 77 -4.10 -38.71 -15.31
C VAL A 77 -4.15 -39.96 -16.16
N ARG A 78 -3.49 -41.03 -15.71
CA ARG A 78 -3.52 -42.28 -16.47
C ARG A 78 -4.74 -43.11 -16.12
N GLU A 79 -5.06 -43.22 -14.83
CA GLU A 79 -6.21 -44.01 -14.38
C GLU A 79 -6.63 -43.54 -13.01
N ILE A 80 -7.85 -43.92 -12.62
CA ILE A 80 -8.38 -43.66 -11.29
C ILE A 80 -8.91 -44.97 -10.74
N VAL A 81 -8.49 -45.33 -9.54
CA VAL A 81 -8.79 -46.64 -8.95
C VAL A 81 -9.67 -46.44 -7.73
N VAL A 82 -10.76 -47.19 -7.67
CA VAL A 82 -11.65 -47.24 -6.51
C VAL A 82 -11.86 -48.71 -6.14
N GLY A 83 -12.38 -48.93 -4.95
CA GLY A 83 -12.64 -50.27 -4.47
C GLY A 83 -12.47 -50.33 -2.97
N SER A 84 -12.26 -51.56 -2.47
CA SER A 84 -12.15 -51.82 -1.05
C SER A 84 -13.37 -51.29 -0.30
N ASN A 85 -14.55 -51.58 -0.86
CA ASN A 85 -15.83 -51.05 -0.35
C ASN A 85 -15.82 -49.52 -0.35
N MET A 86 -15.22 -48.95 -1.40
CA MET A 86 -15.13 -47.50 -1.61
C MET A 86 -14.32 -46.79 -0.51
N ASP A 87 -13.58 -47.55 0.30
CA ASP A 87 -12.81 -46.92 1.37
C ASP A 87 -11.54 -46.24 0.83
N LYS A 88 -10.89 -46.85 -0.14
CA LYS A 88 -9.64 -46.34 -0.70
C LYS A 88 -9.84 -45.95 -2.16
N ILE A 89 -9.43 -44.73 -2.50
CA ILE A 89 -9.53 -44.20 -3.84
C ILE A 89 -8.16 -43.69 -4.26
N TYR A 90 -7.71 -44.10 -5.44
CA TYR A 90 -6.39 -43.73 -5.95
C TYR A 90 -6.52 -43.12 -7.34
N ILE A 91 -5.57 -42.25 -7.67
CA ILE A 91 -5.49 -41.61 -8.98
C ILE A 91 -4.12 -41.89 -9.56
N VAL A 92 -4.07 -42.59 -10.70
CA VAL A 92 -2.82 -42.93 -11.37
C VAL A 92 -2.49 -41.82 -12.35
N MET A 93 -1.29 -41.25 -12.22
CA MET A 93 -0.88 -40.11 -13.04
C MET A 93 0.56 -40.29 -13.49
N ASN A 94 0.88 -39.67 -14.63
CA ASN A 94 2.24 -39.70 -15.16
C ASN A 94 3.19 -39.02 -14.20
N TYR A 95 4.34 -39.65 -13.97
CA TYR A 95 5.31 -39.13 -13.02
C TYR A 95 6.05 -37.94 -13.63
N VAL A 96 6.12 -36.85 -12.88
CA VAL A 96 6.84 -35.64 -13.29
C VAL A 96 8.15 -35.59 -12.52
N GLU A 97 9.19 -35.06 -13.18
CA GLU A 97 10.54 -35.12 -12.63
C GLU A 97 10.66 -34.31 -11.35
N HIS A 98 10.13 -33.08 -11.32
CA HIS A 98 10.37 -32.18 -10.21
C HIS A 98 9.10 -31.40 -9.88
N ASP A 99 9.10 -30.82 -8.67
CA ASP A 99 8.13 -29.82 -8.26
C ASP A 99 8.87 -28.50 -8.04
N LEU A 100 8.19 -27.39 -8.37
CA LEU A 100 8.87 -26.11 -8.49
C LEU A 100 9.55 -25.69 -7.19
N LYS A 101 8.91 -25.95 -6.04
CA LYS A 101 9.50 -25.55 -4.77
C LYS A 101 10.83 -26.24 -4.52
N SER A 102 11.00 -27.46 -5.03
CA SER A 102 12.27 -28.16 -4.89
C SER A 102 13.39 -27.42 -5.60
N LEU A 103 13.14 -26.92 -6.81
CA LEU A 103 14.16 -26.19 -7.55
C LEU A 103 14.58 -24.92 -6.80
N MET A 104 13.60 -24.20 -6.23
CA MET A 104 13.92 -22.98 -5.50
C MET A 104 14.92 -23.23 -4.40
N GLU A 105 14.86 -24.40 -3.76
CA GLU A 105 15.78 -24.77 -2.71
C GLU A 105 17.02 -25.51 -3.22
N THR A 106 17.09 -25.80 -4.51
CA THR A 106 18.20 -26.58 -5.06
C THR A 106 18.68 -25.97 -6.38
N MET A 107 18.82 -24.65 -6.43
CA MET A 107 19.37 -23.97 -7.59
C MET A 107 20.44 -22.99 -7.13
N LYS A 108 21.60 -23.01 -7.80
CA LYS A 108 22.69 -22.12 -7.44
C LYS A 108 22.46 -20.69 -7.94
N GLN A 109 21.82 -20.53 -9.09
CA GLN A 109 21.60 -19.22 -9.68
C GLN A 109 20.13 -19.04 -10.03
N PRO A 110 19.65 -17.80 -10.00
CA PRO A 110 18.22 -17.57 -10.23
C PRO A 110 17.81 -17.86 -11.67
N PHE A 111 16.51 -18.09 -11.83
CA PHE A 111 15.95 -18.37 -13.15
C PHE A 111 16.13 -17.19 -14.08
N LEU A 112 16.43 -17.48 -15.34
CA LEU A 112 16.57 -16.42 -16.33
C LEU A 112 15.20 -15.82 -16.65
N PRO A 113 15.17 -14.53 -17.01
CA PRO A 113 13.88 -13.91 -17.35
C PRO A 113 13.15 -14.60 -18.49
N GLY A 114 13.88 -15.11 -19.48
CA GLY A 114 13.24 -15.86 -20.55
C GLY A 114 12.60 -17.15 -20.05
N GLU A 115 13.29 -17.86 -19.16
CA GLU A 115 12.72 -19.06 -18.57
C GLU A 115 11.52 -18.74 -17.69
N VAL A 116 11.59 -17.63 -16.95
CA VAL A 116 10.47 -17.22 -16.11
C VAL A 116 9.24 -16.93 -16.96
N LYS A 117 9.42 -16.22 -18.07
CA LYS A 117 8.30 -15.94 -18.96
C LYS A 117 7.71 -17.22 -19.52
N THR A 118 8.56 -18.16 -19.94
CA THR A 118 8.06 -19.42 -20.48
C THR A 118 7.25 -20.18 -19.43
N LEU A 119 7.74 -20.22 -18.18
CA LEU A 119 7.00 -20.88 -17.12
C LEU A 119 5.69 -20.14 -16.82
N MET A 120 5.74 -18.80 -16.81
CA MET A 120 4.52 -18.03 -16.56
C MET A 120 3.50 -18.22 -17.68
N ILE A 121 3.96 -18.23 -18.92
CA ILE A 121 3.05 -18.48 -20.05
C ILE A 121 2.45 -19.88 -19.93
N GLN A 122 3.27 -20.87 -19.57
CA GLN A 122 2.74 -22.21 -19.34
C GLN A 122 1.74 -22.21 -18.18
N LEU A 123 2.06 -21.50 -17.10
CA LEU A 123 1.14 -21.42 -15.97
C LEU A 123 -0.15 -20.70 -16.34
N LEU A 124 -0.04 -19.56 -17.03
CA LEU A 124 -1.23 -18.76 -17.34
C LEU A 124 -2.15 -19.49 -18.32
N ARG A 125 -1.58 -20.21 -19.28
CA ARG A 125 -2.42 -20.98 -20.20
C ARG A 125 -3.21 -22.04 -19.47
N GLY A 126 -2.58 -22.74 -18.53
CA GLY A 126 -3.29 -23.76 -17.76
C GLY A 126 -4.36 -23.17 -16.87
N VAL A 127 -4.10 -21.99 -16.30
CA VAL A 127 -5.09 -21.34 -15.45
C VAL A 127 -6.32 -20.95 -16.27
N LYS A 128 -6.10 -20.46 -17.49
CA LYS A 128 -7.22 -20.06 -18.34
C LYS A 128 -8.11 -21.25 -18.67
N HIS A 129 -7.54 -22.45 -18.76
CA HIS A 129 -8.35 -23.63 -19.03
C HIS A 129 -9.33 -23.91 -17.90
N LEU A 130 -8.90 -23.72 -16.66
CA LEU A 130 -9.76 -23.98 -15.51
C LEU A 130 -10.92 -22.99 -15.47
N HIS A 131 -10.62 -21.70 -15.58
CA HIS A 131 -11.65 -20.67 -15.45
C HIS A 131 -12.65 -20.74 -16.61
N ASP A 132 -12.17 -21.03 -17.82
CA ASP A 132 -13.08 -21.22 -18.94
C ASP A 132 -13.99 -22.43 -18.71
N ASN A 133 -13.54 -23.39 -17.91
CA ASN A 133 -14.32 -24.58 -17.58
C ASN A 133 -14.97 -24.48 -16.20
N TRP A 134 -15.13 -23.27 -15.67
CA TRP A 134 -15.80 -23.03 -14.39
C TRP A 134 -15.13 -23.79 -13.25
N ILE A 135 -13.79 -23.78 -13.23
CA ILE A 135 -13.02 -24.52 -12.24
C ILE A 135 -12.18 -23.53 -11.43
N LEU A 136 -12.25 -23.66 -10.11
CA LEU A 136 -11.41 -22.90 -9.19
C LEU A 136 -10.49 -23.87 -8.45
N HIS A 137 -9.18 -23.61 -8.51
CA HIS A 137 -8.21 -24.47 -7.85
C HIS A 137 -7.99 -24.07 -6.40
N ARG A 138 -7.73 -22.78 -6.15
CA ARG A 138 -7.64 -22.17 -4.84
C ARG A 138 -6.47 -22.66 -4.00
N ASP A 139 -5.53 -23.41 -4.57
CA ASP A 139 -4.36 -23.88 -3.83
C ASP A 139 -3.11 -23.78 -4.69
N LEU A 140 -2.93 -22.66 -5.38
CA LEU A 140 -1.79 -22.48 -6.27
C LEU A 140 -0.54 -22.18 -5.44
N LYS A 141 0.44 -23.08 -5.49
CA LYS A 141 1.68 -22.93 -4.76
C LYS A 141 2.80 -23.59 -5.54
N THR A 142 4.04 -23.20 -5.21
CA THR A 142 5.20 -23.73 -5.93
C THR A 142 5.33 -25.24 -5.75
N SER A 143 5.09 -25.74 -4.54
CA SER A 143 5.15 -27.18 -4.31
C SER A 143 4.03 -27.93 -5.00
N ASN A 144 3.00 -27.24 -5.48
CA ASN A 144 1.96 -27.84 -6.30
C ASN A 144 2.22 -27.66 -7.78
N LEU A 145 3.33 -27.04 -8.16
CA LEU A 145 3.68 -26.83 -9.55
C LEU A 145 4.77 -27.81 -9.95
N LEU A 146 4.51 -28.60 -10.98
CA LEU A 146 5.45 -29.63 -11.43
C LEU A 146 6.15 -29.18 -12.70
N LEU A 147 7.47 -29.32 -12.73
CA LEU A 147 8.29 -28.97 -13.88
C LEU A 147 8.98 -30.22 -14.40
N SER A 148 8.83 -30.49 -15.69
CA SER A 148 9.46 -31.65 -16.30
C SER A 148 10.89 -31.32 -16.72
N HIS A 149 11.65 -32.37 -17.03
CA HIS A 149 13.01 -32.18 -17.55
C HIS A 149 12.99 -31.51 -18.91
N ALA A 150 11.90 -31.65 -19.66
CA ALA A 150 11.77 -31.03 -20.97
C ALA A 150 11.20 -29.62 -20.91
N GLY A 151 11.11 -29.03 -19.72
CA GLY A 151 10.60 -27.68 -19.56
C GLY A 151 9.10 -27.56 -19.48
N ILE A 152 8.37 -28.66 -19.58
CA ILE A 152 6.91 -28.61 -19.52
C ILE A 152 6.48 -28.46 -18.07
N LEU A 153 5.60 -27.50 -17.80
CA LEU A 153 5.10 -27.21 -16.47
C LEU A 153 3.67 -27.70 -16.34
N LYS A 154 3.38 -28.41 -15.25
CA LYS A 154 2.05 -28.96 -15.00
C LYS A 154 1.65 -28.71 -13.56
N VAL A 155 0.35 -28.67 -13.33
CA VAL A 155 -0.22 -28.49 -11.99
C VAL A 155 -0.49 -29.86 -11.39
N GLY A 156 -0.10 -30.04 -10.13
CA GLY A 156 -0.10 -31.37 -9.54
C GLY A 156 -1.30 -31.77 -8.71
N ASP A 157 -1.74 -30.91 -7.79
CA ASP A 157 -2.74 -31.28 -6.80
C ASP A 157 -4.06 -30.57 -7.06
N PHE A 158 -5.15 -31.27 -6.76
CA PHE A 158 -6.50 -30.75 -6.86
C PHE A 158 -7.28 -30.95 -5.57
N GLY A 159 -6.57 -31.01 -4.44
CA GLY A 159 -7.22 -31.26 -3.16
C GLY A 159 -8.12 -30.13 -2.69
N LEU A 160 -7.96 -28.94 -3.26
CA LEU A 160 -8.79 -27.79 -2.92
C LEU A 160 -9.68 -27.34 -4.07
N ALA A 161 -9.52 -27.93 -5.25
CA ALA A 161 -10.23 -27.45 -6.44
C ALA A 161 -11.73 -27.65 -6.31
N ARG A 162 -12.50 -26.67 -6.79
CA ARG A 162 -13.95 -26.72 -6.69
C ARG A 162 -14.57 -25.99 -7.87
N GLU A 163 -15.76 -26.44 -8.26
CA GLU A 163 -16.51 -25.83 -9.36
C GLU A 163 -17.31 -24.63 -8.86
N TYR A 164 -17.63 -23.73 -9.78
CA TYR A 164 -18.43 -22.54 -9.45
C TYR A 164 -19.33 -22.21 -10.63
N GLY A 165 -20.36 -21.41 -10.35
CA GLY A 165 -21.37 -21.07 -11.33
C GLY A 165 -21.46 -19.57 -11.57
N SER A 166 -22.19 -19.21 -12.63
CA SER A 166 -22.34 -17.80 -12.99
C SER A 166 -23.01 -16.98 -11.89
N PRO A 167 -24.15 -17.40 -11.29
CA PRO A 167 -24.66 -16.68 -10.13
C PRO A 167 -23.84 -17.03 -8.88
N LEU A 168 -23.02 -16.07 -8.45
CA LEU A 168 -22.07 -16.35 -7.38
C LEU A 168 -22.78 -16.55 -6.04
N LYS A 169 -22.20 -17.44 -5.23
CA LYS A 169 -22.72 -17.73 -3.90
C LYS A 169 -21.54 -17.90 -2.95
N ALA A 170 -21.85 -18.00 -1.66
CA ALA A 170 -20.80 -18.18 -0.66
C ALA A 170 -20.20 -19.57 -0.76
N TYR A 171 -18.87 -19.64 -0.74
CA TYR A 171 -18.17 -20.91 -0.83
C TYR A 171 -17.38 -21.17 0.46
N TPO A 172 -16.22 -21.80 0.32
CA TPO A 172 -15.38 -22.12 1.48
CB TPO A 172 -14.47 -23.31 1.17
CG2 TPO A 172 -13.22 -23.34 2.03
OG1 TPO A 172 -15.19 -24.53 1.40
P TPO A 172 -15.88 -25.04 0.04
O1P TPO A 172 -14.80 -25.12 -1.15
O2P TPO A 172 -16.96 -24.11 -0.37
O3P TPO A 172 -16.52 -26.50 0.28
C TPO A 172 -14.57 -20.89 1.90
O TPO A 172 -13.69 -20.44 1.16
N PRO A 173 -14.88 -20.35 3.09
CA PRO A 173 -14.29 -19.09 3.58
C PRO A 173 -12.76 -19.13 3.68
N VAL A 174 -12.23 -20.13 4.37
CA VAL A 174 -10.79 -20.26 4.58
C VAL A 174 -10.26 -21.19 3.49
N VAL A 175 -9.60 -20.60 2.49
CA VAL A 175 -8.99 -21.33 1.39
C VAL A 175 -7.64 -20.71 1.09
N VAL A 176 -6.84 -21.43 0.31
CA VAL A 176 -5.51 -21.03 -0.14
C VAL A 176 -4.53 -21.00 1.04
N THR A 177 -3.32 -21.49 0.82
CA THR A 177 -2.30 -21.46 1.86
C THR A 177 -1.98 -20.02 2.21
N LEU A 178 -1.68 -19.80 3.49
CA LEU A 178 -1.57 -18.44 4.03
C LEU A 178 -0.61 -17.57 3.23
N TRP A 179 0.53 -18.13 2.84
CA TRP A 179 1.53 -17.34 2.11
C TRP A 179 1.00 -16.85 0.76
N TYR A 180 0.16 -17.65 0.10
CA TYR A 180 -0.43 -17.28 -1.17
C TYR A 180 -1.90 -16.90 -1.05
N ARG A 181 -2.42 -16.75 0.17
CA ARG A 181 -3.83 -16.47 0.36
C ARG A 181 -4.16 -15.05 -0.09
N ALA A 182 -5.28 -14.90 -0.79
CA ALA A 182 -5.72 -13.60 -1.26
C ALA A 182 -6.11 -12.71 -0.09
N PRO A 183 -5.92 -11.40 -0.21
CA PRO A 183 -6.27 -10.50 0.90
C PRO A 183 -7.74 -10.55 1.29
N GLU A 184 -8.65 -10.77 0.33
CA GLU A 184 -10.06 -10.88 0.67
C GLU A 184 -10.32 -12.07 1.57
N LEU A 185 -9.66 -13.20 1.30
CA LEU A 185 -9.75 -14.34 2.21
C LEU A 185 -9.09 -14.02 3.55
N LEU A 186 -7.98 -13.28 3.51
CA LEU A 186 -7.35 -12.83 4.75
C LEU A 186 -8.27 -11.90 5.53
N LEU A 187 -9.18 -11.22 4.85
CA LEU A 187 -10.17 -10.35 5.48
C LEU A 187 -11.55 -11.01 5.57
N GLY A 188 -11.63 -12.31 5.37
CA GLY A 188 -12.86 -13.05 5.54
C GLY A 188 -13.98 -12.70 4.58
N ALA A 189 -13.66 -12.61 3.29
CA ALA A 189 -14.68 -12.34 2.29
C ALA A 189 -15.65 -13.50 2.18
N LYS A 190 -16.94 -13.18 2.10
CA LYS A 190 -17.97 -14.22 2.00
C LYS A 190 -18.03 -14.82 0.60
N GLU A 191 -17.82 -14.00 -0.43
CA GLU A 191 -17.88 -14.45 -1.82
C GLU A 191 -16.58 -14.14 -2.52
N TYR A 192 -16.10 -15.08 -3.33
CA TYR A 192 -14.86 -14.93 -4.07
C TYR A 192 -14.91 -15.84 -5.29
N SER A 193 -14.31 -15.37 -6.37
CA SER A 193 -14.29 -16.15 -7.62
C SER A 193 -13.18 -15.64 -8.51
N THR A 194 -12.18 -16.50 -8.76
CA THR A 194 -11.15 -16.29 -9.78
C THR A 194 -10.19 -15.19 -9.38
N ALA A 195 -10.50 -14.47 -8.31
CA ALA A 195 -9.62 -13.41 -7.85
C ALA A 195 -8.50 -13.97 -6.97
N VAL A 196 -8.81 -14.97 -6.15
CA VAL A 196 -7.79 -15.59 -5.30
C VAL A 196 -6.79 -16.35 -6.16
N ASP A 197 -7.26 -17.01 -7.22
CA ASP A 197 -6.35 -17.76 -8.08
C ASP A 197 -5.34 -16.84 -8.74
N MET A 198 -5.78 -15.67 -9.21
CA MET A 198 -4.83 -14.74 -9.84
C MET A 198 -3.90 -14.10 -8.82
N TRP A 199 -4.35 -13.93 -7.58
CA TRP A 199 -3.47 -13.43 -6.53
C TRP A 199 -2.33 -14.41 -6.27
N SER A 200 -2.64 -15.71 -6.22
CA SER A 200 -1.60 -16.71 -6.02
C SER A 200 -0.63 -16.73 -7.18
N VAL A 201 -1.13 -16.56 -8.41
CA VAL A 201 -0.25 -16.50 -9.57
C VAL A 201 0.73 -15.33 -9.45
N GLY A 202 0.23 -14.19 -8.97
CA GLY A 202 1.13 -13.07 -8.72
C GLY A 202 2.15 -13.36 -7.64
N CYS A 203 1.73 -14.07 -6.59
CA CYS A 203 2.67 -14.44 -5.53
C CYS A 203 3.75 -15.38 -6.05
N ILE A 204 3.38 -16.34 -6.90
CA ILE A 204 4.36 -17.23 -7.49
C ILE A 204 5.31 -16.47 -8.40
N PHE A 205 4.81 -15.44 -9.09
CA PHE A 205 5.66 -14.65 -9.98
C PHE A 205 6.82 -14.01 -9.23
N GLY A 206 6.54 -13.40 -8.07
CA GLY A 206 7.59 -12.78 -7.30
C GLY A 206 8.58 -13.79 -6.75
N GLU A 207 8.10 -14.98 -6.38
CA GLU A 207 8.98 -16.02 -5.84
C GLU A 207 9.97 -16.50 -6.90
N LEU A 208 9.54 -16.60 -8.16
CA LEU A 208 10.41 -17.12 -9.21
C LEU A 208 11.64 -16.24 -9.39
N LEU A 209 11.46 -14.91 -9.33
CA LEU A 209 12.59 -14.01 -9.53
C LEU A 209 13.61 -14.11 -8.39
N THR A 210 13.13 -14.20 -7.15
CA THR A 210 14.01 -14.13 -5.99
C THR A 210 14.33 -15.48 -5.38
N GLN A 211 13.74 -16.57 -5.89
CA GLN A 211 13.87 -17.92 -5.34
C GLN A 211 13.38 -18.03 -3.91
N LYS A 212 12.75 -16.99 -3.37
CA LYS A 212 12.28 -16.94 -2.00
C LYS A 212 10.81 -16.55 -1.98
N PRO A 213 10.07 -17.00 -0.96
CA PRO A 213 8.64 -16.67 -0.90
C PRO A 213 8.41 -15.16 -0.85
N LEU A 214 7.37 -14.72 -1.57
CA LEU A 214 7.10 -13.29 -1.67
C LEU A 214 6.57 -12.72 -0.36
N PHE A 215 5.62 -13.40 0.25
CA PHE A 215 4.98 -12.94 1.49
C PHE A 215 4.97 -14.08 2.50
N PRO A 216 6.12 -14.37 3.11
CA PRO A 216 6.18 -15.46 4.11
C PRO A 216 5.72 -15.01 5.49
N GLY A 217 4.43 -14.69 5.59
CA GLY A 217 3.88 -14.25 6.87
C GLY A 217 3.77 -15.40 7.86
N LYS A 218 4.08 -15.10 9.12
CA LYS A 218 4.01 -16.11 10.17
C LYS A 218 2.58 -16.44 10.57
N SER A 219 1.67 -15.48 10.45
CA SER A 219 0.27 -15.69 10.81
C SER A 219 -0.60 -14.87 9.88
N GLU A 220 -1.92 -14.97 10.05
CA GLU A 220 -2.84 -14.19 9.24
C GLU A 220 -2.64 -12.69 9.48
N ILE A 221 -2.44 -12.29 10.74
CA ILE A 221 -2.14 -10.89 11.03
C ILE A 221 -0.83 -10.48 10.38
N ASP A 222 0.20 -11.34 10.49
CA ASP A 222 1.48 -11.04 9.85
C ASP A 222 1.36 -11.05 8.33
N GLN A 223 0.57 -11.97 7.78
CA GLN A 223 0.39 -12.03 6.33
C GLN A 223 -0.24 -10.75 5.80
N ILE A 224 -1.27 -10.25 6.51
CA ILE A 224 -1.90 -8.99 6.10
C ILE A 224 -0.91 -7.84 6.20
N ASN A 225 -0.14 -7.80 7.30
CA ASN A 225 0.82 -6.71 7.49
C ASN A 225 1.92 -6.76 6.45
N LYS A 226 2.39 -7.95 6.09
CA LYS A 226 3.45 -8.07 5.08
C LYS A 226 2.97 -7.56 3.73
N VAL A 227 1.73 -7.91 3.35
CA VAL A 227 1.17 -7.42 2.09
C VAL A 227 1.00 -5.90 2.13
N PHE A 228 0.48 -5.38 3.25
CA PHE A 228 0.22 -3.94 3.35
C PHE A 228 1.51 -3.13 3.39
N LYS A 229 2.58 -3.71 3.95
CA LYS A 229 3.83 -2.96 4.10
C LYS A 229 4.42 -2.58 2.74
N ASP A 230 4.38 -3.49 1.78
CA ASP A 230 4.97 -3.23 0.47
C ASP A 230 3.96 -2.71 -0.54
N LEU A 231 2.77 -3.30 -0.59
CA LEU A 231 1.76 -2.93 -1.56
C LEU A 231 0.88 -1.76 -1.11
N GLY A 232 1.11 -1.24 0.10
CA GLY A 232 0.30 -0.16 0.62
C GLY A 232 -0.94 -0.66 1.33
N THR A 233 -1.62 0.28 2.00
CA THR A 233 -2.84 -0.05 2.73
C THR A 233 -4.05 0.27 1.86
N PRO A 234 -4.82 -0.72 1.44
CA PRO A 234 -5.99 -0.44 0.60
C PRO A 234 -7.07 0.30 1.36
N SER A 235 -7.96 0.93 0.59
CA SER A 235 -9.05 1.73 1.15
C SER A 235 -10.27 1.56 0.26
N GLU A 236 -11.36 2.22 0.67
CA GLU A 236 -12.60 2.15 -0.11
C GLU A 236 -12.43 2.79 -1.48
N LYS A 237 -11.67 3.88 -1.56
CA LYS A 237 -11.44 4.54 -2.85
C LYS A 237 -10.72 3.62 -3.82
N ILE A 238 -9.72 2.88 -3.34
CA ILE A 238 -9.00 1.92 -4.18
C ILE A 238 -9.63 0.54 -4.18
N TRP A 239 -10.65 0.31 -3.36
CA TRP A 239 -11.30 -0.99 -3.26
C TRP A 239 -12.71 -0.82 -2.74
N PRO A 240 -13.71 -0.74 -3.61
CA PRO A 240 -15.11 -0.65 -3.15
C PRO A 240 -15.49 -1.89 -2.36
N GLY A 241 -16.32 -1.68 -1.34
CA GLY A 241 -16.70 -2.75 -0.44
C GLY A 241 -15.74 -3.01 0.69
N TYR A 242 -14.72 -2.17 0.86
CA TYR A 242 -13.76 -2.36 1.94
C TYR A 242 -14.43 -2.21 3.30
N SER A 243 -15.34 -1.24 3.43
CA SER A 243 -16.04 -1.05 4.70
C SER A 243 -16.89 -2.26 5.05
N GLU A 244 -17.57 -2.85 4.05
CA GLU A 244 -18.44 -3.99 4.28
C GLU A 244 -17.68 -5.28 4.58
N LEU A 245 -16.37 -5.29 4.43
CA LEU A 245 -15.59 -6.49 4.69
C LEU A 245 -15.70 -6.86 6.17
N PRO A 246 -15.96 -8.13 6.49
CA PRO A 246 -16.16 -8.50 7.92
C PRO A 246 -14.96 -8.19 8.79
N ALA A 247 -13.74 -8.36 8.29
CA ALA A 247 -12.57 -8.04 9.08
C ALA A 247 -12.42 -6.54 9.28
N VAL A 248 -12.61 -5.76 8.22
CA VAL A 248 -12.45 -4.32 8.31
C VAL A 248 -13.57 -3.67 9.12
N LYS A 249 -14.68 -4.38 9.34
CA LYS A 249 -15.77 -3.81 10.13
C LYS A 249 -15.35 -3.53 11.55
N LYS A 250 -14.58 -4.45 12.15
CA LYS A 250 -14.15 -4.33 13.54
C LYS A 250 -12.63 -4.37 13.65
N MET A 251 -11.94 -3.70 12.72
CA MET A 251 -10.49 -3.67 12.73
C MET A 251 -10.01 -2.45 11.94
N THR A 252 -8.77 -2.05 12.22
CA THR A 252 -8.14 -0.95 11.50
C THR A 252 -6.63 -1.18 11.54
N PHE A 253 -6.04 -1.41 10.39
CA PHE A 253 -4.62 -1.74 10.30
C PHE A 253 -3.79 -0.47 10.14
N SER A 254 -2.48 -0.61 10.37
CA SER A 254 -1.57 0.51 10.23
C SER A 254 -1.47 0.93 8.75
N GLU A 255 -1.47 2.24 8.53
CA GLU A 255 -1.40 2.78 7.18
C GLU A 255 0.05 2.74 6.70
N HIS A 256 0.34 1.92 5.70
CA HIS A 256 1.66 1.84 5.11
C HIS A 256 1.66 2.51 3.75
N PRO A 257 2.29 3.67 3.59
CA PRO A 257 2.31 4.32 2.28
C PRO A 257 3.23 3.59 1.31
N TYR A 258 3.03 3.89 0.03
CA TYR A 258 3.81 3.32 -1.07
C TYR A 258 3.79 1.79 -1.05
N ARG A 262 6.40 -0.25 -2.78
CA ARG A 262 7.77 -0.65 -2.52
C ARG A 262 8.19 -1.80 -3.44
N LYS A 263 9.22 -1.55 -4.25
CA LYS A 263 9.72 -2.51 -5.22
C LYS A 263 10.98 -3.17 -4.67
N ARG A 264 10.94 -4.49 -4.49
CA ARG A 264 12.10 -5.27 -4.05
C ARG A 264 12.86 -5.89 -5.21
N PHE A 265 12.44 -5.63 -6.45
CA PHE A 265 13.05 -6.22 -7.64
C PHE A 265 13.80 -5.18 -8.46
N GLY A 266 14.51 -4.28 -7.78
CA GLY A 266 15.26 -3.23 -8.45
C GLY A 266 16.27 -3.75 -9.45
N ALA A 267 16.24 -3.19 -10.67
CA ALA A 267 17.12 -3.56 -11.76
C ALA A 267 16.99 -5.03 -12.16
N LEU A 268 15.89 -5.68 -11.77
CA LEU A 268 15.64 -7.07 -12.11
C LEU A 268 14.41 -7.26 -12.98
N LEU A 269 13.36 -6.48 -12.75
CA LEU A 269 12.12 -6.60 -13.51
C LEU A 269 11.93 -5.37 -14.39
N SER A 270 11.43 -5.61 -15.60
CA SER A 270 11.24 -4.53 -16.57
C SER A 270 10.09 -3.62 -16.14
N ASP A 271 9.98 -2.49 -16.84
CA ASP A 271 8.89 -1.55 -16.57
C ASP A 271 7.53 -2.20 -16.84
N GLN A 272 7.42 -2.94 -17.95
CA GLN A 272 6.20 -3.67 -18.22
C GLN A 272 6.03 -4.85 -17.27
N GLY A 273 7.14 -5.40 -16.78
CA GLY A 273 7.05 -6.45 -15.77
C GLY A 273 6.41 -5.96 -14.49
N PHE A 274 6.76 -4.74 -14.06
CA PHE A 274 6.12 -4.16 -12.89
C PHE A 274 4.63 -3.93 -13.13
N ASP A 275 4.27 -3.47 -14.32
CA ASP A 275 2.87 -3.24 -14.64
C ASP A 275 2.08 -4.55 -14.62
N LEU A 276 2.66 -5.61 -15.19
CA LEU A 276 1.98 -6.91 -15.16
C LEU A 276 1.83 -7.43 -13.74
N MET A 277 2.87 -7.27 -12.92
CA MET A 277 2.80 -7.72 -11.53
C MET A 277 1.77 -6.91 -10.75
N ASN A 278 1.69 -5.61 -11.01
CA ASN A 278 0.72 -4.77 -10.31
C ASN A 278 -0.71 -5.21 -10.65
N LYS A 279 -0.96 -5.54 -11.91
CA LYS A 279 -2.27 -6.05 -12.29
C LYS A 279 -2.56 -7.39 -11.60
N PHE A 280 -1.54 -8.24 -11.47
CA PHE A 280 -1.71 -9.50 -10.76
C PHE A 280 -2.09 -9.25 -9.30
N LEU A 281 -1.33 -8.40 -8.61
CA LEU A 281 -1.55 -8.13 -7.19
C LEU A 281 -2.39 -6.86 -7.02
N THR A 282 -3.61 -6.90 -7.55
CA THR A 282 -4.55 -5.79 -7.45
C THR A 282 -5.50 -6.06 -6.29
N TYR A 283 -5.64 -5.08 -5.41
CA TYR A 283 -6.49 -5.25 -4.23
C TYR A 283 -7.95 -5.48 -4.62
N PHE A 284 -8.45 -4.71 -5.56
CA PHE A 284 -9.84 -4.87 -6.02
C PHE A 284 -9.95 -6.12 -6.87
N PRO A 285 -10.77 -7.11 -6.48
CA PRO A 285 -10.95 -8.29 -7.33
C PRO A 285 -11.47 -7.96 -8.72
N GLY A 286 -12.33 -6.94 -8.85
CA GLY A 286 -12.81 -6.57 -10.17
C GLY A 286 -11.72 -6.04 -11.07
N ARG A 287 -10.81 -5.24 -10.52
CA ARG A 287 -9.70 -4.70 -11.30
C ARG A 287 -8.54 -5.66 -11.43
N ARG A 288 -8.58 -6.80 -10.75
CA ARG A 288 -7.51 -7.79 -10.87
C ARG A 288 -7.52 -8.39 -12.27
N ILE A 289 -6.32 -8.54 -12.84
CA ILE A 289 -6.20 -9.02 -14.21
C ILE A 289 -6.61 -10.49 -14.29
N SER A 290 -7.29 -10.84 -15.37
CA SER A 290 -7.68 -12.22 -15.60
C SER A 290 -6.51 -13.02 -16.19
N ALA A 291 -6.69 -14.34 -16.24
CA ALA A 291 -5.68 -15.20 -16.82
C ALA A 291 -5.52 -14.92 -18.32
N GLU A 292 -6.63 -14.68 -19.02
CA GLU A 292 -6.56 -14.42 -20.46
C GLU A 292 -5.81 -13.13 -20.74
N ASP A 293 -6.08 -12.07 -19.99
CA ASP A 293 -5.39 -10.80 -20.20
C ASP A 293 -3.93 -10.86 -19.76
N GLY A 294 -3.56 -11.81 -18.90
CA GLY A 294 -2.18 -11.95 -18.50
C GLY A 294 -1.28 -12.36 -19.67
N LEU A 295 -1.74 -13.30 -20.48
CA LEU A 295 -0.97 -13.71 -21.66
C LEU A 295 -0.88 -12.61 -22.70
N LYS A 296 -1.83 -11.68 -22.71
CA LYS A 296 -1.84 -10.59 -23.67
C LYS A 296 -1.01 -9.40 -23.24
N HIS A 297 -0.37 -9.47 -22.07
CA HIS A 297 0.49 -8.40 -21.61
C HIS A 297 1.77 -8.33 -22.45
N GLU A 298 2.25 -7.11 -22.66
CA GLU A 298 3.45 -6.89 -23.47
C GLU A 298 4.72 -7.40 -22.79
N TYR A 299 4.66 -7.73 -21.49
CA TYR A 299 5.85 -8.20 -20.80
C TYR A 299 6.39 -9.49 -21.43
N PHE A 300 5.49 -10.42 -21.76
CA PHE A 300 5.90 -11.64 -22.43
C PHE A 300 6.35 -11.39 -23.88
N ARG A 301 6.08 -10.21 -24.42
CA ARG A 301 6.47 -9.84 -25.78
C ARG A 301 7.47 -8.68 -25.75
N GLU A 302 8.39 -8.72 -24.80
CA GLU A 302 9.37 -7.67 -24.57
C GLU A 302 10.75 -8.12 -25.05
N THR A 303 11.75 -7.29 -24.77
CA THR A 303 13.10 -7.58 -25.25
C THR A 303 13.66 -8.91 -24.76
N PRO A 304 13.52 -9.31 -23.48
CA PRO A 304 13.90 -10.70 -23.12
C PRO A 304 12.80 -11.70 -23.43
N LEU A 305 12.75 -12.14 -24.70
CA LEU A 305 11.68 -13.02 -25.13
C LEU A 305 11.75 -14.37 -24.41
N PRO A 306 10.61 -15.03 -24.22
CA PRO A 306 10.61 -16.32 -23.52
C PRO A 306 11.43 -17.36 -24.27
N ILE A 307 12.05 -18.24 -23.49
CA ILE A 307 12.96 -19.26 -24.01
C ILE A 307 12.15 -20.53 -24.30
N ASP A 308 12.61 -21.28 -25.30
CA ASP A 308 11.94 -22.52 -25.68
C ASP A 308 11.90 -23.48 -24.51
N PRO A 309 10.76 -24.15 -24.27
CA PRO A 309 10.71 -25.14 -23.18
C PRO A 309 11.73 -26.25 -23.35
N SER A 310 11.98 -26.69 -24.59
CA SER A 310 13.00 -27.70 -24.83
C SER A 310 14.40 -27.19 -24.54
N MET A 311 14.59 -25.88 -24.49
CA MET A 311 15.90 -25.28 -24.23
C MET A 311 16.12 -24.98 -22.75
N PHE A 312 15.34 -25.60 -21.87
CA PHE A 312 15.54 -25.39 -20.44
C PHE A 312 16.81 -26.11 -19.98
N PRO A 313 17.59 -25.50 -19.09
CA PRO A 313 18.86 -26.11 -18.68
C PRO A 313 18.68 -27.38 -17.85
N LYS A 314 19.79 -27.99 -17.45
CA LYS A 314 19.75 -29.21 -16.66
C LYS A 314 19.22 -28.92 -15.25
N LEU A 315 18.68 -29.97 -14.62
CA LEU A 315 18.14 -29.86 -13.28
C LEU A 315 19.22 -30.08 -12.23
N GLU B 13 3.77 -55.39 16.20
CA GLU B 13 4.27 -56.56 16.91
C GLU B 13 3.65 -56.67 18.31
N GLU B 14 3.19 -57.86 18.66
CA GLU B 14 2.58 -58.15 19.96
C GLU B 14 1.36 -57.27 20.22
N PHE B 15 0.69 -56.85 19.15
CA PHE B 15 -0.50 -56.01 19.27
C PHE B 15 -1.29 -56.11 17.97
N GLN B 16 -2.52 -56.61 18.06
CA GLN B 16 -3.39 -56.73 16.90
C GLN B 16 -4.28 -55.48 16.82
N CYS B 17 -3.97 -54.59 15.88
CA CYS B 17 -4.73 -53.36 15.75
C CYS B 17 -6.17 -53.64 15.37
N LEU B 18 -7.10 -53.02 16.09
CA LEU B 18 -8.53 -53.19 15.83
C LEU B 18 -9.06 -52.11 14.91
N ASN B 19 -8.95 -50.85 15.31
CA ASN B 19 -9.43 -49.73 14.52
C ASN B 19 -8.80 -48.44 15.05
N ARG B 20 -8.61 -47.49 14.14
CA ARG B 20 -8.10 -46.19 14.52
C ARG B 20 -9.17 -45.41 15.29
N ILE B 21 -8.70 -44.53 16.18
CA ILE B 21 -9.61 -43.74 17.02
C ILE B 21 -9.70 -42.33 16.46
N GLU B 22 -8.58 -41.62 16.44
CA GLU B 22 -8.53 -40.26 15.94
C GLU B 22 -7.09 -39.91 15.59
N GLU B 23 -6.93 -38.92 14.73
CA GLU B 23 -5.62 -38.50 14.24
C GLU B 23 -5.42 -37.01 14.49
N GLY B 24 -4.23 -36.65 14.93
CA GLY B 24 -3.87 -35.26 15.14
C GLY B 24 -2.43 -34.98 14.73
N THR B 25 -2.24 -33.96 13.90
CA THR B 25 -0.93 -33.61 13.35
C THR B 25 -0.40 -34.82 12.60
N TYR B 26 0.78 -35.33 12.91
CA TYR B 26 1.34 -36.50 12.24
C TYR B 26 1.19 -37.78 13.05
N GLY B 27 0.46 -37.74 14.15
CA GLY B 27 0.26 -38.91 14.99
C GLY B 27 -1.09 -39.55 14.78
N VAL B 28 -1.15 -40.86 15.06
CA VAL B 28 -2.37 -41.64 14.92
C VAL B 28 -2.53 -42.52 16.15
N VAL B 29 -3.75 -42.58 16.68
CA VAL B 29 -4.07 -43.36 17.87
C VAL B 29 -5.10 -44.42 17.48
N TYR B 30 -4.83 -45.67 17.84
CA TYR B 30 -5.69 -46.79 17.48
C TYR B 30 -5.83 -47.73 18.67
N ARG B 31 -6.71 -48.71 18.53
CA ARG B 31 -6.94 -49.73 19.53
C ARG B 31 -6.18 -51.01 19.16
N ALA B 32 -5.88 -51.80 20.18
CA ALA B 32 -5.18 -53.07 20.00
C ALA B 32 -5.46 -53.95 21.21
N LYS B 33 -4.92 -55.16 21.19
CA LYS B 33 -5.10 -56.09 22.30
C LYS B 33 -3.97 -57.11 22.29
N ASP B 34 -3.03 -56.97 23.23
CA ASP B 34 -2.07 -58.04 23.46
C ASP B 34 -2.75 -59.23 24.13
N ASP B 38 -4.31 -60.77 26.56
CA ASP B 38 -5.54 -60.43 25.81
C ASP B 38 -6.28 -59.32 26.56
N GLU B 39 -5.81 -58.08 26.45
CA GLU B 39 -6.44 -56.96 27.19
C GLU B 39 -6.72 -55.80 26.23
N ILE B 40 -7.90 -55.20 26.34
CA ILE B 40 -8.22 -54.02 25.50
C ILE B 40 -7.32 -52.86 25.92
N VAL B 41 -6.54 -52.33 24.98
CA VAL B 41 -5.60 -51.25 25.26
C VAL B 41 -5.72 -50.21 24.16
N ALA B 42 -4.92 -49.15 24.27
CA ALA B 42 -4.86 -48.09 23.27
C ALA B 42 -3.41 -47.89 22.85
N LEU B 43 -3.20 -47.71 21.54
CA LEU B 43 -1.86 -47.58 20.97
C LEU B 43 -1.80 -46.34 20.07
N LYS B 44 -0.71 -45.60 20.18
CA LYS B 44 -0.50 -44.40 19.38
C LYS B 44 0.89 -44.45 18.73
N ARG B 45 0.96 -43.99 17.49
CA ARG B 45 2.22 -43.84 16.78
C ARG B 45 2.60 -42.38 16.74
N LEU B 46 3.81 -42.06 17.18
CA LEU B 46 4.24 -40.68 17.34
C LEU B 46 4.50 -40.03 15.98
N LYS B 47 4.63 -38.70 16.01
CA LYS B 47 4.99 -37.96 14.81
C LYS B 47 6.36 -38.40 14.32
N MET B 48 6.45 -38.69 13.02
CA MET B 48 7.66 -39.24 12.42
C MET B 48 8.42 -38.17 11.65
N GLU B 49 9.74 -38.32 11.60
CA GLU B 49 10.62 -37.42 10.88
C GLU B 49 11.24 -38.18 9.71
N LYS B 50 11.19 -37.58 8.52
CA LYS B 50 11.72 -38.23 7.33
C LYS B 50 13.22 -38.42 7.43
N GLU B 51 13.94 -37.37 7.82
CA GLU B 51 15.40 -37.41 7.96
C GLU B 51 15.76 -37.22 9.42
N LYS B 52 16.54 -38.16 9.96
CA LYS B 52 16.95 -38.09 11.36
C LYS B 52 18.35 -38.66 11.49
N GLU B 53 19.22 -37.90 12.15
CA GLU B 53 20.57 -38.36 12.45
C GLU B 53 20.63 -39.26 13.68
N GLY B 54 19.51 -39.41 14.39
CA GLY B 54 19.45 -40.25 15.57
C GLY B 54 18.03 -40.40 16.08
N PHE B 55 17.86 -40.35 17.40
CA PHE B 55 16.52 -40.43 17.97
C PHE B 55 15.75 -39.16 17.63
N PRO B 56 14.48 -39.27 17.24
CA PRO B 56 13.70 -38.09 16.89
C PRO B 56 13.54 -37.15 18.08
N ILE B 57 13.97 -35.90 17.90
CA ILE B 57 13.88 -34.91 18.95
C ILE B 57 12.42 -34.59 19.27
N THR B 58 11.60 -34.44 18.23
CA THR B 58 10.18 -34.14 18.44
C THR B 58 9.48 -35.28 19.19
N SER B 59 9.77 -36.52 18.82
CA SER B 59 9.23 -37.66 19.56
C SER B 59 9.83 -37.74 20.95
N LEU B 60 11.11 -37.37 21.11
CA LEU B 60 11.75 -37.42 22.42
C LEU B 60 11.09 -36.43 23.38
N ARG B 61 10.77 -35.22 22.90
CA ARG B 61 10.17 -34.21 23.76
C ARG B 61 8.84 -34.68 24.33
N GLU B 62 8.02 -35.34 23.50
CA GLU B 62 6.72 -35.81 23.96
C GLU B 62 6.86 -36.88 25.05
N ILE B 63 7.84 -37.77 24.91
CA ILE B 63 8.01 -38.86 25.86
C ILE B 63 8.37 -38.31 27.24
N ASN B 64 9.24 -37.31 27.29
CA ASN B 64 9.65 -36.73 28.58
C ASN B 64 8.46 -36.12 29.31
N THR B 65 7.61 -35.39 28.59
CA THR B 65 6.49 -34.70 29.23
C THR B 65 5.49 -35.69 29.80
N ILE B 66 5.13 -36.71 29.02
CA ILE B 66 4.10 -37.64 29.47
C ILE B 66 4.60 -38.51 30.62
N LEU B 67 5.87 -38.92 30.58
CA LEU B 67 6.42 -39.73 31.65
C LEU B 67 6.46 -38.96 32.97
N LYS B 68 6.90 -37.71 32.93
CA LYS B 68 6.91 -36.89 34.14
C LYS B 68 5.51 -36.48 34.58
N ALA B 69 4.53 -36.61 33.70
CA ALA B 69 3.14 -36.25 34.00
C ALA B 69 2.30 -37.45 34.40
N GLN B 70 2.91 -38.47 35.00
CA GLN B 70 2.15 -39.63 35.45
C GLN B 70 1.36 -39.24 36.70
N HIS B 71 0.04 -39.15 36.55
CA HIS B 71 -0.86 -38.65 37.57
C HIS B 71 -2.10 -39.53 37.60
N PRO B 72 -2.80 -39.60 38.74
CA PRO B 72 -4.10 -40.28 38.74
C PRO B 72 -5.11 -39.68 37.77
N ASN B 73 -5.02 -38.38 37.50
CA ASN B 73 -5.89 -37.71 36.54
C ASN B 73 -5.24 -37.57 35.17
N ILE B 74 -4.21 -38.37 34.89
CA ILE B 74 -3.58 -38.42 33.58
C ILE B 74 -3.43 -39.89 33.19
N VAL B 75 -3.66 -40.20 31.92
CA VAL B 75 -3.70 -41.58 31.46
C VAL B 75 -2.42 -42.30 31.84
N THR B 76 -2.57 -43.52 32.38
CA THR B 76 -1.43 -44.32 32.77
C THR B 76 -0.88 -45.08 31.58
N VAL B 77 0.42 -44.94 31.34
CA VAL B 77 1.08 -45.67 30.27
C VAL B 77 1.60 -46.99 30.81
N ARG B 78 1.84 -47.94 29.90
CA ARG B 78 2.33 -49.25 30.27
C ARG B 78 3.63 -49.63 29.59
N GLU B 79 3.83 -49.25 28.34
CA GLU B 79 5.02 -49.63 27.61
C GLU B 79 5.30 -48.61 26.52
N ILE B 80 6.60 -48.39 26.25
CA ILE B 80 7.05 -47.58 25.14
C ILE B 80 7.91 -48.49 24.25
N VAL B 81 7.55 -48.58 22.98
CA VAL B 81 8.18 -49.51 22.05
C VAL B 81 8.82 -48.73 20.92
N VAL B 82 10.08 -49.04 20.62
CA VAL B 82 10.82 -48.44 19.52
C VAL B 82 11.45 -49.56 18.70
N GLY B 83 11.26 -49.52 17.39
CA GLY B 83 11.80 -50.55 16.53
C GLY B 83 11.78 -50.13 15.09
N SER B 84 12.06 -51.10 14.21
CA SER B 84 12.10 -50.90 12.77
C SER B 84 13.10 -49.81 12.40
N ASN B 85 14.36 -50.04 12.78
CA ASN B 85 15.44 -49.09 12.55
C ASN B 85 15.14 -47.72 13.16
N MET B 86 14.45 -47.72 14.30
CA MET B 86 14.05 -46.52 15.03
C MET B 86 13.10 -45.62 14.25
N ASP B 87 12.64 -46.07 13.07
CA ASP B 87 11.77 -45.23 12.25
C ASP B 87 10.39 -45.10 12.88
N LYS B 88 9.81 -46.22 13.32
CA LYS B 88 8.47 -46.23 13.88
C LYS B 88 8.55 -46.37 15.40
N ILE B 89 7.93 -45.43 16.11
CA ILE B 89 7.92 -45.41 17.57
C ILE B 89 6.48 -45.34 18.04
N TYR B 90 6.12 -46.20 18.99
CA TYR B 90 4.75 -46.29 19.49
C TYR B 90 4.75 -46.12 21.01
N ILE B 91 3.58 -45.76 21.54
CA ILE B 91 3.37 -45.59 22.98
C ILE B 91 2.13 -46.37 23.37
N VAL B 92 2.29 -47.29 24.33
CA VAL B 92 1.20 -48.13 24.81
C VAL B 92 0.64 -47.54 26.09
N MET B 93 -0.69 -47.46 26.17
CA MET B 93 -1.35 -46.81 27.29
C MET B 93 -2.68 -47.49 27.55
N ASN B 94 -3.19 -47.31 28.77
CA ASN B 94 -4.47 -47.90 29.15
C ASN B 94 -5.60 -47.28 28.36
N TYR B 95 -6.59 -48.10 27.99
CA TYR B 95 -7.69 -47.66 27.15
C TYR B 95 -8.75 -46.97 27.98
N VAL B 96 -9.15 -45.77 27.55
CA VAL B 96 -10.21 -45.01 28.21
C VAL B 96 -11.48 -45.20 27.40
N GLU B 97 -12.63 -45.21 28.11
CA GLU B 97 -13.88 -45.57 27.48
C GLU B 97 -14.37 -44.48 26.51
N HIS B 98 -14.36 -43.22 26.95
CA HIS B 98 -14.90 -42.14 26.15
C HIS B 98 -14.01 -40.91 26.23
N ASP B 99 -14.27 -39.96 25.33
CA ASP B 99 -13.65 -38.65 25.35
C ASP B 99 -14.73 -37.58 25.43
N LEU B 100 -14.37 -36.41 25.97
CA LEU B 100 -15.35 -35.38 26.28
C LEU B 100 -16.00 -34.82 25.02
N LYS B 101 -15.20 -34.58 23.96
CA LYS B 101 -15.73 -33.96 22.76
C LYS B 101 -16.82 -34.81 22.12
N SER B 102 -16.60 -36.12 22.03
CA SER B 102 -17.62 -37.00 21.50
C SER B 102 -18.86 -37.03 22.38
N LEU B 103 -18.68 -36.86 23.69
CA LEU B 103 -19.83 -36.81 24.60
C LEU B 103 -20.68 -35.57 24.37
N MET B 104 -20.06 -34.46 23.97
CA MET B 104 -20.81 -33.23 23.71
C MET B 104 -21.81 -33.43 22.58
N GLU B 105 -21.38 -34.06 21.48
CA GLU B 105 -22.23 -34.24 20.32
C GLU B 105 -23.17 -35.44 20.44
N THR B 106 -23.02 -36.26 21.47
CA THR B 106 -23.89 -37.41 21.69
C THR B 106 -24.86 -37.23 22.83
N MET B 107 -24.48 -36.52 23.90
CA MET B 107 -25.40 -36.28 25.00
C MET B 107 -26.48 -35.29 24.60
N LYS B 108 -27.69 -35.53 25.07
CA LYS B 108 -28.80 -34.61 24.83
C LYS B 108 -28.84 -33.48 25.86
N GLN B 109 -28.49 -33.78 27.11
CA GLN B 109 -28.47 -32.81 28.18
C GLN B 109 -27.05 -32.67 28.71
N PRO B 110 -26.55 -31.45 28.91
CA PRO B 110 -25.17 -31.28 29.39
C PRO B 110 -25.01 -31.81 30.81
N PHE B 111 -23.75 -31.85 31.23
CA PHE B 111 -23.43 -32.36 32.56
C PHE B 111 -24.05 -31.49 33.65
N LEU B 112 -24.36 -32.11 34.78
CA LEU B 112 -24.90 -31.38 35.90
C LEU B 112 -23.85 -30.43 36.48
N PRO B 113 -24.26 -29.33 37.09
CA PRO B 113 -23.27 -28.39 37.65
C PRO B 113 -22.33 -29.04 38.65
N GLY B 114 -22.83 -29.96 39.48
CA GLY B 114 -21.95 -30.70 40.35
C GLY B 114 -21.00 -31.60 39.58
N GLU B 115 -21.51 -32.24 38.52
CA GLU B 115 -20.64 -33.03 37.64
C GLU B 115 -19.60 -32.15 36.96
N VAL B 116 -20.00 -30.95 36.52
CA VAL B 116 -19.06 -30.03 35.90
C VAL B 116 -17.97 -29.64 36.89
N LYS B 117 -18.36 -29.36 38.13
CA LYS B 117 -17.38 -29.02 39.16
C LYS B 117 -16.44 -30.18 39.41
N THR B 118 -16.96 -31.41 39.46
CA THR B 118 -16.11 -32.57 39.64
C THR B 118 -15.14 -32.75 38.49
N LEU B 119 -15.62 -32.57 37.26
CA LEU B 119 -14.74 -32.68 36.10
C LEU B 119 -13.66 -31.61 36.11
N MET B 120 -14.01 -30.38 36.48
CA MET B 120 -13.03 -29.31 36.56
C MET B 120 -12.00 -29.59 37.65
N ILE B 121 -12.43 -30.18 38.77
CA ILE B 121 -11.49 -30.53 39.84
C ILE B 121 -10.46 -31.54 39.33
N GLN B 122 -10.92 -32.56 38.62
CA GLN B 122 -10.00 -33.55 38.05
C GLN B 122 -9.08 -32.91 37.02
N LEU B 123 -9.61 -32.02 36.19
CA LEU B 123 -8.79 -31.35 35.18
C LEU B 123 -7.75 -30.45 35.83
N LEU B 124 -8.18 -29.62 36.80
CA LEU B 124 -7.25 -28.68 37.42
C LEU B 124 -6.18 -29.39 38.25
N ARG B 125 -6.53 -30.55 38.83
CA ARG B 125 -5.52 -31.32 39.56
C ARG B 125 -4.42 -31.81 38.62
N GLY B 126 -4.79 -32.29 37.44
CA GLY B 126 -3.79 -32.69 36.47
C GLY B 126 -2.99 -31.53 35.92
N VAL B 127 -3.66 -30.38 35.71
CA VAL B 127 -2.97 -29.21 35.19
C VAL B 127 -1.94 -28.70 36.20
N LYS B 128 -2.31 -28.65 37.48
CA LYS B 128 -1.37 -28.21 38.50
C LYS B 128 -0.17 -29.15 38.58
N HIS B 129 -0.40 -30.46 38.42
CA HIS B 129 0.70 -31.41 38.41
C HIS B 129 1.68 -31.12 37.27
N LEU B 130 1.14 -30.78 36.09
CA LEU B 130 2.01 -30.44 34.96
C LEU B 130 2.86 -29.22 35.26
N HIS B 131 2.24 -28.14 35.75
CA HIS B 131 2.96 -26.90 35.98
C HIS B 131 3.93 -27.02 37.15
N ASP B 132 3.60 -27.82 38.16
CA ASP B 132 4.53 -28.05 39.25
C ASP B 132 5.78 -28.78 38.78
N ASN B 133 5.67 -29.56 37.71
CA ASN B 133 6.80 -30.30 37.15
C ASN B 133 7.38 -29.64 35.90
N TRP B 134 7.16 -28.34 35.73
CA TRP B 134 7.76 -27.57 34.63
C TRP B 134 7.38 -28.15 33.27
N ILE B 135 6.08 -28.34 33.05
CA ILE B 135 5.56 -28.91 31.82
C ILE B 135 4.45 -28.02 31.28
N LEU B 136 4.52 -27.68 30.00
CA LEU B 136 3.46 -26.99 29.30
C LEU B 136 2.85 -27.94 28.26
N HIS B 137 1.52 -28.01 28.24
CA HIS B 137 0.83 -28.92 27.34
C HIS B 137 0.54 -28.29 25.99
N ARG B 138 -0.03 -27.08 25.99
CA ARG B 138 -0.27 -26.25 24.82
C ARG B 138 -1.27 -26.84 23.83
N ASP B 139 -1.97 -27.91 24.21
CA ASP B 139 -3.01 -28.47 23.33
C ASP B 139 -4.22 -28.92 24.16
N LEU B 140 -4.62 -28.11 25.14
CA LEU B 140 -5.77 -28.49 25.96
C LEU B 140 -7.06 -28.37 25.16
N LYS B 141 -7.78 -29.49 25.03
CA LYS B 141 -8.96 -29.54 24.20
C LYS B 141 -9.95 -30.54 24.79
N THR B 142 -11.22 -30.39 24.41
CA THR B 142 -12.24 -31.36 24.80
C THR B 142 -11.96 -32.72 24.18
N SER B 143 -11.51 -32.74 22.92
CA SER B 143 -11.13 -34.01 22.28
C SER B 143 -9.87 -34.59 22.88
N ASN B 144 -9.08 -33.79 23.59
CA ASN B 144 -7.88 -34.28 24.26
C ASN B 144 -8.14 -34.71 25.70
N LEU B 145 -9.37 -34.60 26.18
CA LEU B 145 -9.72 -34.99 27.54
C LEU B 145 -10.49 -36.31 27.49
N LEU B 146 -10.04 -37.28 28.27
CA LEU B 146 -10.61 -38.62 28.29
C LEU B 146 -11.26 -38.88 29.64
N LEU B 147 -12.51 -39.34 29.60
CA LEU B 147 -13.27 -39.64 30.80
C LEU B 147 -13.55 -41.13 30.87
N SER B 148 -13.19 -41.76 32.00
CA SER B 148 -13.42 -43.18 32.18
C SER B 148 -14.86 -43.45 32.59
N HIS B 149 -15.22 -44.73 32.60
CA HIS B 149 -16.56 -45.13 33.01
C HIS B 149 -16.81 -44.83 34.49
N ALA B 150 -15.77 -44.72 35.30
CA ALA B 150 -15.89 -44.42 36.72
C ALA B 150 -15.84 -42.93 37.01
N GLY B 151 -15.99 -42.08 36.00
CA GLY B 151 -15.94 -40.66 36.19
C GLY B 151 -14.55 -40.08 36.33
N ILE B 152 -13.52 -40.83 35.98
CA ILE B 152 -12.13 -40.38 36.10
C ILE B 152 -11.74 -39.67 34.82
N LEU B 153 -11.30 -38.42 34.94
CA LEU B 153 -10.89 -37.61 33.80
C LEU B 153 -9.37 -37.68 33.64
N LYS B 154 -8.91 -37.97 32.42
CA LYS B 154 -7.50 -38.09 32.14
C LYS B 154 -7.15 -37.31 30.88
N VAL B 155 -5.93 -36.78 30.85
CA VAL B 155 -5.43 -36.04 29.69
C VAL B 155 -4.93 -37.02 28.64
N GLY B 156 -5.34 -36.82 27.39
CA GLY B 156 -5.07 -37.79 26.36
C GLY B 156 -3.72 -37.73 25.67
N ASP B 157 -3.38 -36.58 25.07
CA ASP B 157 -2.23 -36.47 24.18
C ASP B 157 -1.31 -35.36 24.66
N PHE B 158 -0.02 -35.52 24.36
CA PHE B 158 1.03 -34.56 24.68
C PHE B 158 1.83 -34.22 23.44
N GLY B 159 1.17 -34.19 22.27
CA GLY B 159 1.89 -33.92 21.03
C GLY B 159 2.52 -32.54 21.00
N LEU B 160 1.82 -31.54 21.53
CA LEU B 160 2.32 -30.17 21.58
C LEU B 160 2.96 -29.84 22.92
N ALA B 161 3.16 -30.83 23.78
CA ALA B 161 3.74 -30.59 25.09
C ALA B 161 5.18 -30.12 25.00
N ARG B 162 5.60 -29.33 25.98
CA ARG B 162 6.94 -28.77 26.01
C ARG B 162 7.35 -28.54 27.46
N GLU B 163 8.63 -28.23 27.65
CA GLU B 163 9.18 -27.93 28.97
C GLU B 163 9.67 -26.50 29.01
N TYR B 164 9.59 -25.90 30.20
CA TYR B 164 10.04 -24.52 30.41
C TYR B 164 10.83 -24.45 31.71
N GLY B 165 11.71 -23.45 31.79
CA GLY B 165 12.55 -23.27 32.95
C GLY B 165 12.28 -21.93 33.64
N SER B 166 12.96 -21.74 34.78
CA SER B 166 12.82 -20.49 35.51
C SER B 166 13.26 -19.27 34.69
N PRO B 167 14.41 -19.28 34.00
CA PRO B 167 14.69 -18.20 33.04
C PRO B 167 13.87 -18.39 31.78
N LEU B 168 12.83 -17.57 31.63
CA LEU B 168 11.90 -17.75 30.53
C LEU B 168 12.56 -17.39 29.20
N LYS B 169 12.40 -18.27 28.23
CA LYS B 169 12.95 -18.08 26.88
C LYS B 169 11.83 -18.18 25.86
N ALA B 170 12.19 -18.03 24.59
CA ALA B 170 11.21 -18.09 23.51
C ALA B 170 10.90 -19.54 23.15
N TYR B 171 9.62 -19.83 22.99
CA TYR B 171 9.16 -21.16 22.60
C TYR B 171 8.41 -21.08 21.28
N TPO B 172 7.73 -22.17 20.92
CA TPO B 172 6.99 -22.22 19.65
CB TPO B 172 6.57 -23.66 19.34
CG2 TPO B 172 5.55 -23.67 18.20
OG1 TPO B 172 7.72 -24.41 18.92
P TPO B 172 8.15 -25.40 20.11
O1P TPO B 172 9.66 -25.92 19.83
O2P TPO B 172 7.15 -26.66 20.15
O3P TPO B 172 8.10 -24.70 21.40
C TPO B 172 5.77 -21.31 19.69
O TPO B 172 4.84 -21.53 20.46
N PRO B 173 5.79 -20.24 18.87
CA PRO B 173 4.80 -19.16 18.89
C PRO B 173 3.39 -19.59 18.53
N VAL B 174 3.24 -20.44 17.52
CA VAL B 174 1.93 -20.84 17.01
C VAL B 174 1.64 -22.23 17.58
N VAL B 175 0.93 -22.25 18.70
CA VAL B 175 0.47 -23.49 19.33
C VAL B 175 -0.99 -23.29 19.76
N VAL B 176 -1.58 -24.34 20.31
CA VAL B 176 -2.96 -24.39 20.78
C VAL B 176 -3.93 -24.21 19.62
N THR B 177 -4.98 -25.03 19.59
CA THR B 177 -5.99 -24.90 18.56
C THR B 177 -6.65 -23.53 18.66
N LEU B 178 -6.97 -22.95 17.49
CA LEU B 178 -7.40 -21.56 17.41
C LEU B 178 -8.59 -21.27 18.32
N TRP B 179 -9.49 -22.24 18.49
CA TRP B 179 -10.67 -22.02 19.33
C TRP B 179 -10.29 -21.76 20.78
N TYR B 180 -9.34 -22.54 21.31
CA TYR B 180 -8.95 -22.46 22.72
C TYR B 180 -7.63 -21.72 22.92
N ARG B 181 -7.16 -21.00 21.90
CA ARG B 181 -5.85 -20.34 21.96
C ARG B 181 -5.92 -19.08 22.80
N ALA B 182 -4.86 -18.83 23.57
CA ALA B 182 -4.81 -17.70 24.47
C ALA B 182 -4.68 -16.39 23.70
N PRO B 183 -5.19 -15.28 24.25
CA PRO B 183 -5.07 -13.99 23.54
C PRO B 183 -3.63 -13.56 23.29
N GLU B 184 -2.71 -13.85 24.21
CA GLU B 184 -1.31 -13.48 23.99
C GLU B 184 -0.74 -14.22 22.78
N LEU B 185 -1.04 -15.50 22.65
CA LEU B 185 -0.62 -16.25 21.46
C LEU B 185 -1.32 -15.74 20.21
N LEU B 186 -2.59 -15.32 20.34
CA LEU B 186 -3.30 -14.72 19.21
C LEU B 186 -2.62 -13.44 18.75
N LEU B 187 -1.99 -12.71 19.67
CA LEU B 187 -1.37 -11.43 19.36
C LEU B 187 0.13 -11.55 19.12
N GLY B 188 0.61 -12.76 18.86
CA GLY B 188 2.02 -12.96 18.54
C GLY B 188 2.98 -12.65 19.68
N ALA B 189 2.65 -13.09 20.89
CA ALA B 189 3.54 -12.88 22.03
C ALA B 189 4.81 -13.70 21.87
N LYS B 190 5.96 -13.08 22.13
CA LYS B 190 7.22 -13.77 22.00
C LYS B 190 7.41 -14.82 23.09
N GLU B 191 7.06 -14.47 24.34
CA GLU B 191 7.24 -15.35 25.49
C GLU B 191 5.91 -15.60 26.17
N TYR B 192 5.68 -16.86 26.53
CA TYR B 192 4.43 -17.29 27.14
C TYR B 192 4.71 -18.51 28.01
N SER B 193 4.01 -18.61 29.14
CA SER B 193 4.20 -19.74 30.04
C SER B 193 3.05 -19.81 31.04
N THR B 194 2.41 -20.98 31.10
CA THR B 194 1.51 -21.37 32.19
C THR B 194 0.19 -20.60 32.13
N ALA B 195 0.12 -19.57 31.28
CA ALA B 195 -1.10 -18.78 31.14
C ALA B 195 -1.93 -19.19 29.94
N VAL B 196 -1.30 -19.67 28.86
CA VAL B 196 -2.05 -20.11 27.70
C VAL B 196 -2.90 -21.33 28.04
N ASP B 197 -2.32 -22.30 28.77
CA ASP B 197 -3.08 -23.47 29.17
C ASP B 197 -4.22 -23.10 30.11
N MET B 198 -3.96 -22.19 31.06
CA MET B 198 -5.01 -21.78 31.99
C MET B 198 -6.12 -21.03 31.28
N TRP B 199 -5.79 -20.25 30.25
CA TRP B 199 -6.84 -19.67 29.42
C TRP B 199 -7.65 -20.75 28.72
N SER B 200 -6.97 -21.80 28.23
CA SER B 200 -7.66 -22.90 27.60
C SER B 200 -8.60 -23.60 28.58
N VAL B 201 -8.25 -23.62 29.87
CA VAL B 201 -9.17 -24.14 30.87
C VAL B 201 -10.44 -23.31 30.92
N GLY B 202 -10.30 -21.99 30.86
CA GLY B 202 -11.47 -21.13 30.81
C GLY B 202 -12.30 -21.34 29.56
N CYS B 203 -11.64 -21.51 28.41
CA CYS B 203 -12.36 -21.80 27.18
C CYS B 203 -13.09 -23.14 27.28
N ILE B 204 -12.46 -24.14 27.89
CA ILE B 204 -13.11 -25.43 28.11
C ILE B 204 -14.28 -25.28 29.05
N PHE B 205 -14.11 -24.49 30.12
CA PHE B 205 -15.14 -24.34 31.15
C PHE B 205 -16.47 -23.92 30.54
N GLY B 206 -16.46 -23.03 29.56
CA GLY B 206 -17.70 -22.63 28.90
C GLY B 206 -18.36 -23.78 28.17
N GLU B 207 -17.55 -24.68 27.59
CA GLU B 207 -18.10 -25.77 26.81
C GLU B 207 -18.83 -26.80 27.68
N LEU B 208 -18.39 -26.99 28.92
CA LEU B 208 -19.09 -27.91 29.81
C LEU B 208 -20.46 -27.40 30.21
N LEU B 209 -20.67 -26.08 30.19
CA LEU B 209 -21.97 -25.53 30.59
C LEU B 209 -22.95 -25.52 29.43
N THR B 210 -22.49 -25.17 28.23
CA THR B 210 -23.36 -25.04 27.06
C THR B 210 -23.37 -26.27 26.16
N GLN B 211 -22.53 -27.26 26.43
CA GLN B 211 -22.32 -28.43 25.57
C GLN B 211 -21.82 -28.05 24.18
N LYS B 212 -21.43 -26.79 23.98
CA LYS B 212 -20.97 -26.25 22.71
C LYS B 212 -19.69 -25.46 22.94
N PRO B 213 -18.83 -25.36 21.93
CA PRO B 213 -17.58 -24.60 22.10
C PRO B 213 -17.85 -23.15 22.47
N LEU B 214 -17.01 -22.62 23.37
CA LEU B 214 -17.20 -21.26 23.86
C LEU B 214 -16.85 -20.23 22.80
N PHE B 215 -15.74 -20.42 22.09
CA PHE B 215 -15.25 -19.47 21.09
C PHE B 215 -15.00 -20.21 19.79
N PRO B 216 -16.05 -20.48 19.01
CA PRO B 216 -15.89 -21.19 17.74
C PRO B 216 -15.51 -20.26 16.58
N GLY B 217 -14.33 -19.65 16.69
CA GLY B 217 -13.87 -18.75 15.65
C GLY B 217 -13.51 -19.49 14.37
N LYS B 218 -13.81 -18.86 13.24
CA LYS B 218 -13.54 -19.46 11.94
C LYS B 218 -12.16 -19.11 11.39
N SER B 219 -11.52 -18.07 11.92
CA SER B 219 -10.20 -17.67 11.47
C SER B 219 -9.52 -16.90 12.58
N GLU B 220 -8.22 -16.62 12.38
CA GLU B 220 -7.46 -15.88 13.39
C GLU B 220 -8.05 -14.50 13.62
N ILE B 221 -8.46 -13.82 12.54
CA ILE B 221 -9.14 -12.54 12.69
C ILE B 221 -10.51 -12.73 13.34
N ASP B 222 -11.24 -13.76 12.92
CA ASP B 222 -12.58 -14.01 13.48
C ASP B 222 -12.51 -14.47 14.92
N GLN B 223 -11.44 -15.18 15.30
CA GLN B 223 -11.31 -15.64 16.68
C GLN B 223 -11.20 -14.47 17.65
N ILE B 224 -10.49 -13.42 17.25
CA ILE B 224 -10.33 -12.25 18.11
C ILE B 224 -11.65 -11.53 18.31
N ASN B 225 -12.44 -11.40 17.24
CA ASN B 225 -13.69 -10.63 17.33
C ASN B 225 -14.67 -11.27 18.30
N LYS B 226 -14.76 -12.60 18.29
CA LYS B 226 -15.68 -13.29 19.20
C LYS B 226 -15.29 -13.05 20.66
N VAL B 227 -14.00 -13.12 20.96
CA VAL B 227 -13.54 -12.87 22.33
C VAL B 227 -13.77 -11.40 22.71
N PHE B 228 -13.45 -10.48 21.80
CA PHE B 228 -13.51 -9.06 22.14
C PHE B 228 -14.93 -8.54 22.22
N LYS B 229 -15.87 -9.18 21.49
CA LYS B 229 -17.25 -8.71 21.50
C LYS B 229 -17.89 -8.90 22.87
N ASP B 230 -17.58 -10.00 23.54
CA ASP B 230 -18.20 -10.34 24.83
C ASP B 230 -17.33 -9.98 26.01
N LEU B 231 -16.06 -10.42 26.02
CA LEU B 231 -15.16 -10.13 27.13
C LEU B 231 -14.77 -8.65 27.20
N GLY B 232 -15.04 -7.88 26.15
CA GLY B 232 -14.63 -6.50 26.10
C GLY B 232 -13.31 -6.30 25.38
N THR B 233 -13.05 -5.04 25.03
CA THR B 233 -11.81 -4.69 24.37
C THR B 233 -10.79 -4.24 25.40
N PRO B 234 -9.68 -4.95 25.59
CA PRO B 234 -8.70 -4.56 26.59
C PRO B 234 -7.95 -3.30 26.16
N SER B 235 -7.13 -2.80 27.09
CA SER B 235 -6.34 -1.61 26.86
C SER B 235 -5.04 -1.73 27.65
N GLU B 236 -4.22 -0.67 27.60
CA GLU B 236 -2.99 -0.66 28.36
C GLU B 236 -3.27 -0.67 29.86
N LYS B 237 -4.31 0.05 30.30
CA LYS B 237 -4.68 0.03 31.71
C LYS B 237 -5.12 -1.36 32.14
N ILE B 238 -5.92 -2.05 31.31
CA ILE B 238 -6.35 -3.41 31.62
C ILE B 238 -5.32 -4.45 31.26
N TRP B 239 -4.27 -4.07 30.52
CA TRP B 239 -3.21 -4.99 30.14
C TRP B 239 -1.91 -4.21 29.89
N PRO B 240 -1.05 -4.08 30.89
CA PRO B 240 0.26 -3.47 30.66
C PRO B 240 1.04 -4.22 29.59
N GLY B 241 1.75 -3.47 28.76
CA GLY B 241 2.42 -4.05 27.61
C GLY B 241 1.53 -4.31 26.43
N TYR B 242 0.32 -3.74 26.41
CA TYR B 242 -0.60 -3.96 25.29
C TYR B 242 -0.02 -3.39 24.00
N SER B 243 0.56 -2.20 24.06
CA SER B 243 1.14 -1.60 22.86
C SER B 243 2.38 -2.34 22.39
N GLU B 244 3.17 -2.88 23.32
CA GLU B 244 4.39 -3.58 22.97
C GLU B 244 4.15 -4.89 22.23
N LEU B 245 2.92 -5.41 22.24
CA LEU B 245 2.64 -6.64 21.54
C LEU B 245 2.71 -6.42 20.03
N PRO B 246 3.30 -7.34 19.27
CA PRO B 246 3.47 -7.12 17.83
C PRO B 246 2.17 -6.91 17.07
N ALA B 247 1.11 -7.63 17.45
CA ALA B 247 -0.15 -7.51 16.72
C ALA B 247 -0.79 -6.15 16.93
N VAL B 248 -0.88 -5.70 18.19
CA VAL B 248 -1.47 -4.40 18.49
C VAL B 248 -0.56 -3.24 18.09
N LYS B 249 0.71 -3.51 17.79
CA LYS B 249 1.62 -2.45 17.40
C LYS B 249 1.24 -1.83 16.07
N LYS B 250 0.54 -2.58 15.21
CA LYS B 250 0.12 -2.09 13.90
C LYS B 250 -1.31 -2.49 13.62
N MET B 251 -2.18 -2.37 14.62
CA MET B 251 -3.57 -2.77 14.46
C MET B 251 -4.42 -2.12 15.54
N THR B 252 -5.69 -1.87 15.19
CA THR B 252 -6.67 -1.33 16.13
C THR B 252 -8.00 -2.04 15.87
N PHE B 253 -8.78 -2.19 16.93
CA PHE B 253 -10.02 -2.95 16.87
C PHE B 253 -11.17 -2.11 17.40
N SER B 254 -12.39 -2.51 17.05
CA SER B 254 -13.57 -1.84 17.56
C SER B 254 -13.62 -1.96 19.08
N GLU B 255 -13.81 -0.84 19.75
CA GLU B 255 -13.88 -0.83 21.21
C GLU B 255 -15.28 -1.30 21.61
N HIS B 256 -15.40 -2.59 21.93
CA HIS B 256 -16.63 -3.17 22.46
C HIS B 256 -16.47 -3.37 23.97
N PRO B 257 -16.98 -2.46 24.83
CA PRO B 257 -16.82 -2.67 26.28
C PRO B 257 -17.57 -3.87 26.84
N TYR B 258 -17.48 -4.07 28.15
CA TYR B 258 -18.19 -5.11 28.87
C TYR B 258 -17.87 -6.50 28.35
N ARG B 262 -20.30 -9.13 28.64
CA ARG B 262 -21.45 -9.91 28.23
C ARG B 262 -21.40 -11.32 28.81
N LYS B 263 -22.55 -11.80 29.30
CA LYS B 263 -22.67 -13.14 29.88
C LYS B 263 -23.74 -13.91 29.13
N ARG B 264 -23.36 -15.06 28.57
CA ARG B 264 -24.27 -15.93 27.84
C ARG B 264 -24.65 -17.16 28.65
N PHE B 265 -24.45 -17.12 29.97
CA PHE B 265 -24.71 -18.25 30.85
C PHE B 265 -25.78 -17.89 31.87
N GLY B 266 -26.85 -17.24 31.41
CA GLY B 266 -27.91 -16.80 32.30
C GLY B 266 -28.58 -17.93 33.04
N ALA B 267 -28.59 -17.82 34.38
CA ALA B 267 -29.27 -18.77 35.26
C ALA B 267 -28.62 -20.14 35.24
N LEU B 268 -27.56 -20.30 34.44
CA LEU B 268 -26.79 -21.53 34.41
C LEU B 268 -25.45 -21.41 35.14
N LEU B 269 -25.02 -20.19 35.43
CA LEU B 269 -23.78 -19.94 36.16
C LEU B 269 -24.09 -19.02 37.33
N SER B 270 -23.62 -19.37 38.52
CA SER B 270 -23.83 -18.54 39.69
C SER B 270 -22.95 -17.30 39.62
N ASP B 271 -23.20 -16.37 40.55
CA ASP B 271 -22.40 -15.15 40.60
C ASP B 271 -20.94 -15.47 40.88
N GLN B 272 -20.68 -16.41 41.80
CA GLN B 272 -19.31 -16.85 42.03
C GLN B 272 -18.75 -17.61 40.84
N GLY B 273 -19.62 -18.25 40.04
CA GLY B 273 -19.15 -18.93 38.85
C GLY B 273 -18.59 -17.97 37.82
N PHE B 274 -19.24 -16.82 37.64
CA PHE B 274 -18.74 -15.81 36.70
C PHE B 274 -17.39 -15.25 37.15
N ASP B 275 -17.19 -15.12 38.46
CA ASP B 275 -15.92 -14.61 38.96
C ASP B 275 -14.77 -15.55 38.61
N LEU B 276 -14.98 -16.86 38.76
CA LEU B 276 -13.92 -17.82 38.46
C LEU B 276 -13.56 -17.80 36.98
N MET B 277 -14.56 -17.70 36.10
CA MET B 277 -14.28 -17.66 34.67
C MET B 277 -13.54 -16.38 34.29
N ASN B 278 -13.89 -15.25 34.92
CA ASN B 278 -13.13 -14.03 34.70
C ASN B 278 -11.68 -14.19 35.13
N LYS B 279 -11.46 -14.87 36.26
CA LYS B 279 -10.10 -15.22 36.65
C LYS B 279 -9.48 -16.17 35.64
N PHE B 280 -10.25 -17.14 35.14
CA PHE B 280 -9.76 -18.02 34.09
C PHE B 280 -9.48 -17.23 32.81
N LEU B 281 -10.47 -16.47 32.35
CA LEU B 281 -10.33 -15.69 31.11
C LEU B 281 -9.90 -14.25 31.42
N THR B 282 -8.81 -14.11 32.14
CA THR B 282 -8.25 -12.80 32.44
C THR B 282 -7.30 -12.39 31.31
N TYR B 283 -7.46 -11.16 30.82
CA TYR B 283 -6.65 -10.70 29.70
C TYR B 283 -5.17 -10.69 30.05
N PHE B 284 -4.82 -10.20 31.24
CA PHE B 284 -3.43 -10.14 31.65
C PHE B 284 -2.96 -11.52 32.08
N PRO B 285 -1.92 -12.08 31.48
CA PRO B 285 -1.46 -13.42 31.89
C PRO B 285 -1.02 -13.50 33.35
N GLY B 286 -0.41 -12.43 33.87
CA GLY B 286 0.00 -12.44 35.27
C GLY B 286 -1.18 -12.47 36.22
N ARG B 287 -2.20 -11.67 35.96
CA ARG B 287 -3.40 -11.65 36.78
C ARG B 287 -4.28 -12.87 36.56
N ARG B 288 -4.00 -13.68 35.54
CA ARG B 288 -4.79 -14.88 35.30
C ARG B 288 -4.60 -15.88 36.43
N ILE B 289 -5.69 -16.52 36.83
CA ILE B 289 -5.66 -17.44 37.95
C ILE B 289 -4.82 -18.67 37.60
N SER B 290 -4.13 -19.20 38.60
CA SER B 290 -3.31 -20.39 38.41
C SER B 290 -4.16 -21.65 38.64
N ALA B 291 -3.53 -22.81 38.43
CA ALA B 291 -4.25 -24.07 38.61
C ALA B 291 -4.56 -24.33 40.08
N GLU B 292 -3.58 -24.09 40.96
CA GLU B 292 -3.80 -24.34 42.38
C GLU B 292 -4.78 -23.34 42.97
N ASP B 293 -4.75 -22.08 42.50
CA ASP B 293 -5.69 -21.09 43.01
C ASP B 293 -7.11 -21.35 42.51
N GLY B 294 -7.24 -22.02 41.35
CA GLY B 294 -8.57 -22.39 40.88
C GLY B 294 -9.25 -23.37 41.81
N LEU B 295 -8.50 -24.34 42.33
CA LEU B 295 -9.07 -25.31 43.27
C LEU B 295 -9.50 -24.62 44.56
N LYS B 296 -8.71 -23.65 45.03
CA LYS B 296 -9.02 -22.91 46.25
C LYS B 296 -10.03 -21.79 45.97
N HIS B 297 -11.18 -22.18 45.42
CA HIS B 297 -12.22 -21.24 45.05
C HIS B 297 -13.55 -21.66 45.69
N GLU B 298 -14.34 -20.67 46.07
CA GLU B 298 -15.62 -20.92 46.74
C GLU B 298 -16.68 -21.48 45.79
N TYR B 299 -16.46 -21.41 44.47
CA TYR B 299 -17.42 -21.97 43.53
C TYR B 299 -17.56 -23.47 43.71
N PHE B 300 -16.45 -24.16 43.95
CA PHE B 300 -16.49 -25.59 44.23
C PHE B 300 -17.10 -25.89 45.59
N ARG B 301 -17.32 -24.87 46.43
CA ARG B 301 -17.95 -25.02 47.73
C ARG B 301 -19.28 -24.28 47.78
N GLU B 302 -19.93 -24.11 46.63
CA GLU B 302 -21.18 -23.36 46.54
C GLU B 302 -22.38 -24.30 46.69
N THR B 303 -23.59 -23.77 46.51
CA THR B 303 -24.79 -24.54 46.77
C THR B 303 -24.88 -25.80 45.93
N PRO B 304 -24.63 -25.80 44.60
CA PRO B 304 -24.51 -27.07 43.89
C PRO B 304 -23.16 -27.72 44.17
N LEU B 305 -23.12 -28.75 45.02
CA LEU B 305 -21.84 -29.31 45.37
C LEU B 305 -21.36 -30.28 44.29
N PRO B 306 -20.04 -30.40 44.11
CA PRO B 306 -19.51 -31.40 43.18
C PRO B 306 -19.91 -32.80 43.63
N ILE B 307 -20.20 -33.65 42.64
CA ILE B 307 -20.68 -35.01 42.90
C ILE B 307 -19.52 -35.98 42.73
N ASP B 308 -19.60 -37.10 43.44
CA ASP B 308 -18.52 -38.09 43.41
C ASP B 308 -18.42 -38.70 42.02
N PRO B 309 -17.19 -39.06 41.59
CA PRO B 309 -17.05 -39.79 40.32
C PRO B 309 -17.78 -41.12 40.32
N SER B 310 -17.92 -41.77 41.47
CA SER B 310 -18.68 -43.00 41.57
C SER B 310 -20.17 -42.78 41.32
N MET B 311 -20.64 -41.55 41.44
CA MET B 311 -22.04 -41.21 41.19
C MET B 311 -22.25 -40.64 39.79
N PHE B 312 -21.24 -40.69 38.93
CA PHE B 312 -21.38 -40.17 37.58
C PHE B 312 -22.21 -41.12 36.72
N PRO B 313 -22.90 -40.59 35.71
CA PRO B 313 -23.71 -41.46 34.84
C PRO B 313 -22.85 -42.42 34.05
N LYS B 314 -23.42 -43.57 33.72
CA LYS B 314 -22.74 -44.59 32.93
C LYS B 314 -22.82 -44.29 31.44
N GLU C 13 78.00 -40.38 -15.27
CA GLU C 13 78.84 -39.92 -14.18
C GLU C 13 78.41 -40.54 -12.85
N GLU C 14 79.28 -41.38 -12.29
CA GLU C 14 79.05 -42.09 -11.03
C GLU C 14 77.85 -43.00 -11.06
N PHE C 15 77.27 -43.24 -12.24
CA PHE C 15 76.09 -44.08 -12.38
C PHE C 15 76.16 -44.81 -13.71
N GLN C 16 75.82 -46.09 -13.69
CA GLN C 16 75.73 -46.91 -14.90
C GLN C 16 74.27 -47.26 -15.13
N CYS C 17 73.68 -46.71 -16.20
CA CYS C 17 72.26 -46.90 -16.47
C CYS C 17 71.99 -48.36 -16.80
N LEU C 18 71.16 -49.00 -15.99
CA LEU C 18 70.82 -50.41 -16.23
C LEU C 18 69.70 -50.55 -17.25
N ASN C 19 68.65 -49.72 -17.12
CA ASN C 19 67.52 -49.79 -18.04
C ASN C 19 66.84 -48.42 -18.07
N ARG C 20 66.13 -48.16 -19.17
CA ARG C 20 65.36 -46.95 -19.35
C ARG C 20 63.89 -47.31 -19.27
N ILE C 21 63.23 -46.88 -18.20
CA ILE C 21 61.83 -47.26 -17.97
C ILE C 21 60.92 -46.53 -18.97
N GLU C 22 60.89 -45.21 -18.91
CA GLU C 22 60.10 -44.41 -19.86
C GLU C 22 60.45 -42.93 -19.74
N THR C 25 57.66 -35.91 -22.74
CA THR C 25 58.25 -34.70 -23.32
C THR C 25 59.75 -34.87 -23.52
N TYR C 26 60.52 -33.87 -23.08
CA TYR C 26 61.97 -33.89 -23.17
C TYR C 26 62.63 -34.48 -21.93
N GLY C 27 61.89 -35.24 -21.13
CA GLY C 27 62.43 -35.86 -19.94
C GLY C 27 62.37 -37.37 -19.97
N VAL C 28 63.48 -38.03 -19.68
CA VAL C 28 63.56 -39.48 -19.70
C VAL C 28 64.03 -39.96 -18.34
N VAL C 29 63.60 -41.18 -17.98
CA VAL C 29 63.93 -41.79 -16.70
C VAL C 29 64.74 -43.05 -16.94
N TYR C 30 65.68 -43.31 -16.04
CA TYR C 30 66.54 -44.48 -16.12
C TYR C 30 66.73 -45.08 -14.72
N ARG C 31 67.33 -46.26 -14.69
CA ARG C 31 67.69 -46.93 -13.45
C ARG C 31 69.18 -47.25 -13.47
N ALA C 32 69.86 -46.98 -12.35
CA ALA C 32 71.30 -47.13 -12.26
C ALA C 32 71.67 -47.68 -10.89
N LYS C 33 72.98 -47.82 -10.66
CA LYS C 33 73.52 -48.33 -9.41
C LYS C 33 74.54 -47.34 -8.86
N ASP C 34 74.53 -47.17 -7.54
CA ASP C 34 75.41 -46.18 -6.92
C ASP C 34 76.88 -46.52 -7.13
N LYS C 35 77.27 -47.76 -6.84
CA LYS C 35 78.66 -48.17 -6.99
C LYS C 35 78.76 -49.70 -7.07
N GLU C 39 73.19 -49.74 -5.45
CA GLU C 39 71.77 -49.80 -5.14
C GLU C 39 70.93 -49.39 -6.34
N ILE C 40 69.82 -50.09 -6.55
CA ILE C 40 68.91 -49.78 -7.66
C ILE C 40 68.27 -48.43 -7.38
N VAL C 41 68.60 -47.44 -8.20
CA VAL C 41 68.15 -46.07 -8.01
C VAL C 41 67.61 -45.53 -9.33
N ALA C 42 66.46 -44.87 -9.28
CA ALA C 42 65.88 -44.27 -10.47
C ALA C 42 66.48 -42.89 -10.71
N LEU C 43 66.79 -42.60 -11.98
CA LEU C 43 67.39 -41.35 -12.39
C LEU C 43 66.59 -40.75 -13.53
N LYS C 44 66.31 -39.45 -13.45
CA LYS C 44 65.54 -38.74 -14.47
C LYS C 44 66.31 -37.53 -14.95
N ARG C 45 66.30 -37.31 -16.26
CA ARG C 45 66.87 -36.13 -16.87
C ARG C 45 65.76 -35.13 -17.17
N LEU C 46 65.94 -33.89 -16.74
CA LEU C 46 64.92 -32.87 -16.92
C LEU C 46 64.83 -32.47 -18.39
N LYS C 47 63.75 -31.78 -18.73
CA LYS C 47 63.62 -31.22 -20.07
C LYS C 47 64.77 -30.27 -20.35
N MET C 48 65.41 -30.46 -21.51
CA MET C 48 66.56 -29.64 -21.88
C MET C 48 66.09 -28.42 -22.64
N GLU C 49 66.42 -27.24 -22.13
CA GLU C 49 66.07 -25.97 -22.77
C GLU C 49 67.33 -25.46 -23.46
N LYS C 50 67.37 -25.61 -24.79
CA LYS C 50 68.52 -25.19 -25.56
C LYS C 50 68.63 -23.65 -25.57
N GLU C 51 69.80 -23.17 -25.96
CA GLU C 51 70.09 -21.74 -26.01
C GLU C 51 69.80 -21.08 -24.66
N LYS C 52 70.19 -21.75 -23.58
CA LYS C 52 69.92 -21.28 -22.23
C LYS C 52 71.10 -20.46 -21.73
N GLU C 53 70.81 -19.23 -21.30
CA GLU C 53 71.87 -18.37 -20.78
C GLU C 53 72.41 -18.91 -19.47
N GLY C 54 71.52 -19.29 -18.55
CA GLY C 54 71.93 -19.81 -17.26
C GLY C 54 71.17 -21.05 -16.87
N PHE C 55 70.58 -21.05 -15.68
CA PHE C 55 69.80 -22.20 -15.22
C PHE C 55 68.46 -22.23 -15.95
N PRO C 56 68.04 -23.37 -16.49
CA PRO C 56 66.73 -23.45 -17.13
C PRO C 56 65.62 -23.14 -16.14
N ILE C 57 64.77 -22.19 -16.50
CA ILE C 57 63.66 -21.80 -15.63
C ILE C 57 62.70 -22.97 -15.45
N THR C 58 62.49 -23.75 -16.51
CA THR C 58 61.64 -24.94 -16.39
C THR C 58 62.23 -25.95 -15.43
N SER C 59 63.56 -26.13 -15.48
CA SER C 59 64.21 -27.05 -14.55
C SER C 59 64.11 -26.54 -13.11
N LEU C 60 64.24 -25.23 -12.91
CA LEU C 60 64.16 -24.68 -11.56
C LEU C 60 62.76 -24.87 -10.98
N ARG C 61 61.72 -24.63 -11.77
CA ARG C 61 60.35 -24.81 -11.27
C ARG C 61 60.08 -26.26 -10.92
N GLU C 62 60.55 -27.18 -11.75
CA GLU C 62 60.37 -28.61 -11.48
C GLU C 62 61.08 -29.01 -10.19
N ILE C 63 62.28 -28.48 -9.97
CA ILE C 63 63.04 -28.81 -8.76
C ILE C 63 62.34 -28.28 -7.52
N ASN C 64 61.81 -27.05 -7.59
CA ASN C 64 61.12 -26.45 -6.45
C ASN C 64 59.93 -27.29 -6.03
N THR C 65 59.09 -27.66 -6.99
CA THR C 65 57.83 -28.34 -6.66
C THR C 65 58.08 -29.68 -6.00
N ILE C 66 59.04 -30.46 -6.52
CA ILE C 66 59.29 -31.78 -5.96
C ILE C 66 59.95 -31.67 -4.58
N LEU C 67 60.85 -30.69 -4.41
CA LEU C 67 61.54 -30.55 -3.12
C LEU C 67 60.60 -30.05 -2.03
N LYS C 68 59.80 -29.03 -2.34
CA LYS C 68 58.85 -28.52 -1.37
C LYS C 68 57.78 -29.55 -1.03
N ALA C 69 57.52 -30.51 -1.93
CA ALA C 69 56.48 -31.51 -1.73
C ALA C 69 57.04 -32.84 -1.22
N GLN C 70 58.20 -32.82 -0.55
CA GLN C 70 58.77 -34.05 -0.01
C GLN C 70 57.86 -34.57 1.09
N HIS C 71 57.25 -35.73 0.86
CA HIS C 71 56.21 -36.28 1.70
C HIS C 71 56.38 -37.80 1.72
N PRO C 72 55.91 -38.48 2.77
CA PRO C 72 55.94 -39.95 2.75
C PRO C 72 55.18 -40.56 1.58
N ASN C 73 54.16 -39.87 1.08
CA ASN C 73 53.42 -40.31 -0.10
C ASN C 73 53.96 -39.71 -1.39
N ILE C 74 55.14 -39.11 -1.34
CA ILE C 74 55.81 -38.54 -2.51
C ILE C 74 57.17 -39.23 -2.65
N VAL C 75 57.63 -39.36 -3.89
CA VAL C 75 58.88 -40.06 -4.16
C VAL C 75 60.01 -39.43 -3.37
N THR C 76 60.84 -40.28 -2.76
CA THR C 76 61.96 -39.81 -1.95
C THR C 76 63.13 -39.46 -2.86
N VAL C 77 63.57 -38.22 -2.80
CA VAL C 77 64.64 -37.72 -3.66
C VAL C 77 65.99 -38.05 -3.03
N ARG C 78 66.87 -38.71 -3.79
CA ARG C 78 68.21 -39.01 -3.32
C ARG C 78 69.09 -37.77 -3.34
N GLU C 79 69.26 -37.17 -4.52
CA GLU C 79 70.11 -36.01 -4.69
C GLU C 79 69.78 -35.37 -6.04
N ILE C 80 70.42 -34.23 -6.29
CA ILE C 80 70.27 -33.51 -7.56
C ILE C 80 71.67 -33.23 -8.10
N VAL C 81 71.91 -33.55 -9.36
CA VAL C 81 73.21 -33.40 -9.99
C VAL C 81 73.08 -32.47 -11.19
N VAL C 82 73.98 -31.49 -11.28
CA VAL C 82 74.06 -30.59 -12.41
C VAL C 82 75.50 -30.58 -12.91
N GLY C 83 75.66 -30.17 -14.17
CA GLY C 83 76.98 -30.11 -14.77
C GLY C 83 76.87 -30.06 -16.28
N SER C 84 78.02 -30.31 -16.92
CA SER C 84 78.14 -30.25 -18.38
C SER C 84 77.70 -28.90 -18.91
N ASN C 85 78.26 -27.83 -18.33
CA ASN C 85 77.86 -26.45 -18.62
C ASN C 85 76.36 -26.24 -18.38
N MET C 86 75.81 -26.99 -17.42
CA MET C 86 74.41 -26.92 -17.02
C MET C 86 73.47 -27.21 -18.20
N ASP C 87 73.95 -27.93 -19.21
CA ASP C 87 73.10 -28.29 -20.33
C ASP C 87 72.12 -29.40 -19.96
N LYS C 88 72.58 -30.36 -19.16
CA LYS C 88 71.75 -31.46 -18.71
C LYS C 88 71.62 -31.43 -17.20
N ILE C 89 70.39 -31.53 -16.71
CA ILE C 89 70.10 -31.52 -15.28
C ILE C 89 69.46 -32.85 -14.91
N TYR C 90 70.00 -33.50 -13.89
CA TYR C 90 69.59 -34.83 -13.49
C TYR C 90 68.99 -34.82 -12.09
N ILE C 91 67.92 -35.58 -11.90
CA ILE C 91 67.25 -35.72 -10.61
C ILE C 91 67.34 -37.17 -10.19
N VAL C 92 67.85 -37.41 -8.97
CA VAL C 92 68.08 -38.74 -8.44
C VAL C 92 67.14 -38.97 -7.29
N MET C 93 66.44 -40.10 -7.31
CA MET C 93 65.42 -40.44 -6.31
C MET C 93 65.37 -41.93 -6.07
N ASN C 94 64.79 -42.29 -4.93
CA ASN C 94 64.68 -43.69 -4.54
C ASN C 94 63.84 -44.45 -5.57
N TYR C 95 64.25 -45.68 -5.85
CA TYR C 95 63.58 -46.48 -6.86
C TYR C 95 62.35 -47.16 -6.25
N VAL C 96 61.19 -46.95 -6.88
CA VAL C 96 59.94 -47.59 -6.48
C VAL C 96 59.72 -48.80 -7.36
N GLU C 97 59.15 -49.86 -6.79
CA GLU C 97 59.09 -51.14 -7.48
C GLU C 97 58.07 -51.14 -8.61
N HIS C 98 56.88 -50.60 -8.37
CA HIS C 98 55.75 -50.79 -9.27
C HIS C 98 55.26 -49.47 -9.83
N ASP C 99 54.58 -49.56 -10.97
CA ASP C 99 53.84 -48.45 -11.57
C ASP C 99 52.35 -48.78 -11.53
N LEU C 100 51.54 -47.80 -11.14
CA LEU C 100 50.12 -48.08 -10.89
C LEU C 100 49.39 -48.47 -12.17
N LYS C 101 49.62 -47.74 -13.27
CA LYS C 101 48.92 -48.06 -14.51
C LYS C 101 49.36 -49.41 -15.06
N SER C 102 50.65 -49.74 -14.92
CA SER C 102 51.13 -51.04 -15.39
C SER C 102 50.46 -52.17 -14.63
N LEU C 103 50.26 -52.00 -13.32
CA LEU C 103 49.60 -53.04 -12.53
C LEU C 103 48.16 -53.25 -12.97
N MET C 104 47.50 -52.20 -13.47
CA MET C 104 46.13 -52.35 -13.94
C MET C 104 46.04 -53.32 -15.10
N GLU C 105 47.00 -53.26 -16.02
CA GLU C 105 47.01 -54.16 -17.17
C GLU C 105 47.54 -55.54 -16.85
N THR C 106 48.14 -55.74 -15.68
CA THR C 106 48.76 -57.01 -15.31
C THR C 106 48.18 -57.57 -14.02
N MET C 107 46.91 -57.29 -13.73
CA MET C 107 46.25 -57.79 -12.53
C MET C 107 45.00 -58.56 -12.94
N LYS C 108 44.94 -59.83 -12.56
CA LYS C 108 43.76 -60.65 -12.87
C LYS C 108 42.57 -60.27 -11.99
N GLN C 109 42.82 -60.04 -10.70
CA GLN C 109 41.77 -59.68 -9.77
C GLN C 109 41.86 -58.20 -9.41
N PRO C 110 40.73 -57.51 -9.32
CA PRO C 110 40.76 -56.07 -9.00
C PRO C 110 41.14 -55.84 -7.55
N PHE C 111 41.51 -54.60 -7.26
CA PHE C 111 41.85 -54.20 -5.90
C PHE C 111 40.65 -54.34 -4.98
N LEU C 112 40.89 -54.84 -3.77
CA LEU C 112 39.83 -54.94 -2.78
C LEU C 112 39.42 -53.54 -2.34
N PRO C 113 38.15 -53.37 -1.91
CA PRO C 113 37.71 -52.02 -1.49
C PRO C 113 38.55 -51.43 -0.38
N GLY C 114 38.99 -52.25 0.59
CA GLY C 114 39.92 -51.75 1.59
C GLY C 114 41.24 -51.34 0.98
N GLU C 115 41.75 -52.13 0.03
CA GLU C 115 42.94 -51.74 -0.71
C GLU C 115 42.70 -50.48 -1.54
N VAL C 116 41.51 -50.38 -2.14
CA VAL C 116 41.16 -49.19 -2.92
C VAL C 116 41.13 -47.97 -2.00
N LYS C 117 40.50 -48.12 -0.82
CA LYS C 117 40.44 -47.01 0.12
C LYS C 117 41.83 -46.61 0.60
N THR C 118 42.67 -47.59 0.93
CA THR C 118 44.00 -47.29 1.44
C THR C 118 44.83 -46.54 0.41
N LEU C 119 44.79 -46.98 -0.85
CA LEU C 119 45.54 -46.29 -1.89
C LEU C 119 45.02 -44.88 -2.12
N MET C 120 43.70 -44.71 -2.11
CA MET C 120 43.13 -43.38 -2.29
C MET C 120 43.48 -42.45 -1.13
N ILE C 121 43.49 -42.99 0.10
CA ILE C 121 43.87 -42.18 1.25
C ILE C 121 45.31 -41.73 1.13
N GLN C 122 46.21 -42.63 0.70
CA GLN C 122 47.60 -42.25 0.50
C GLN C 122 47.73 -41.17 -0.56
N LEU C 123 46.99 -41.30 -1.65
CA LEU C 123 47.01 -40.27 -2.70
C LEU C 123 46.49 -38.95 -2.16
N LEU C 124 45.36 -38.96 -1.45
CA LEU C 124 44.76 -37.72 -0.97
C LEU C 124 45.67 -37.01 0.02
N ARG C 125 46.34 -37.77 0.90
CA ARG C 125 47.28 -37.16 1.83
C ARG C 125 48.44 -36.51 1.09
N GLY C 126 48.93 -37.16 0.04
CA GLY C 126 49.95 -36.55 -0.80
C GLY C 126 49.43 -35.35 -1.58
N VAL C 127 48.21 -35.47 -2.12
CA VAL C 127 47.62 -34.36 -2.87
C VAL C 127 47.36 -33.17 -1.96
N LYS C 128 46.83 -33.42 -0.75
CA LYS C 128 46.58 -32.32 0.18
C LYS C 128 47.87 -31.62 0.58
N HIS C 129 48.98 -32.33 0.58
CA HIS C 129 50.27 -31.71 0.87
C HIS C 129 50.64 -30.68 -0.20
N LEU C 130 50.34 -30.98 -1.46
CA LEU C 130 50.67 -30.07 -2.55
C LEU C 130 49.87 -28.77 -2.45
N HIS C 131 48.56 -28.89 -2.29
CA HIS C 131 47.70 -27.71 -2.31
C HIS C 131 47.97 -26.80 -1.10
N ASP C 132 48.24 -27.39 0.06
CA ASP C 132 48.55 -26.58 1.24
C ASP C 132 49.84 -25.80 1.05
N ASN C 133 50.75 -26.31 0.20
CA ASN C 133 52.02 -25.64 -0.09
C ASN C 133 51.98 -24.86 -1.39
N TRP C 134 50.79 -24.51 -1.88
CA TRP C 134 50.63 -23.71 -3.09
C TRP C 134 51.31 -24.38 -4.30
N ILE C 135 50.98 -25.67 -4.50
CA ILE C 135 51.59 -26.45 -5.56
C ILE C 135 50.48 -27.14 -6.36
N LEU C 136 50.56 -27.03 -7.69
CA LEU C 136 49.68 -27.74 -8.60
C LEU C 136 50.50 -28.73 -9.41
N HIS C 137 49.93 -29.92 -9.66
CA HIS C 137 50.64 -30.96 -10.39
C HIS C 137 50.31 -30.94 -11.88
N ARG C 138 49.02 -30.97 -12.22
CA ARG C 138 48.50 -30.83 -13.57
C ARG C 138 48.85 -32.00 -14.49
N ASP C 139 49.38 -33.10 -13.96
CA ASP C 139 49.54 -34.31 -14.76
C ASP C 139 49.24 -35.56 -13.94
N LEU C 140 48.17 -35.52 -13.14
CA LEU C 140 47.83 -36.64 -12.28
C LEU C 140 47.21 -37.77 -13.09
N LYS C 141 47.89 -38.92 -13.11
CA LYS C 141 47.39 -40.09 -13.82
C LYS C 141 48.01 -41.34 -13.20
N THR C 142 47.41 -42.49 -13.51
CA THR C 142 47.87 -43.74 -12.92
C THR C 142 49.30 -44.09 -13.36
N SER C 143 49.68 -43.70 -14.57
CA SER C 143 51.04 -43.94 -15.02
C SER C 143 52.06 -43.13 -14.24
N ASN C 144 51.64 -42.04 -13.60
CA ASN C 144 52.51 -41.19 -12.80
C ASN C 144 52.53 -41.57 -11.33
N LEU C 145 51.77 -42.59 -10.93
CA LEU C 145 51.68 -43.02 -9.54
C LEU C 145 52.48 -44.29 -9.35
N LEU C 146 53.34 -44.31 -8.34
CA LEU C 146 54.24 -45.41 -8.07
C LEU C 146 53.84 -46.12 -6.78
N LEU C 147 53.94 -47.45 -6.79
CA LEU C 147 53.60 -48.28 -5.65
C LEU C 147 54.82 -49.07 -5.21
N SER C 148 55.15 -49.00 -3.92
CA SER C 148 56.30 -49.73 -3.39
C SER C 148 55.90 -51.17 -3.07
N HIS C 149 56.89 -51.97 -2.66
CA HIS C 149 56.61 -53.36 -2.29
C HIS C 149 55.78 -53.46 -1.02
N ALA C 150 55.73 -52.39 -0.21
CA ALA C 150 54.99 -52.37 1.03
C ALA C 150 53.63 -51.68 0.89
N GLY C 151 53.15 -51.51 -0.34
CA GLY C 151 51.88 -50.84 -0.55
C GLY C 151 51.91 -49.35 -0.30
N ILE C 152 53.06 -48.71 -0.46
CA ILE C 152 53.19 -47.27 -0.26
C ILE C 152 53.10 -46.60 -1.63
N LEU C 153 52.09 -45.76 -1.80
CA LEU C 153 51.86 -45.07 -3.06
C LEU C 153 52.64 -43.75 -3.07
N LYS C 154 53.35 -43.49 -4.15
CA LYS C 154 54.13 -42.27 -4.30
C LYS C 154 53.90 -41.68 -5.68
N VAL C 155 54.05 -40.36 -5.77
CA VAL C 155 53.88 -39.63 -7.03
C VAL C 155 55.24 -39.49 -7.69
N GLY C 156 55.30 -39.81 -8.99
CA GLY C 156 56.56 -39.90 -9.69
C GLY C 156 57.11 -38.63 -10.29
N ASP C 157 56.33 -37.96 -11.14
CA ASP C 157 56.82 -36.88 -11.97
C ASP C 157 56.19 -35.54 -11.57
N PHE C 158 56.95 -34.47 -11.78
CA PHE C 158 56.51 -33.10 -11.51
C PHE C 158 56.87 -32.17 -12.67
N GLY C 159 56.91 -32.71 -13.89
CA GLY C 159 57.30 -31.90 -15.03
C GLY C 159 56.34 -30.75 -15.30
N LEU C 160 55.04 -31.02 -15.19
CA LEU C 160 54.02 -30.00 -15.38
C LEU C 160 53.65 -29.28 -14.09
N ALA C 161 54.34 -29.58 -12.98
CA ALA C 161 54.01 -28.98 -11.71
C ALA C 161 54.44 -27.51 -11.67
N ARG C 162 53.63 -26.68 -11.01
CA ARG C 162 53.95 -25.27 -10.83
C ARG C 162 53.33 -24.81 -9.52
N GLU C 163 53.55 -23.54 -9.20
CA GLU C 163 53.05 -22.93 -7.98
C GLU C 163 52.00 -21.87 -8.29
N TYR C 164 51.02 -21.76 -7.40
CA TYR C 164 49.95 -20.78 -7.52
C TYR C 164 49.87 -19.96 -6.24
N GLY C 165 48.99 -18.94 -6.27
CA GLY C 165 48.86 -18.06 -5.13
C GLY C 165 47.44 -17.57 -4.98
N SER C 166 47.19 -16.89 -3.85
CA SER C 166 45.86 -16.35 -3.58
C SER C 166 45.40 -15.35 -4.64
N PRO C 167 46.23 -14.37 -5.08
CA PRO C 167 45.80 -13.54 -6.22
C PRO C 167 45.91 -14.33 -7.52
N LEU C 168 44.87 -15.11 -7.81
CA LEU C 168 44.93 -16.05 -8.92
C LEU C 168 45.07 -15.32 -10.25
N LYS C 169 45.84 -15.92 -11.16
CA LYS C 169 46.04 -15.36 -12.49
C LYS C 169 45.90 -16.45 -13.54
N ALA C 170 46.22 -16.12 -14.80
CA ALA C 170 46.14 -17.09 -15.89
C ALA C 170 47.44 -17.87 -15.96
N TYR C 171 47.33 -19.20 -15.84
CA TYR C 171 48.50 -20.06 -15.88
C TYR C 171 48.66 -20.68 -17.26
N TPO C 172 49.41 -21.78 -17.34
CA TPO C 172 49.67 -22.44 -18.61
CB TPO C 172 50.76 -23.52 -18.43
CG2 TPO C 172 50.68 -24.58 -19.51
OG1 TPO C 172 52.06 -22.90 -18.47
P TPO C 172 52.61 -22.80 -16.97
O1P TPO C 172 53.75 -21.66 -16.90
O2P TPO C 172 53.24 -24.20 -16.53
O3P TPO C 172 51.52 -22.46 -16.04
C TPO C 172 48.40 -23.05 -19.20
O TPO C 172 47.71 -23.82 -18.53
N PRO C 173 48.08 -22.67 -20.45
CA PRO C 173 46.84 -23.03 -21.15
C PRO C 173 46.48 -24.51 -21.07
N VAL C 174 47.13 -25.34 -21.88
CA VAL C 174 46.83 -26.77 -21.96
C VAL C 174 47.57 -27.50 -20.86
N VAL C 175 46.92 -28.49 -20.27
CA VAL C 175 47.50 -29.28 -19.19
C VAL C 175 46.71 -30.57 -19.06
N VAL C 176 47.33 -31.58 -18.43
CA VAL C 176 46.71 -32.86 -18.08
C VAL C 176 46.45 -33.71 -19.32
N THR C 177 46.61 -35.02 -19.19
CA THR C 177 46.26 -35.94 -20.26
C THR C 177 44.77 -35.85 -20.56
N LEU C 178 44.42 -36.09 -21.82
CA LEU C 178 43.03 -35.93 -22.27
C LEU C 178 42.09 -36.82 -21.47
N TRP C 179 42.53 -38.04 -21.14
CA TRP C 179 41.68 -38.95 -20.38
C TRP C 179 41.39 -38.43 -18.97
N TYR C 180 42.28 -37.60 -18.44
CA TYR C 180 42.13 -37.06 -17.09
C TYR C 180 41.92 -35.55 -17.08
N ARG C 181 41.79 -34.92 -18.25
CA ARG C 181 41.68 -33.47 -18.31
C ARG C 181 40.38 -33.01 -17.67
N ALA C 182 40.47 -31.92 -16.91
CA ALA C 182 39.29 -31.36 -16.25
C ALA C 182 38.32 -30.79 -17.28
N PRO C 183 37.02 -30.87 -17.02
CA PRO C 183 36.03 -30.32 -17.97
C PRO C 183 36.20 -28.83 -18.19
N GLU C 184 36.61 -28.07 -17.17
CA GLU C 184 36.88 -26.65 -17.38
C GLU C 184 38.03 -26.45 -18.36
N LEU C 185 39.08 -27.28 -18.23
CA LEU C 185 40.18 -27.22 -19.20
C LEU C 185 39.73 -27.71 -20.57
N LEU C 186 38.81 -28.68 -20.61
CA LEU C 186 38.28 -29.13 -21.89
C LEU C 186 37.49 -28.03 -22.60
N LEU C 187 36.94 -27.08 -21.84
CA LEU C 187 36.20 -25.96 -22.39
C LEU C 187 37.03 -24.68 -22.45
N GLY C 188 38.36 -24.80 -22.34
CA GLY C 188 39.24 -23.65 -22.46
C GLY C 188 39.08 -22.61 -21.37
N ALA C 189 39.03 -23.05 -20.12
CA ALA C 189 38.89 -22.12 -19.01
C ALA C 189 40.12 -21.21 -18.93
N LYS C 190 39.88 -19.93 -18.62
CA LYS C 190 40.97 -18.97 -18.53
C LYS C 190 41.85 -19.25 -17.31
N GLU C 191 41.23 -19.57 -16.18
CA GLU C 191 41.94 -19.79 -14.92
C GLU C 191 41.53 -21.12 -14.32
N TYR C 192 42.45 -21.69 -13.53
CA TYR C 192 42.21 -22.96 -12.87
C TYR C 192 43.09 -23.05 -11.63
N SER C 193 42.57 -23.67 -10.56
CA SER C 193 43.32 -23.80 -9.33
C SER C 193 42.70 -24.90 -8.48
N THR C 194 43.46 -25.97 -8.24
CA THR C 194 43.16 -26.97 -7.21
C THR C 194 41.96 -27.83 -7.58
N ALA C 195 41.27 -27.49 -8.67
CA ALA C 195 40.09 -28.23 -9.07
C ALA C 195 40.41 -29.32 -10.09
N VAL C 196 41.34 -29.04 -11.01
CA VAL C 196 41.68 -30.02 -12.03
C VAL C 196 42.33 -31.25 -11.41
N ASP C 197 43.21 -31.04 -10.41
CA ASP C 197 43.85 -32.16 -9.75
C ASP C 197 42.82 -33.05 -9.04
N MET C 198 41.83 -32.43 -8.41
CA MET C 198 40.77 -33.22 -7.77
C MET C 198 39.92 -33.96 -8.79
N TRP C 199 39.71 -33.37 -9.96
CA TRP C 199 39.02 -34.08 -11.04
C TRP C 199 39.82 -35.30 -11.47
N SER C 200 41.14 -35.14 -11.61
CA SER C 200 42.00 -36.27 -11.95
C SER C 200 41.95 -37.34 -10.86
N VAL C 201 41.85 -36.92 -9.60
CA VAL C 201 41.70 -37.87 -8.51
C VAL C 201 40.43 -38.69 -8.67
N GLY C 202 39.33 -38.03 -9.05
CA GLY C 202 38.10 -38.76 -9.32
C GLY C 202 38.23 -39.70 -10.50
N CYS C 203 38.90 -39.27 -11.56
CA CYS C 203 39.13 -40.13 -12.71
C CYS C 203 40.00 -41.32 -12.35
N ILE C 204 41.05 -41.09 -11.55
CA ILE C 204 41.88 -42.18 -11.07
C ILE C 204 41.09 -43.12 -10.18
N PHE C 205 40.16 -42.58 -9.38
CA PHE C 205 39.33 -43.41 -8.52
C PHE C 205 38.54 -44.43 -9.32
N GLY C 206 37.93 -44.00 -10.42
CA GLY C 206 37.20 -44.92 -11.27
C GLY C 206 38.08 -45.98 -11.92
N GLU C 207 39.31 -45.60 -12.28
CA GLU C 207 40.22 -46.55 -12.92
C GLU C 207 40.59 -47.70 -12.00
N LEU C 208 40.72 -47.44 -10.69
CA LEU C 208 41.07 -48.50 -9.76
C LEU C 208 39.98 -49.56 -9.67
N LEU C 209 38.71 -49.12 -9.65
CA LEU C 209 37.61 -50.06 -9.48
C LEU C 209 37.45 -50.97 -10.69
N THR C 210 37.44 -50.39 -11.89
CA THR C 210 37.16 -51.14 -13.10
C THR C 210 38.42 -51.65 -13.80
N GLN C 211 39.60 -51.32 -13.29
CA GLN C 211 40.89 -51.61 -13.93
C GLN C 211 41.02 -50.99 -15.31
N LYS C 212 40.09 -50.13 -15.69
CA LYS C 212 40.06 -49.46 -16.98
C LYS C 212 39.84 -47.97 -16.78
N PRO C 213 40.35 -47.14 -17.70
CA PRO C 213 40.15 -45.70 -17.55
C PRO C 213 38.68 -45.33 -17.54
N LEU C 214 38.34 -44.35 -16.69
CA LEU C 214 36.94 -43.94 -16.55
C LEU C 214 36.42 -43.32 -17.84
N PHE C 215 37.22 -42.47 -18.49
CA PHE C 215 36.82 -41.75 -19.70
C PHE C 215 37.84 -42.01 -20.79
N PRO C 216 37.71 -43.11 -21.53
CA PRO C 216 38.62 -43.39 -22.65
C PRO C 216 38.15 -42.76 -23.95
N GLY C 217 38.08 -41.43 -23.98
CA GLY C 217 37.64 -40.72 -25.16
C GLY C 217 38.71 -40.67 -26.23
N LYS C 218 38.28 -40.75 -27.49
CA LYS C 218 39.19 -40.77 -28.63
C LYS C 218 39.54 -39.39 -29.16
N SER C 219 38.89 -38.34 -28.66
CA SER C 219 39.15 -36.99 -29.13
C SER C 219 38.69 -36.00 -28.07
N GLU C 220 39.10 -34.75 -28.23
CA GLU C 220 38.64 -33.70 -27.34
C GLU C 220 37.13 -33.53 -27.42
N ILE C 221 36.54 -33.83 -28.58
CA ILE C 221 35.08 -33.80 -28.70
C ILE C 221 34.46 -35.07 -28.14
N ASP C 222 35.08 -36.22 -28.41
CA ASP C 222 34.55 -37.49 -27.90
C ASP C 222 34.62 -37.55 -26.39
N GLN C 223 35.70 -37.02 -25.80
CA GLN C 223 35.82 -37.03 -24.34
C GLN C 223 34.72 -36.21 -23.68
N ILE C 224 34.38 -35.07 -24.28
CA ILE C 224 33.29 -34.24 -23.74
C ILE C 224 31.98 -35.02 -23.76
N ASN C 225 31.71 -35.72 -24.86
CA ASN C 225 30.49 -36.53 -24.94
C ASN C 225 30.48 -37.64 -23.91
N LYS C 226 31.62 -38.32 -23.74
CA LYS C 226 31.68 -39.42 -22.77
C LYS C 226 31.41 -38.93 -21.36
N VAL C 227 32.00 -37.79 -20.99
CA VAL C 227 31.68 -37.19 -19.69
C VAL C 227 30.22 -36.76 -19.65
N PHE C 228 29.75 -36.12 -20.71
CA PHE C 228 28.36 -35.64 -20.73
C PHE C 228 27.37 -36.80 -20.80
N LYS C 229 27.75 -37.91 -21.46
CA LYS C 229 26.86 -39.07 -21.48
C LYS C 229 26.72 -39.68 -20.09
N ASP C 230 27.79 -39.71 -19.33
CA ASP C 230 27.78 -40.31 -18.00
C ASP C 230 27.32 -39.33 -16.92
N LEU C 231 27.85 -38.11 -16.94
CA LEU C 231 27.58 -37.12 -15.90
C LEU C 231 26.45 -36.16 -16.26
N GLY C 232 25.85 -36.29 -17.44
CA GLY C 232 24.86 -35.34 -17.90
C GLY C 232 25.49 -34.10 -18.51
N THR C 233 24.65 -33.28 -19.12
CA THR C 233 25.10 -32.06 -19.75
C THR C 233 24.97 -30.89 -18.77
N PRO C 234 26.07 -30.23 -18.40
CA PRO C 234 25.97 -29.14 -17.43
C PRO C 234 25.26 -27.91 -17.96
N SER C 235 25.13 -26.89 -17.12
CA SER C 235 24.44 -25.67 -17.49
C SER C 235 24.90 -24.55 -16.54
N GLU C 236 24.35 -23.36 -16.75
CA GLU C 236 24.69 -22.23 -15.88
C GLU C 236 24.09 -22.40 -14.49
N LYS C 237 22.92 -23.02 -14.39
CA LYS C 237 22.26 -23.19 -13.09
C LYS C 237 23.09 -24.07 -12.16
N ILE C 238 23.63 -25.18 -12.68
CA ILE C 238 24.47 -26.07 -11.88
C ILE C 238 25.94 -25.68 -11.93
N TRP C 239 26.30 -24.71 -12.77
CA TRP C 239 27.69 -24.30 -12.94
C TRP C 239 27.71 -22.84 -13.31
N PRO C 240 27.72 -21.94 -12.32
CA PRO C 240 27.75 -20.50 -12.62
C PRO C 240 29.00 -20.14 -13.41
N GLY C 241 28.79 -19.37 -14.48
CA GLY C 241 29.86 -19.06 -15.41
C GLY C 241 29.98 -20.00 -16.59
N TYR C 242 29.05 -20.94 -16.75
CA TYR C 242 29.10 -21.85 -17.89
C TYR C 242 28.96 -21.10 -19.20
N SER C 243 28.07 -20.10 -19.23
CA SER C 243 27.89 -19.31 -20.46
C SER C 243 29.16 -18.55 -20.82
N GLU C 244 29.90 -18.09 -19.81
CA GLU C 244 31.13 -17.32 -20.04
C GLU C 244 32.31 -18.18 -20.46
N LEU C 245 32.17 -19.49 -20.45
CA LEU C 245 33.26 -20.36 -20.91
C LEU C 245 33.50 -20.14 -22.40
N PRO C 246 34.75 -19.98 -22.83
CA PRO C 246 35.01 -19.67 -24.24
C PRO C 246 34.46 -20.72 -25.20
N ALA C 247 34.54 -22.00 -24.85
CA ALA C 247 33.97 -23.03 -25.71
C ALA C 247 32.45 -22.94 -25.75
N VAL C 248 31.81 -22.74 -24.59
CA VAL C 248 30.37 -22.61 -24.55
C VAL C 248 29.91 -21.34 -25.24
N LYS C 249 30.76 -20.30 -25.25
CA LYS C 249 30.41 -19.06 -25.95
C LYS C 249 30.27 -19.29 -27.45
N LYS C 250 30.95 -20.30 -27.99
CA LYS C 250 30.92 -20.58 -29.42
C LYS C 250 30.53 -22.02 -29.74
N MET C 251 29.94 -22.74 -28.78
CA MET C 251 29.53 -24.11 -29.02
C MET C 251 28.48 -24.51 -28.00
N THR C 252 27.57 -25.37 -28.43
CA THR C 252 26.58 -25.99 -27.55
C THR C 252 26.60 -27.49 -27.76
N PHE C 253 26.05 -28.21 -26.79
CA PHE C 253 26.06 -29.67 -26.81
C PHE C 253 24.66 -30.21 -26.54
N SER C 254 24.39 -31.40 -27.07
CA SER C 254 23.10 -32.05 -26.83
C SER C 254 22.93 -32.36 -25.34
N GLU C 255 21.73 -32.12 -24.85
CA GLU C 255 21.44 -32.29 -23.42
C GLU C 255 21.25 -33.77 -23.12
N HIS C 256 22.22 -34.36 -22.42
CA HIS C 256 22.12 -35.75 -22.00
C HIS C 256 21.37 -35.83 -20.66
N PRO C 257 20.23 -36.51 -20.60
CA PRO C 257 19.52 -36.63 -19.32
C PRO C 257 20.34 -37.41 -18.30
N TYR C 258 20.18 -37.03 -17.04
CA TYR C 258 20.89 -37.67 -15.92
C TYR C 258 22.40 -37.67 -16.12
N ARG C 262 24.76 -41.78 -14.39
CA ARG C 262 24.83 -43.20 -14.71
C ARG C 262 25.89 -43.90 -13.87
N LYS C 263 25.46 -44.86 -13.05
CA LYS C 263 26.36 -45.59 -12.17
C LYS C 263 26.93 -46.78 -12.94
N ARG C 264 28.18 -46.65 -13.38
CA ARG C 264 28.86 -47.71 -14.10
C ARG C 264 29.69 -48.60 -13.18
N PHE C 265 29.66 -48.35 -11.87
CA PHE C 265 30.42 -49.12 -10.88
C PHE C 265 29.49 -49.91 -9.97
N GLY C 266 28.39 -50.42 -10.53
CA GLY C 266 27.44 -51.18 -9.72
C GLY C 266 28.09 -52.43 -9.14
N ALA C 267 27.77 -52.71 -7.88
CA ALA C 267 28.27 -53.81 -7.06
C ALA C 267 29.72 -53.64 -6.64
N LEU C 268 30.40 -52.58 -7.09
CA LEU C 268 31.74 -52.27 -6.62
C LEU C 268 31.80 -51.06 -5.71
N LEU C 269 30.72 -50.31 -5.58
CA LEU C 269 30.71 -49.08 -4.82
C LEU C 269 29.47 -49.03 -3.93
N SER C 270 29.61 -48.38 -2.79
CA SER C 270 28.50 -48.19 -1.86
C SER C 270 27.80 -46.87 -2.13
N ASP C 271 26.70 -46.65 -1.40
CA ASP C 271 25.97 -45.38 -1.53
C ASP C 271 26.83 -44.21 -1.10
N GLN C 272 27.58 -44.36 0.01
CA GLN C 272 28.51 -43.33 0.42
C GLN C 272 29.63 -43.17 -0.61
N GLY C 273 30.11 -44.28 -1.16
CA GLY C 273 31.12 -44.19 -2.20
C GLY C 273 30.65 -43.45 -3.43
N PHE C 274 29.37 -43.61 -3.78
CA PHE C 274 28.80 -42.85 -4.88
C PHE C 274 28.81 -41.35 -4.59
N ASP C 275 28.52 -40.98 -3.34
CA ASP C 275 28.53 -39.56 -2.98
C ASP C 275 29.93 -38.98 -3.10
N LEU C 276 30.95 -39.75 -2.72
CA LEU C 276 32.32 -39.26 -2.84
C LEU C 276 32.71 -39.06 -4.29
N MET C 277 32.32 -39.99 -5.17
CA MET C 277 32.71 -39.89 -6.57
C MET C 277 32.15 -38.64 -7.23
N ASN C 278 30.89 -38.31 -6.93
CA ASN C 278 30.30 -37.10 -7.49
C ASN C 278 30.99 -35.85 -6.95
N LYS C 279 31.34 -35.86 -5.66
CA LYS C 279 32.09 -34.72 -5.11
C LYS C 279 33.46 -34.59 -5.75
N PHE C 280 34.08 -35.72 -6.12
CA PHE C 280 35.33 -35.67 -6.87
C PHE C 280 35.12 -35.06 -8.25
N LEU C 281 34.18 -35.59 -9.01
CA LEU C 281 33.90 -35.13 -10.37
C LEU C 281 32.73 -34.15 -10.41
N THR C 282 32.79 -33.08 -9.61
CA THR C 282 31.75 -32.07 -9.63
C THR C 282 32.00 -31.07 -10.74
N TYR C 283 30.95 -30.73 -11.48
CA TYR C 283 31.10 -29.81 -12.61
C TYR C 283 31.58 -28.44 -12.16
N PHE C 284 31.01 -27.91 -11.09
CA PHE C 284 31.42 -26.61 -10.57
C PHE C 284 32.69 -26.76 -9.74
N PRO C 285 33.79 -26.10 -10.10
CA PRO C 285 34.99 -26.18 -9.26
C PRO C 285 34.78 -25.65 -7.85
N GLY C 286 33.92 -24.65 -7.67
CA GLY C 286 33.68 -24.12 -6.34
C GLY C 286 33.08 -25.15 -5.40
N ARG C 287 32.09 -25.91 -5.88
CA ARG C 287 31.48 -26.96 -5.09
C ARG C 287 32.25 -28.28 -5.17
N ARG C 288 33.29 -28.33 -5.99
CA ARG C 288 34.10 -29.54 -6.08
C ARG C 288 34.85 -29.78 -4.78
N ILE C 289 34.87 -31.05 -4.35
CA ILE C 289 35.46 -31.39 -3.06
C ILE C 289 36.98 -31.20 -3.13
N SER C 290 37.58 -30.93 -1.96
CA SER C 290 39.01 -30.77 -1.84
C SER C 290 39.65 -32.07 -1.33
N ALA C 291 40.98 -32.10 -1.36
CA ALA C 291 41.69 -33.25 -0.82
C ALA C 291 41.48 -33.40 0.67
N GLU C 292 41.49 -32.27 1.40
CA GLU C 292 41.25 -32.31 2.84
C GLU C 292 39.82 -32.77 3.13
N ASP C 293 38.84 -32.22 2.40
CA ASP C 293 37.45 -32.62 2.59
C ASP C 293 37.18 -34.02 2.05
N GLY C 294 38.04 -34.53 1.16
CA GLY C 294 37.87 -35.89 0.68
C GLY C 294 38.29 -36.93 1.71
N LEU C 295 39.24 -36.58 2.57
CA LEU C 295 39.68 -37.49 3.62
C LEU C 295 38.68 -37.60 4.77
N LYS C 296 37.78 -36.62 4.91
CA LYS C 296 36.77 -36.63 5.96
C LYS C 296 35.51 -37.38 5.55
N HIS C 297 35.47 -37.93 4.34
CA HIS C 297 34.27 -38.61 3.86
C HIS C 297 33.99 -39.86 4.67
N GLU C 298 32.69 -40.14 4.87
CA GLU C 298 32.27 -41.31 5.62
C GLU C 298 32.60 -42.61 4.89
N TYR C 299 32.87 -42.54 3.58
CA TYR C 299 33.15 -43.75 2.80
C TYR C 299 34.37 -44.49 3.35
N PHE C 300 35.42 -43.76 3.70
CA PHE C 300 36.62 -44.40 4.24
C PHE C 300 36.40 -44.98 5.63
N ARG C 301 35.37 -44.52 6.34
CA ARG C 301 35.01 -45.06 7.64
C ARG C 301 33.84 -46.06 7.56
N GLU C 302 33.46 -46.46 6.35
CA GLU C 302 32.32 -47.35 6.18
C GLU C 302 32.67 -48.76 6.66
N THR C 303 31.71 -49.67 6.50
CA THR C 303 31.92 -51.05 6.96
C THR C 303 33.12 -51.73 6.33
N PRO C 304 33.39 -51.62 5.00
CA PRO C 304 34.65 -52.18 4.48
C PRO C 304 35.86 -51.30 4.82
N LEU C 305 36.39 -51.49 6.02
CA LEU C 305 37.47 -50.64 6.50
C LEU C 305 38.72 -50.82 5.64
N PRO C 306 39.52 -49.75 5.49
CA PRO C 306 40.73 -49.86 4.66
C PRO C 306 41.71 -50.89 5.22
N ILE C 307 42.39 -51.56 4.31
CA ILE C 307 43.32 -52.63 4.65
C ILE C 307 44.72 -52.05 4.76
N ASP C 308 45.48 -52.55 5.74
CA ASP C 308 46.81 -52.01 6.01
C ASP C 308 47.73 -52.22 4.81
N PRO C 309 48.63 -51.26 4.52
CA PRO C 309 49.57 -51.46 3.41
C PRO C 309 50.45 -52.69 3.58
N SER C 310 50.78 -53.07 4.82
CA SER C 310 51.57 -54.28 5.06
C SER C 310 50.82 -55.54 4.63
N MET C 311 49.49 -55.48 4.51
CA MET C 311 48.69 -56.61 4.10
C MET C 311 48.44 -56.65 2.60
N PHE C 312 49.03 -55.72 1.84
CA PHE C 312 48.86 -55.74 0.40
C PHE C 312 49.62 -56.92 -0.21
N PRO C 313 49.08 -57.55 -1.25
CA PRO C 313 49.75 -58.71 -1.85
C PRO C 313 51.00 -58.28 -2.61
N LYS C 314 51.87 -59.26 -2.83
CA LYS C 314 53.11 -59.04 -3.57
C LYS C 314 52.83 -58.70 -5.03
N GLU D 14 21.68 20.97 -8.07
CA GLU D 14 21.69 20.34 -6.76
C GLU D 14 20.45 19.47 -6.55
N PHE D 15 19.55 19.50 -7.53
CA PHE D 15 18.33 18.70 -7.50
C PHE D 15 18.24 17.89 -8.79
N GLN D 16 17.98 16.59 -8.66
CA GLN D 16 17.86 15.70 -9.81
C GLN D 16 16.40 15.69 -10.25
N CYS D 17 16.11 16.48 -11.29
CA CYS D 17 14.75 16.56 -11.80
C CYS D 17 14.31 15.20 -12.36
N LEU D 18 13.09 14.79 -12.02
CA LEU D 18 12.56 13.50 -12.42
C LEU D 18 11.42 13.63 -13.43
N ASN D 19 10.41 14.42 -13.14
CA ASN D 19 9.25 14.54 -14.02
C ASN D 19 8.57 15.88 -13.75
N ARG D 20 7.73 16.29 -14.70
CA ARG D 20 6.94 17.50 -14.58
C ARG D 20 5.49 17.13 -14.27
N ILE D 21 4.91 17.79 -13.27
CA ILE D 21 3.56 17.47 -12.83
C ILE D 21 2.53 18.12 -13.73
N GLU D 22 2.52 19.45 -13.78
CA GLU D 22 1.56 20.18 -14.59
C GLU D 22 2.05 21.61 -14.85
N THR D 25 0.78 27.34 -16.30
CA THR D 25 0.97 28.20 -17.47
C THR D 25 2.43 28.61 -17.62
N TYR D 26 2.77 29.81 -17.16
CA TYR D 26 4.15 30.27 -17.25
C TYR D 26 5.07 29.47 -16.33
N GLY D 27 4.55 29.01 -15.20
CA GLY D 27 5.33 28.21 -14.27
C GLY D 27 5.13 26.73 -14.48
N VAL D 28 6.20 25.96 -14.23
CA VAL D 28 6.17 24.51 -14.38
C VAL D 28 6.65 23.90 -13.06
N VAL D 29 5.89 22.96 -12.54
CA VAL D 29 6.18 22.31 -11.26
C VAL D 29 6.77 20.93 -11.57
N TYR D 30 7.97 20.67 -11.04
CA TYR D 30 8.67 19.41 -11.25
C TYR D 30 8.80 18.65 -9.93
N ARG D 31 9.33 17.44 -10.03
CA ARG D 31 9.65 16.61 -8.89
C ARG D 31 11.13 16.25 -8.94
N ALA D 32 11.84 16.48 -7.83
CA ALA D 32 13.27 16.24 -7.77
C ALA D 32 13.61 15.67 -6.40
N LYS D 33 14.91 15.42 -6.19
CA LYS D 33 15.43 14.90 -4.94
C LYS D 33 16.65 15.70 -4.53
N ASP D 34 16.60 16.28 -3.33
CA ASP D 34 17.73 17.07 -2.85
C ASP D 34 18.90 16.18 -2.47
N LYS D 35 18.64 15.08 -1.77
CA LYS D 35 19.69 14.18 -1.34
C LYS D 35 19.14 12.77 -1.08
N GLU D 39 15.60 12.86 -0.52
CA GLU D 39 14.23 13.21 -0.14
C GLU D 39 13.45 13.75 -1.33
N ILE D 40 12.28 13.18 -1.59
CA ILE D 40 11.44 13.64 -2.68
C ILE D 40 10.93 15.04 -2.37
N VAL D 41 11.07 15.94 -3.36
CA VAL D 41 10.75 17.34 -3.15
C VAL D 41 10.19 17.90 -4.46
N ALA D 42 9.29 18.88 -4.35
CA ALA D 42 8.66 19.51 -5.49
C ALA D 42 9.35 20.83 -5.80
N LEU D 43 9.67 21.05 -7.07
CA LEU D 43 10.35 22.24 -7.54
C LEU D 43 9.53 22.90 -8.63
N LYS D 44 9.41 24.22 -8.58
CA LYS D 44 8.67 24.98 -9.57
C LYS D 44 9.53 26.12 -10.10
N ARG D 45 9.63 26.24 -11.42
CA ARG D 45 10.27 27.38 -12.05
C ARG D 45 9.24 28.47 -12.26
N LEU D 46 9.55 29.68 -11.79
CA LEU D 46 8.58 30.76 -11.76
C LEU D 46 8.41 31.35 -13.17
N LYS D 47 7.47 32.30 -13.29
CA LYS D 47 7.17 32.90 -14.58
C LYS D 47 8.38 33.68 -15.10
N MET D 48 8.59 33.60 -16.40
CA MET D 48 9.71 34.26 -17.07
C MET D 48 9.25 35.59 -17.65
N GLU D 49 9.98 36.65 -17.33
CA GLU D 49 9.67 37.99 -17.80
C GLU D 49 10.76 38.46 -18.76
N LYS D 50 10.34 38.91 -19.95
CA LYS D 50 11.31 39.39 -20.94
C LYS D 50 12.04 40.63 -20.45
N GLU D 51 11.32 41.55 -19.79
CA GLU D 51 11.93 42.75 -19.27
C GLU D 51 12.87 42.41 -18.12
N LYS D 52 14.16 42.69 -18.29
CA LYS D 52 15.19 42.33 -17.33
C LYS D 52 15.88 43.58 -16.78
N GLU D 53 15.11 44.64 -16.53
CA GLU D 53 15.66 45.83 -15.90
C GLU D 53 16.07 45.59 -14.45
N GLY D 54 15.49 44.57 -13.81
CA GLY D 54 15.84 44.22 -12.44
C GLY D 54 15.30 42.85 -12.08
N PHE D 55 14.87 42.67 -10.84
CA PHE D 55 14.23 41.42 -10.46
C PHE D 55 12.85 41.35 -11.12
N PRO D 56 12.42 40.15 -11.50
CA PRO D 56 11.07 40.01 -12.07
C PRO D 56 10.00 40.29 -11.03
N ILE D 57 9.24 41.37 -11.23
CA ILE D 57 8.25 41.80 -10.24
C ILE D 57 7.17 40.73 -10.08
N THR D 58 6.79 40.08 -11.18
CA THR D 58 5.74 39.07 -11.12
C THR D 58 6.11 37.92 -10.19
N SER D 59 7.37 37.47 -10.24
CA SER D 59 7.81 36.44 -9.32
C SER D 59 7.86 36.96 -7.89
N LEU D 60 8.20 38.24 -7.72
CA LEU D 60 8.30 38.83 -6.38
C LEU D 60 6.96 38.80 -5.67
N ARG D 61 5.89 39.18 -6.37
CA ARG D 61 4.55 39.12 -5.78
C ARG D 61 4.17 37.68 -5.45
N GLU D 62 4.50 36.74 -6.34
CA GLU D 62 4.27 35.34 -6.05
C GLU D 62 5.10 34.88 -4.86
N ILE D 63 6.36 35.34 -4.78
CA ILE D 63 7.23 34.98 -3.67
C ILE D 63 6.70 35.57 -2.36
N ASN D 64 6.31 36.84 -2.37
CA ASN D 64 5.86 37.49 -1.15
C ASN D 64 4.59 36.86 -0.60
N THR D 65 3.63 36.55 -1.49
CA THR D 65 2.34 36.04 -1.02
C THR D 65 2.48 34.66 -0.41
N ILE D 66 3.27 33.78 -1.02
CA ILE D 66 3.35 32.40 -0.53
C ILE D 66 4.04 32.34 0.82
N LEU D 67 5.06 33.17 1.05
CA LEU D 67 5.73 33.18 2.33
C LEU D 67 4.85 33.78 3.42
N LYS D 68 4.12 34.85 3.09
CA LYS D 68 3.19 35.44 4.04
C LYS D 68 2.01 34.51 4.34
N ALA D 69 1.81 33.49 3.53
CA ALA D 69 0.67 32.58 3.66
C ALA D 69 1.06 31.21 4.20
N GLN D 70 2.24 31.10 4.81
CA GLN D 70 2.68 29.81 5.34
C GLN D 70 1.77 29.39 6.49
N HIS D 71 1.22 28.18 6.40
CA HIS D 71 0.16 27.72 7.27
C HIS D 71 0.12 26.21 7.21
N PRO D 72 -0.35 25.54 8.27
CA PRO D 72 -0.47 24.07 8.20
C PRO D 72 -1.35 23.58 7.07
N ASN D 73 -2.30 24.39 6.62
CA ASN D 73 -3.13 24.07 5.47
C ASN D 73 -2.61 24.70 4.18
N ILE D 74 -1.34 25.09 4.16
CA ILE D 74 -0.67 25.63 2.98
C ILE D 74 0.63 24.86 2.81
N VAL D 75 1.08 24.75 1.55
CA VAL D 75 2.29 23.99 1.26
C VAL D 75 3.47 24.59 2.02
N THR D 76 4.31 23.72 2.58
CA THR D 76 5.46 24.15 3.37
C THR D 76 6.63 24.44 2.42
N VAL D 77 6.99 25.71 2.31
CA VAL D 77 8.12 26.11 1.48
C VAL D 77 9.41 25.86 2.25
N ARG D 78 10.36 25.17 1.61
CA ARG D 78 11.65 24.88 2.22
C ARG D 78 12.74 25.85 1.78
N GLU D 79 12.91 26.03 0.47
CA GLU D 79 13.96 26.89 -0.05
C GLU D 79 13.44 27.70 -1.23
N ILE D 80 14.14 28.79 -1.53
CA ILE D 80 13.90 29.59 -2.72
C ILE D 80 15.23 29.73 -3.44
N VAL D 81 15.30 29.28 -4.70
CA VAL D 81 16.53 29.22 -5.46
C VAL D 81 16.42 30.17 -6.65
N VAL D 82 17.43 31.00 -6.83
CA VAL D 82 17.48 31.92 -7.97
C VAL D 82 18.60 31.52 -8.91
N SER D 84 22.54 32.22 -12.93
CA SER D 84 21.36 32.22 -13.79
C SER D 84 21.05 33.63 -14.27
N ASN D 85 21.75 34.60 -13.70
CA ASN D 85 21.55 36.02 -14.01
C ASN D 85 20.10 36.43 -13.80
N MET D 86 19.47 35.85 -12.78
CA MET D 86 18.11 36.20 -12.38
C MET D 86 17.08 35.93 -13.47
N ASP D 87 17.44 35.09 -14.45
CA ASP D 87 16.52 34.79 -15.54
C ASP D 87 15.41 33.85 -15.07
N LYS D 88 15.74 32.91 -14.19
CA LYS D 88 14.77 31.93 -13.70
C LYS D 88 14.80 31.90 -12.18
N ILE D 89 13.62 31.80 -11.59
CA ILE D 89 13.45 31.77 -10.13
C ILE D 89 12.76 30.47 -9.78
N TYR D 90 13.30 29.77 -8.78
CA TYR D 90 12.82 28.45 -8.38
C TYR D 90 12.36 28.48 -6.92
N ILE D 91 11.26 27.80 -6.64
CA ILE D 91 10.72 27.69 -5.29
C ILE D 91 10.71 26.21 -4.90
N VAL D 92 11.30 25.91 -3.75
CA VAL D 92 11.42 24.54 -3.25
C VAL D 92 10.37 24.34 -2.17
N MET D 93 9.56 23.29 -2.31
CA MET D 93 8.48 23.01 -1.38
C MET D 93 8.37 21.51 -1.17
N ASN D 94 7.93 21.12 0.03
CA ASN D 94 7.73 19.71 0.34
C ASN D 94 6.69 19.10 -0.59
N TYR D 95 6.98 17.89 -1.07
CA TYR D 95 6.13 17.26 -2.07
C TYR D 95 4.84 16.74 -1.44
N VAL D 96 3.71 17.13 -2.04
CA VAL D 96 2.40 16.57 -1.70
C VAL D 96 2.06 15.53 -2.74
N GLU D 97 1.43 14.44 -2.31
CA GLU D 97 1.29 13.25 -3.15
C GLU D 97 0.07 13.29 -4.06
N HIS D 98 -0.92 14.14 -3.79
CA HIS D 98 -2.13 14.15 -4.59
C HIS D 98 -2.62 15.59 -4.76
N ASP D 99 -3.38 15.80 -5.84
CA ASP D 99 -4.22 16.98 -5.98
C ASP D 99 -5.67 16.50 -6.05
N LEU D 100 -6.59 17.38 -5.66
CA LEU D 100 -7.99 16.96 -5.56
C LEU D 100 -8.56 16.61 -6.93
N LYS D 101 -8.27 17.42 -7.95
CA LYS D 101 -8.88 17.20 -9.26
C LYS D 101 -8.50 15.83 -9.85
N SER D 102 -7.22 15.47 -9.75
CA SER D 102 -6.81 14.15 -10.22
C SER D 102 -7.31 13.05 -9.29
N LEU D 103 -7.49 13.36 -8.01
CA LEU D 103 -7.96 12.34 -7.07
C LEU D 103 -9.39 11.93 -7.38
N MET D 104 -10.28 12.91 -7.60
CA MET D 104 -11.70 12.59 -7.83
C MET D 104 -11.89 11.80 -9.12
N GLU D 105 -11.15 12.15 -10.18
CA GLU D 105 -11.33 11.46 -11.45
C GLU D 105 -10.81 10.04 -11.44
N THR D 106 -10.09 9.64 -10.40
CA THR D 106 -9.66 8.25 -10.20
C THR D 106 -10.24 7.67 -8.92
N MET D 107 -11.48 8.04 -8.60
CA MET D 107 -12.15 7.58 -7.40
C MET D 107 -13.38 6.77 -7.78
N LYS D 108 -13.52 5.59 -7.18
CA LYS D 108 -14.69 4.76 -7.43
C LYS D 108 -15.88 5.22 -6.58
N GLN D 109 -15.73 5.18 -5.26
CA GLN D 109 -16.77 5.70 -4.39
C GLN D 109 -16.52 7.18 -4.08
N PRO D 110 -17.58 7.99 -3.97
CA PRO D 110 -17.38 9.42 -3.71
C PRO D 110 -16.91 9.70 -2.29
N PHE D 111 -16.61 10.97 -2.00
CA PHE D 111 -16.20 11.35 -0.66
C PHE D 111 -17.34 11.16 0.33
N LEU D 112 -17.00 10.68 1.52
CA LEU D 112 -17.98 10.52 2.58
C LEU D 112 -18.41 11.89 3.10
N PRO D 113 -19.62 11.99 3.65
CA PRO D 113 -20.06 13.29 4.21
C PRO D 113 -19.16 13.79 5.32
N GLY D 114 -18.60 12.89 6.13
CA GLY D 114 -17.72 13.33 7.21
C GLY D 114 -16.42 13.94 6.70
N GLU D 115 -15.79 13.31 5.71
CA GLU D 115 -14.51 13.82 5.21
C GLU D 115 -14.69 15.09 4.39
N VAL D 116 -15.86 15.25 3.76
CA VAL D 116 -16.12 16.50 3.03
C VAL D 116 -16.09 17.68 3.98
N LYS D 117 -16.73 17.55 5.14
CA LYS D 117 -16.70 18.62 6.14
C LYS D 117 -15.27 18.89 6.60
N THR D 118 -14.50 17.84 6.87
CA THR D 118 -13.12 18.03 7.29
C THR D 118 -12.29 18.70 6.20
N LEU D 119 -12.48 18.29 4.95
CA LEU D 119 -11.75 18.92 3.85
C LEU D 119 -12.13 20.39 3.73
N MET D 120 -13.42 20.71 3.87
CA MET D 120 -13.84 22.11 3.82
C MET D 120 -13.30 22.90 5.00
N ILE D 121 -13.20 22.28 6.18
CA ILE D 121 -12.63 22.95 7.34
C ILE D 121 -11.18 23.33 7.08
N GLN D 122 -10.40 22.39 6.53
CA GLN D 122 -9.01 22.69 6.20
C GLN D 122 -8.91 23.76 5.13
N LEU D 123 -9.78 23.70 4.12
CA LEU D 123 -9.77 24.72 3.09
C LEU D 123 -10.15 26.08 3.65
N LEU D 124 -11.22 26.14 4.45
CA LEU D 124 -11.66 27.41 5.01
C LEU D 124 -10.64 27.98 5.99
N ARG D 125 -9.89 27.11 6.68
CA ARG D 125 -8.82 27.58 7.54
C ARG D 125 -7.76 28.33 6.74
N GLY D 126 -7.37 27.78 5.59
CA GLY D 126 -6.36 28.45 4.78
C GLY D 126 -6.82 29.77 4.20
N VAL D 127 -8.06 29.80 3.70
CA VAL D 127 -8.59 31.03 3.12
C VAL D 127 -8.68 32.13 4.17
N LYS D 128 -9.04 31.75 5.41
CA LYS D 128 -9.08 32.74 6.49
C LYS D 128 -7.68 33.30 6.75
N HIS D 129 -6.65 32.46 6.67
CA HIS D 129 -5.29 32.93 6.86
C HIS D 129 -4.90 33.94 5.78
N LEU D 130 -5.29 33.69 4.54
CA LEU D 130 -4.97 34.61 3.45
C LEU D 130 -5.66 35.95 3.65
N HIS D 131 -6.97 35.92 3.92
CA HIS D 131 -7.73 37.16 4.05
C HIS D 131 -7.29 37.96 5.27
N ASP D 132 -6.93 37.28 6.36
CA ASP D 132 -6.42 37.97 7.53
C ASP D 132 -5.07 38.61 7.27
N ASN D 133 -4.30 38.05 6.34
CA ASN D 133 -2.98 38.55 5.99
C ASN D 133 -2.97 39.38 4.71
N TRP D 134 -4.14 39.84 4.27
CA TRP D 134 -4.27 40.72 3.10
C TRP D 134 -3.71 40.05 1.85
N ILE D 135 -4.29 38.90 1.51
CA ILE D 135 -3.84 38.11 0.37
C ILE D 135 -5.05 37.56 -0.37
N LEU D 136 -5.03 37.66 -1.69
CA LEU D 136 -6.00 37.00 -2.56
C LEU D 136 -5.33 35.85 -3.29
N HIS D 137 -6.11 34.81 -3.59
CA HIS D 137 -5.63 33.70 -4.41
C HIS D 137 -6.02 33.86 -5.87
N ARG D 138 -7.29 34.20 -6.12
CA ARG D 138 -7.80 34.55 -7.46
C ARG D 138 -7.73 33.40 -8.44
N ASP D 139 -7.28 32.22 -7.99
CA ASP D 139 -7.24 31.04 -8.84
C ASP D 139 -7.66 29.79 -8.06
N LEU D 140 -8.57 29.95 -7.11
CA LEU D 140 -9.01 28.83 -6.28
C LEU D 140 -9.75 27.82 -7.14
N LYS D 141 -9.09 26.70 -7.45
CA LYS D 141 -9.68 25.66 -8.26
C LYS D 141 -9.29 24.31 -7.68
N THR D 142 -9.99 23.27 -8.12
CA THR D 142 -9.78 21.93 -7.57
C THR D 142 -8.37 21.42 -7.84
N SER D 143 -7.85 21.66 -9.06
CA SER D 143 -6.50 21.22 -9.38
C SER D 143 -5.42 22.07 -8.71
N ASN D 144 -5.79 23.22 -8.14
CA ASN D 144 -4.85 24.06 -7.42
C ASN D 144 -4.68 23.65 -5.96
N LEU D 145 -5.44 22.65 -5.50
CA LEU D 145 -5.42 22.21 -4.11
C LEU D 145 -4.79 20.83 -4.02
N LEU D 146 -3.94 20.63 -3.01
CA LEU D 146 -3.20 19.39 -2.84
C LEU D 146 -3.61 18.72 -1.53
N LEU D 147 -3.60 17.38 -1.54
CA LEU D 147 -3.93 16.58 -0.37
C LEU D 147 -2.84 15.54 -0.16
N SER D 148 -2.31 15.50 1.06
CA SER D 148 -1.28 14.53 1.39
C SER D 148 -1.91 13.18 1.74
N HIS D 149 -1.06 12.15 1.82
CA HIS D 149 -1.53 10.81 2.18
C HIS D 149 -2.08 10.76 3.61
N ALA D 150 -1.72 11.72 4.45
CA ALA D 150 -2.27 11.82 5.79
C ALA D 150 -3.62 12.54 5.83
N GLY D 151 -4.12 12.99 4.68
CA GLY D 151 -5.39 13.69 4.64
C GLY D 151 -5.33 15.16 4.95
N ILE D 152 -4.17 15.79 4.81
CA ILE D 152 -4.00 17.21 5.12
C ILE D 152 -4.11 18.00 3.83
N LEU D 153 -5.09 18.90 3.77
CA LEU D 153 -5.31 19.72 2.59
C LEU D 153 -4.36 20.91 2.60
N LYS D 154 -3.78 21.20 1.44
CA LYS D 154 -2.83 22.30 1.31
C LYS D 154 -2.99 22.95 -0.07
N VAL D 155 -2.85 24.28 -0.10
CA VAL D 155 -2.86 25.02 -1.35
C VAL D 155 -1.44 25.05 -1.91
N GLY D 156 -1.31 24.76 -3.21
CA GLY D 156 0.01 24.59 -3.78
C GLY D 156 0.39 25.52 -4.92
N ASP D 157 -0.29 26.66 -5.05
CA ASP D 157 0.08 27.62 -6.08
C ASP D 157 -0.38 29.01 -5.67
N PHE D 158 0.44 30.01 -6.03
CA PHE D 158 0.10 31.40 -5.79
C PHE D 158 0.50 32.27 -6.98
N GLY D 159 0.44 31.72 -8.19
CA GLY D 159 0.82 32.49 -9.37
C GLY D 159 -0.07 33.68 -9.62
N LEU D 160 -1.37 33.57 -9.31
CA LEU D 160 -2.32 34.65 -9.49
C LEU D 160 -2.63 35.37 -8.19
N ALA D 161 -1.75 35.27 -7.20
CA ALA D 161 -1.99 35.88 -5.91
C ALA D 161 -1.80 37.39 -5.96
N ARG D 162 -2.39 38.08 -4.98
CA ARG D 162 -2.32 39.54 -4.91
C ARG D 162 -2.70 39.98 -3.50
N GLU D 163 -2.07 41.07 -3.06
CA GLU D 163 -2.34 41.66 -1.75
C GLU D 163 -3.28 42.85 -1.92
N TYR D 164 -4.31 42.91 -1.06
CA TYR D 164 -5.26 44.01 -1.05
C TYR D 164 -5.09 44.84 0.21
N GLY D 165 -5.47 46.12 0.12
CA GLY D 165 -5.37 47.04 1.23
C GLY D 165 -6.73 47.52 1.71
N SER D 166 -6.70 48.31 2.78
CA SER D 166 -7.94 48.84 3.35
C SER D 166 -8.71 49.71 2.36
N PRO D 167 -8.09 50.68 1.65
CA PRO D 167 -8.81 51.37 0.57
C PRO D 167 -8.80 50.53 -0.70
N LEU D 168 -9.96 49.98 -1.05
CA LEU D 168 -10.05 49.07 -2.18
C LEU D 168 -9.92 49.84 -3.49
N LYS D 169 -9.26 49.22 -4.46
CA LYS D 169 -9.05 49.81 -5.78
C LYS D 169 -9.22 48.74 -6.84
N ALA D 170 -9.31 49.18 -8.09
CA ALA D 170 -9.45 48.26 -9.20
C ALA D 170 -8.15 47.51 -9.43
N TYR D 171 -8.25 46.19 -9.61
CA TYR D 171 -7.07 45.36 -9.82
C TYR D 171 -7.17 44.56 -11.11
N TPO D 172 -6.48 43.43 -11.17
CA TPO D 172 -6.46 42.57 -12.37
CB TPO D 172 -5.09 41.89 -12.49
CG2 TPO D 172 -5.06 41.02 -13.74
OG1 TPO D 172 -4.05 42.87 -12.56
P TPO D 172 -3.29 42.89 -11.14
O1P TPO D 172 -2.00 43.86 -11.23
O2P TPO D 172 -2.80 41.40 -10.75
O3P TPO D 172 -4.20 43.39 -10.09
C TPO D 172 -7.58 41.54 -12.31
O TPO D 172 -7.46 40.53 -11.62
N PRO D 173 -8.67 41.79 -13.05
CA PRO D 173 -9.92 41.03 -12.89
C PRO D 173 -10.08 39.80 -13.79
N VAL D 174 -9.11 39.55 -14.67
CA VAL D 174 -9.23 38.48 -15.65
C VAL D 174 -8.80 37.16 -15.04
N VAL D 175 -8.62 37.15 -13.72
CA VAL D 175 -8.17 35.98 -12.97
C VAL D 175 -9.28 34.95 -12.88
N VAL D 176 -8.93 33.75 -12.39
CA VAL D 176 -9.85 32.67 -12.05
C VAL D 176 -10.35 31.95 -13.30
N THR D 177 -10.36 30.62 -13.24
CA THR D 177 -10.91 29.80 -14.31
C THR D 177 -12.42 30.04 -14.40
N LEU D 178 -12.96 29.83 -15.62
CA LEU D 178 -14.37 30.11 -15.86
C LEU D 178 -15.27 29.27 -14.96
N TRP D 179 -14.93 28.00 -14.75
CA TRP D 179 -15.77 27.11 -13.96
C TRP D 179 -15.89 27.56 -12.50
N TYR D 180 -14.93 28.34 -12.01
CA TYR D 180 -14.96 28.83 -10.63
C TYR D 180 -15.03 30.36 -10.59
N ARG D 181 -15.45 31.00 -11.68
CA ARG D 181 -15.48 32.45 -11.74
C ARG D 181 -16.61 33.02 -10.92
N ALA D 182 -16.33 34.09 -10.17
CA ALA D 182 -17.35 34.78 -9.42
C ALA D 182 -18.28 35.53 -10.38
N PRO D 183 -19.58 35.62 -10.04
CA PRO D 183 -20.52 36.32 -10.94
C PRO D 183 -20.19 37.80 -11.10
N GLU D 184 -19.62 38.44 -10.09
CA GLU D 184 -19.24 39.85 -10.22
C GLU D 184 -18.16 40.03 -11.27
N LEU D 185 -17.22 39.07 -11.36
CA LEU D 185 -16.20 39.13 -12.39
C LEU D 185 -16.79 38.82 -13.78
N LEU D 186 -17.75 37.90 -13.84
CA LEU D 186 -18.35 37.54 -15.12
C LEU D 186 -19.12 38.70 -15.72
N LEU D 187 -19.63 39.61 -14.89
CA LEU D 187 -20.43 40.73 -15.34
C LEU D 187 -19.62 42.04 -15.44
N GLY D 188 -18.30 41.94 -15.42
CA GLY D 188 -17.47 43.12 -15.60
C GLY D 188 -17.20 43.90 -14.33
N ALA D 189 -16.95 43.23 -13.22
CA ALA D 189 -16.64 43.92 -11.97
C ALA D 189 -15.24 44.51 -12.03
N LYS D 190 -15.10 45.73 -11.51
CA LYS D 190 -13.81 46.40 -11.46
C LYS D 190 -13.14 46.33 -10.11
N GLU D 191 -13.91 46.33 -9.01
CA GLU D 191 -13.39 46.24 -7.67
C GLU D 191 -13.90 44.96 -7.03
N TYR D 192 -13.01 44.23 -6.36
CA TYR D 192 -13.35 42.94 -5.77
C TYR D 192 -12.35 42.62 -4.68
N SER D 193 -12.83 42.01 -3.60
CA SER D 193 -11.97 41.61 -2.49
C SER D 193 -12.68 40.65 -1.54
N THR D 194 -12.03 39.53 -1.22
CA THR D 194 -12.51 38.55 -0.24
C THR D 194 -13.91 38.02 -0.54
N ALA D 195 -14.38 38.20 -1.78
CA ALA D 195 -15.68 37.70 -2.20
C ALA D 195 -15.59 36.75 -3.39
N VAL D 196 -14.71 37.04 -4.35
CA VAL D 196 -14.51 36.13 -5.47
C VAL D 196 -13.91 34.82 -4.98
N ASP D 197 -12.96 34.90 -4.05
CA ASP D 197 -12.36 33.69 -3.49
C ASP D 197 -13.39 32.84 -2.77
N MET D 198 -14.30 33.47 -2.02
CA MET D 198 -15.31 32.70 -1.29
C MET D 198 -16.32 32.07 -2.23
N TRP D 199 -16.58 32.70 -3.38
CA TRP D 199 -17.42 32.07 -4.38
C TRP D 199 -16.79 30.79 -4.90
N SER D 200 -15.48 30.81 -5.12
CA SER D 200 -14.79 29.62 -5.60
C SER D 200 -14.87 28.48 -4.58
N VAL D 201 -14.72 28.80 -3.30
CA VAL D 201 -14.86 27.79 -2.25
C VAL D 201 -16.25 27.17 -2.25
N GLY D 202 -17.27 27.97 -2.58
CA GLY D 202 -18.60 27.40 -2.78
C GLY D 202 -18.64 26.44 -3.95
N CYS D 203 -17.96 26.79 -5.05
CA CYS D 203 -17.91 25.91 -6.22
C CYS D 203 -17.17 24.62 -5.90
N ILE D 204 -16.05 24.72 -5.17
CA ILE D 204 -15.29 23.52 -4.82
C ILE D 204 -16.09 22.63 -3.89
N PHE D 205 -16.88 23.23 -3.01
CA PHE D 205 -17.73 22.44 -2.11
C PHE D 205 -18.72 21.59 -2.88
N GLY D 206 -19.34 22.16 -3.92
CA GLY D 206 -20.25 21.37 -4.74
C GLY D 206 -19.55 20.27 -5.52
N GLU D 207 -18.34 20.57 -6.02
CA GLU D 207 -17.60 19.57 -6.78
C GLU D 207 -17.15 18.41 -5.92
N LEU D 208 -16.83 18.66 -4.64
CA LEU D 208 -16.42 17.60 -3.75
C LEU D 208 -17.54 16.58 -3.55
N LEU D 209 -18.77 17.04 -3.39
CA LEU D 209 -19.89 16.14 -3.13
C LEU D 209 -20.21 15.26 -4.33
N THR D 210 -20.32 15.87 -5.52
CA THR D 210 -20.80 15.18 -6.70
C THR D 210 -19.69 14.62 -7.58
N GLN D 211 -18.42 14.85 -7.22
CA GLN D 211 -17.26 14.43 -8.01
C GLN D 211 -17.23 15.03 -9.40
N LYS D 212 -18.08 16.02 -9.68
CA LYS D 212 -18.19 16.64 -10.99
C LYS D 212 -18.16 18.16 -10.83
N PRO D 213 -17.70 18.88 -11.84
CA PRO D 213 -17.70 20.35 -11.75
C PRO D 213 -19.10 20.90 -11.55
N LEU D 214 -19.21 21.93 -10.70
CA LEU D 214 -20.52 22.49 -10.39
C LEU D 214 -21.11 23.24 -11.58
N PHE D 215 -20.29 24.05 -12.25
CA PHE D 215 -20.73 24.86 -13.39
C PHE D 215 -19.77 24.63 -14.55
N PRO D 216 -19.94 23.54 -15.30
CA PRO D 216 -19.06 23.26 -16.44
C PRO D 216 -19.46 24.03 -17.70
N GLY D 217 -19.47 25.35 -17.58
CA GLY D 217 -19.83 26.19 -18.72
C GLY D 217 -18.75 26.16 -19.78
N LYS D 218 -19.15 25.97 -21.04
CA LYS D 218 -18.19 25.93 -22.13
C LYS D 218 -17.67 27.32 -22.49
N SER D 219 -18.49 28.35 -22.35
CA SER D 219 -18.10 29.72 -22.62
C SER D 219 -18.56 30.61 -21.48
N GLU D 220 -18.05 31.85 -21.48
CA GLU D 220 -18.50 32.82 -20.49
C GLU D 220 -20.01 33.03 -20.58
N ILE D 221 -20.55 32.94 -21.79
CA ILE D 221 -21.99 33.00 -22.00
C ILE D 221 -22.67 31.82 -21.32
N ASP D 222 -22.14 30.61 -21.53
CA ASP D 222 -22.74 29.41 -20.96
C ASP D 222 -22.61 29.39 -19.44
N GLN D 223 -21.50 29.90 -18.91
CA GLN D 223 -21.30 29.91 -17.47
C GLN D 223 -22.35 30.75 -16.77
N ILE D 224 -22.67 31.92 -17.33
CA ILE D 224 -23.72 32.77 -16.76
C ILE D 224 -25.07 32.06 -16.82
N ASN D 225 -25.36 31.41 -17.95
CA ASN D 225 -26.63 30.71 -18.09
C ASN D 225 -26.74 29.56 -17.08
N LYS D 226 -25.65 28.81 -16.89
CA LYS D 226 -25.69 27.71 -15.93
C LYS D 226 -25.90 28.22 -14.51
N VAL D 227 -25.24 29.32 -14.15
CA VAL D 227 -25.43 29.91 -12.82
C VAL D 227 -26.85 30.45 -12.68
N PHE D 228 -27.33 31.16 -13.70
CA PHE D 228 -28.66 31.76 -13.61
C PHE D 228 -29.77 30.72 -13.63
N LYS D 229 -29.55 29.61 -14.35
CA LYS D 229 -30.58 28.57 -14.41
C LYS D 229 -30.83 27.95 -13.05
N ASP D 230 -29.77 27.73 -12.27
CA ASP D 230 -29.89 27.08 -10.96
C ASP D 230 -30.10 28.09 -9.85
N LEU D 231 -29.16 29.02 -9.68
CA LEU D 231 -29.21 29.97 -8.58
C LEU D 231 -30.23 31.08 -8.79
N GLY D 232 -30.74 31.25 -10.01
CA GLY D 232 -31.69 32.30 -10.31
C GLY D 232 -31.04 33.49 -11.00
N THR D 233 -31.90 34.38 -11.49
CA THR D 233 -31.44 35.59 -12.17
C THR D 233 -31.45 36.74 -11.18
N PRO D 234 -30.29 37.31 -10.83
CA PRO D 234 -30.26 38.37 -9.84
C PRO D 234 -30.86 39.67 -10.38
N SER D 235 -31.02 40.63 -9.48
CA SER D 235 -31.58 41.93 -9.82
C SER D 235 -31.12 42.95 -8.79
N GLU D 236 -31.56 44.20 -8.97
CA GLU D 236 -31.17 45.26 -8.05
C GLU D 236 -31.73 45.04 -6.65
N LYS D 237 -32.93 44.46 -6.56
CA LYS D 237 -33.52 44.20 -5.25
C LYS D 237 -32.68 43.23 -4.44
N ILE D 238 -32.19 42.16 -5.08
CA ILE D 238 -31.32 41.19 -4.40
C ILE D 238 -29.86 41.57 -4.51
N TRP D 239 -29.52 42.62 -5.25
CA TRP D 239 -28.14 43.03 -5.45
C TRP D 239 -28.09 44.49 -5.85
N PRO D 240 -27.99 45.41 -4.89
CA PRO D 240 -27.82 46.83 -5.24
C PRO D 240 -26.54 47.03 -6.04
N GLY D 241 -26.60 47.93 -7.02
CA GLY D 241 -25.53 48.09 -7.96
C GLY D 241 -25.58 47.15 -9.14
N TYR D 242 -26.63 46.32 -9.24
CA TYR D 242 -26.77 45.42 -10.39
C TYR D 242 -26.89 46.20 -11.69
N SER D 243 -27.65 47.30 -11.67
CA SER D 243 -27.76 48.15 -12.85
C SER D 243 -26.41 48.79 -13.19
N GLU D 244 -25.64 49.15 -12.17
CA GLU D 244 -24.33 49.78 -12.40
C GLU D 244 -23.31 48.82 -12.99
N LEU D 245 -23.58 47.51 -12.98
CA LEU D 245 -22.65 46.56 -13.56
C LEU D 245 -22.59 46.75 -15.08
N PRO D 246 -21.39 46.77 -15.67
CA PRO D 246 -21.31 47.07 -17.12
C PRO D 246 -22.05 46.06 -17.99
N ALA D 247 -21.90 44.76 -17.71
CA ALA D 247 -22.58 43.75 -18.52
C ALA D 247 -24.09 43.87 -18.42
N VAL D 248 -24.60 44.08 -17.20
CA VAL D 248 -26.03 44.27 -17.03
C VAL D 248 -26.48 45.58 -17.67
N LYS D 249 -25.62 46.61 -17.62
CA LYS D 249 -25.96 47.90 -18.20
C LYS D 249 -26.03 47.85 -19.72
N LYS D 250 -25.48 46.79 -20.35
CA LYS D 250 -25.47 46.69 -21.80
C LYS D 250 -26.08 45.40 -22.31
N MET D 251 -26.55 44.50 -21.45
CA MET D 251 -27.00 43.19 -21.87
C MET D 251 -28.08 42.69 -20.92
N THR D 252 -28.97 41.85 -21.45
CA THR D 252 -30.08 41.29 -20.69
C THR D 252 -30.00 39.77 -20.72
N PHE D 253 -30.51 39.15 -19.67
CA PHE D 253 -30.46 37.69 -19.52
C PHE D 253 -31.85 37.17 -19.20
N SER D 254 -32.08 35.91 -19.57
CA SER D 254 -33.37 35.28 -19.34
C SER D 254 -33.62 35.10 -17.84
N GLU D 255 -34.86 35.35 -17.42
CA GLU D 255 -35.22 35.25 -16.02
C GLU D 255 -35.49 33.80 -15.65
N HIS D 256 -34.75 33.28 -14.67
CA HIS D 256 -34.94 31.92 -14.15
C HIS D 256 -35.27 32.02 -12.67
N PRO D 257 -36.55 32.06 -12.31
CA PRO D 257 -36.91 32.10 -10.89
C PRO D 257 -36.46 30.84 -10.17
N TYR D 258 -36.11 31.00 -8.90
CA TYR D 258 -35.62 29.91 -8.05
C TYR D 258 -34.40 29.22 -8.66
N ARG D 262 -32.92 26.10 -7.30
CA ARG D 262 -32.67 24.75 -7.78
C ARG D 262 -31.64 24.04 -6.90
N LYS D 263 -32.07 22.95 -6.27
CA LYS D 263 -31.23 22.17 -5.36
C LYS D 263 -30.93 20.82 -6.01
N ARG D 264 -29.78 20.73 -6.66
CA ARG D 264 -29.33 19.47 -7.23
C ARG D 264 -28.75 18.58 -6.13
N PHE D 265 -28.39 17.36 -6.52
CA PHE D 265 -27.81 16.33 -5.62
C PHE D 265 -28.53 16.30 -4.27
N GLY D 266 -29.86 16.33 -4.34
CA GLY D 266 -30.66 16.34 -3.14
C GLY D 266 -30.60 15.05 -2.37
N ALA D 267 -31.14 15.09 -1.15
CA ALA D 267 -31.18 13.97 -0.21
C ALA D 267 -29.79 13.52 0.23
N LEU D 268 -28.74 14.26 -0.13
CA LEU D 268 -27.39 13.97 0.32
C LEU D 268 -26.77 15.11 1.12
N LEU D 269 -27.40 16.28 1.15
CA LEU D 269 -26.93 17.42 1.92
C LEU D 269 -28.04 17.87 2.85
N SER D 270 -27.69 18.12 4.12
CA SER D 270 -28.68 18.50 5.11
C SER D 270 -29.20 19.92 4.81
N ASP D 271 -30.27 20.29 5.51
CA ASP D 271 -30.85 21.61 5.32
C ASP D 271 -29.86 22.71 5.68
N GLN D 272 -29.12 22.54 6.78
CA GLN D 272 -28.07 23.50 7.12
C GLN D 272 -26.95 23.47 6.10
N GLY D 273 -26.70 22.32 5.48
CA GLY D 273 -25.70 22.26 4.43
C GLY D 273 -26.06 23.10 3.23
N PHE D 274 -27.34 23.09 2.84
CA PHE D 274 -27.80 23.99 1.78
C PHE D 274 -27.69 25.44 2.21
N ASP D 275 -28.01 25.72 3.49
CA ASP D 275 -27.90 27.08 3.98
C ASP D 275 -26.46 27.59 3.94
N LEU D 276 -25.50 26.75 4.33
CA LEU D 276 -24.10 27.15 4.24
C LEU D 276 -23.67 27.35 2.79
N MET D 277 -24.11 26.47 1.89
CA MET D 277 -23.82 26.63 0.47
C MET D 277 -24.43 27.91 -0.08
N ASN D 278 -25.64 28.24 0.35
CA ASN D 278 -26.29 29.46 -0.12
C ASN D 278 -25.50 30.70 0.29
N LYS D 279 -24.99 30.71 1.53
CA LYS D 279 -24.17 31.84 1.96
C LYS D 279 -22.86 31.90 1.20
N PHE D 280 -22.31 30.74 0.81
CA PHE D 280 -21.12 30.75 -0.03
C PHE D 280 -21.39 31.40 -1.37
N LEU D 281 -22.42 30.95 -2.07
CA LEU D 281 -22.75 31.43 -3.41
C LEU D 281 -23.82 32.52 -3.37
N THR D 282 -23.50 33.60 -2.68
CA THR D 282 -24.39 34.76 -2.59
C THR D 282 -24.06 35.73 -3.72
N TYR D 283 -25.11 36.16 -4.44
CA TYR D 283 -24.90 37.08 -5.57
C TYR D 283 -24.29 38.39 -5.10
N PHE D 284 -24.77 38.93 -3.99
CA PHE D 284 -24.24 40.18 -3.46
C PHE D 284 -22.91 39.91 -2.76
N PRO D 285 -21.79 40.47 -3.23
CA PRO D 285 -20.52 40.26 -2.53
C PRO D 285 -20.51 40.77 -1.10
N GLY D 286 -21.25 41.85 -0.82
CA GLY D 286 -21.29 42.37 0.54
C GLY D 286 -21.91 41.39 1.52
N ARG D 287 -22.98 40.70 1.09
CA ARG D 287 -23.66 39.73 1.93
C ARG D 287 -23.09 38.32 1.80
N ARG D 288 -22.06 38.13 0.98
CA ARG D 288 -21.43 36.82 0.85
C ARG D 288 -20.70 36.46 2.15
N ILE D 289 -20.81 35.19 2.54
CA ILE D 289 -20.25 34.76 3.81
C ILE D 289 -18.73 34.82 3.76
N SER D 290 -18.12 35.06 4.92
CA SER D 290 -16.68 35.11 5.05
C SER D 290 -16.14 33.72 5.42
N ALA D 291 -14.81 33.63 5.50
CA ALA D 291 -14.19 32.35 5.84
C ALA D 291 -14.46 31.97 7.29
N GLU D 292 -14.26 32.92 8.22
CA GLU D 292 -14.49 32.62 9.63
C GLU D 292 -15.95 32.33 9.92
N ASP D 293 -16.86 33.09 9.30
CA ASP D 293 -18.28 32.83 9.48
C ASP D 293 -18.69 31.48 8.92
N GLY D 294 -18.06 31.07 7.80
CA GLY D 294 -18.33 29.75 7.27
C GLY D 294 -17.74 28.64 8.11
N LEU D 295 -16.65 28.93 8.83
CA LEU D 295 -16.05 27.92 9.70
C LEU D 295 -16.92 27.63 10.92
N LYS D 296 -17.62 28.63 11.43
CA LYS D 296 -18.43 28.51 12.62
C LYS D 296 -19.86 28.04 12.33
N HIS D 297 -20.16 27.72 11.08
CA HIS D 297 -21.51 27.32 10.70
C HIS D 297 -21.90 26.01 11.39
N GLU D 298 -23.20 25.87 11.65
CA GLU D 298 -23.73 24.69 12.33
C GLU D 298 -23.70 23.45 11.45
N TYR D 299 -23.42 23.58 10.16
CA TYR D 299 -23.34 22.41 9.29
C TYR D 299 -22.22 21.47 9.74
N PHE D 300 -21.08 22.02 10.13
CA PHE D 300 -20.00 21.22 10.68
C PHE D 300 -20.32 20.64 12.05
N ARG D 301 -21.39 21.12 12.68
CA ARG D 301 -21.89 20.55 13.93
C ARG D 301 -23.22 19.82 13.74
N GLU D 302 -23.41 19.19 12.58
CA GLU D 302 -24.62 18.47 12.27
C GLU D 302 -24.43 16.98 12.52
N THR D 303 -25.46 16.20 12.21
CA THR D 303 -25.43 14.76 12.52
C THR D 303 -24.25 14.04 11.87
N PRO D 304 -23.91 14.24 10.59
CA PRO D 304 -22.67 13.60 10.09
C PRO D 304 -21.43 14.41 10.46
N LEU D 305 -20.94 14.19 11.68
CA LEU D 305 -19.81 14.96 12.19
C LEU D 305 -18.57 14.71 11.33
N PRO D 306 -17.73 15.72 11.14
CA PRO D 306 -16.51 15.54 10.34
C PRO D 306 -15.59 14.49 10.94
N ILE D 307 -14.92 13.74 10.07
CA ILE D 307 -14.03 12.66 10.47
C ILE D 307 -12.60 13.19 10.47
N ASP D 308 -11.79 12.63 11.36
CA ASP D 308 -10.41 13.09 11.50
C ASP D 308 -9.63 12.85 10.21
N PRO D 309 -8.71 13.76 9.85
CA PRO D 309 -7.87 13.52 8.66
C PRO D 309 -7.06 12.24 8.75
N SER D 310 -6.65 11.84 9.97
CA SER D 310 -5.91 10.59 10.13
C SER D 310 -6.75 9.37 9.80
N MET D 311 -8.08 9.51 9.74
CA MET D 311 -8.97 8.42 9.40
C MET D 311 -9.38 8.45 7.94
N PHE D 312 -8.77 9.30 7.12
CA PHE D 312 -9.13 9.39 5.72
C PHE D 312 -8.65 8.14 4.97
N PRO D 313 -9.44 7.62 4.03
CA PRO D 313 -8.97 6.51 3.20
C PRO D 313 -7.83 6.93 2.29
N LYS D 314 -6.64 6.37 2.51
CA LYS D 314 -5.46 6.76 1.76
C LYS D 314 -5.38 5.99 0.45
N LEU D 315 -4.47 6.45 -0.41
CA LEU D 315 -4.22 5.83 -1.71
C LEU D 315 -2.74 5.53 -1.85
N VAL D 316 -2.43 4.40 -2.47
CA VAL D 316 -1.05 3.98 -2.65
C VAL D 316 -0.33 4.92 -3.61
N VAL E 12 18.94 22.70 -29.07
CA VAL E 12 19.06 21.53 -29.94
C VAL E 12 20.47 21.45 -30.51
N GLU E 13 20.81 20.30 -31.07
CA GLU E 13 22.13 20.09 -31.64
C GLU E 13 22.32 20.93 -32.90
N GLU E 14 23.57 21.35 -33.14
CA GLU E 14 23.96 22.11 -34.33
C GLU E 14 23.20 23.43 -34.43
N PHE E 15 22.79 23.99 -33.28
CA PHE E 15 22.07 25.25 -33.28
C PHE E 15 22.20 25.86 -31.90
N GLN E 16 22.91 26.99 -31.80
CA GLN E 16 23.07 27.71 -30.55
C GLN E 16 21.91 28.69 -30.41
N CYS E 17 21.08 28.48 -29.39
CA CYS E 17 19.89 29.31 -29.17
C CYS E 17 20.32 30.69 -28.72
N LEU E 18 20.32 31.65 -29.65
CA LEU E 18 20.68 33.02 -29.29
C LEU E 18 19.70 33.60 -28.28
N ASN E 19 18.41 33.40 -28.51
CA ASN E 19 17.37 33.88 -27.61
C ASN E 19 16.05 33.22 -27.99
N ARG E 20 15.06 33.37 -27.11
CA ARG E 20 13.70 32.95 -27.39
C ARG E 20 12.86 34.18 -27.68
N ILE E 21 12.19 34.18 -28.84
CA ILE E 21 11.45 35.36 -29.27
C ILE E 21 10.19 35.54 -28.45
N GLU E 22 9.27 34.58 -28.57
CA GLU E 22 8.02 34.57 -27.81
C GLU E 22 7.49 33.14 -27.80
N GLU E 23 6.30 32.97 -27.24
CA GLU E 23 5.71 31.63 -27.14
C GLU E 23 4.20 31.73 -27.23
N GLY E 24 3.60 30.71 -27.83
CA GLY E 24 2.15 30.59 -27.91
C GLY E 24 1.67 29.24 -27.47
N THR E 25 0.87 29.21 -26.41
CA THR E 25 0.37 27.97 -25.79
C THR E 25 1.58 27.13 -25.39
N TYR E 26 1.77 25.94 -25.95
CA TYR E 26 2.90 25.09 -25.60
C TYR E 26 3.97 25.07 -26.69
N GLY E 27 3.91 26.02 -27.62
CA GLY E 27 4.93 26.18 -28.64
C GLY E 27 5.73 27.44 -28.38
N VAL E 28 7.06 27.29 -28.37
CA VAL E 28 7.98 28.39 -28.12
C VAL E 28 8.90 28.54 -29.32
N VAL E 29 9.06 29.77 -29.80
CA VAL E 29 9.90 30.07 -30.95
C VAL E 29 11.19 30.70 -30.47
N TYR E 30 12.32 30.17 -30.93
CA TYR E 30 13.64 30.59 -30.51
C TYR E 30 14.37 31.24 -31.69
N ARG E 31 15.61 31.67 -31.44
CA ARG E 31 16.48 32.23 -32.46
C ARG E 31 17.83 31.55 -32.35
N ALA E 32 18.29 30.96 -33.45
CA ALA E 32 19.52 30.17 -33.46
C ALA E 32 20.38 30.56 -34.65
N LYS E 33 21.50 29.88 -34.79
CA LYS E 33 22.44 30.11 -35.89
C LYS E 33 22.93 28.78 -36.41
N ASP E 34 22.94 28.62 -37.74
CA ASP E 34 23.38 27.38 -38.38
C ASP E 34 24.80 27.50 -38.91
N LYS E 35 25.05 28.47 -39.79
CA LYS E 35 26.37 28.69 -40.39
C LYS E 35 26.91 27.43 -41.07
N GLU E 39 24.63 31.46 -39.88
CA GLU E 39 23.51 32.20 -40.43
C GLU E 39 22.30 32.11 -39.51
N ILE E 40 21.70 33.27 -39.22
CA ILE E 40 20.60 33.33 -38.26
C ILE E 40 19.35 32.70 -38.85
N VAL E 41 18.76 31.77 -38.12
CA VAL E 41 17.51 31.12 -38.50
C VAL E 41 16.52 31.24 -37.35
N ALA E 42 15.30 30.77 -37.57
CA ALA E 42 14.26 30.73 -36.56
C ALA E 42 13.89 29.29 -36.28
N LEU E 43 13.75 28.95 -35.00
CA LEU E 43 13.45 27.59 -34.56
C LEU E 43 12.26 27.61 -33.62
N LYS E 44 11.40 26.60 -33.73
CA LYS E 44 10.25 26.44 -32.87
C LYS E 44 10.14 25.00 -32.40
N ARG E 45 9.89 24.81 -31.11
CA ARG E 45 9.59 23.51 -30.54
C ARG E 45 8.08 23.40 -30.35
N LEU E 46 7.49 22.34 -30.89
CA LEU E 46 6.04 22.19 -30.91
C LEU E 46 5.52 21.70 -29.57
N LYS E 47 4.20 21.77 -29.42
CA LYS E 47 3.54 21.28 -28.22
C LYS E 47 3.65 19.77 -28.13
N MET E 48 3.73 19.27 -26.90
CA MET E 48 3.76 17.84 -26.64
C MET E 48 2.59 17.42 -25.75
N GLU E 49 2.12 16.20 -25.99
CA GLU E 49 0.94 15.66 -25.33
C GLU E 49 1.26 14.87 -24.07
N LYS E 50 2.53 14.82 -23.66
CA LYS E 50 2.95 14.20 -22.41
C LYS E 50 2.76 12.69 -22.42
N GLU E 51 2.29 12.13 -23.54
CA GLU E 51 2.14 10.70 -23.74
C GLU E 51 2.64 10.39 -25.15
N LYS E 52 3.95 10.18 -25.27
CA LYS E 52 4.59 9.98 -26.57
C LYS E 52 4.66 8.50 -26.94
N GLU E 53 3.52 7.81 -26.92
CA GLU E 53 3.47 6.42 -27.37
C GLU E 53 3.74 6.33 -28.87
N GLY E 54 3.18 7.25 -29.65
CA GLY E 54 3.42 7.34 -31.07
C GLY E 54 3.86 8.74 -31.45
N PHE E 55 3.60 9.09 -32.70
CA PHE E 55 3.92 10.45 -33.14
C PHE E 55 2.88 11.42 -32.60
N PRO E 56 3.30 12.59 -32.14
CA PRO E 56 2.33 13.60 -31.67
C PRO E 56 1.39 14.02 -32.78
N ILE E 57 0.10 13.78 -32.58
CA ILE E 57 -0.90 14.14 -33.58
C ILE E 57 -0.96 15.66 -33.76
N THR E 58 -0.84 16.40 -32.66
CA THR E 58 -0.84 17.85 -32.74
C THR E 58 0.35 18.36 -33.55
N SER E 59 1.52 17.76 -33.35
CA SER E 59 2.69 18.15 -34.14
C SER E 59 2.48 17.85 -35.62
N LEU E 60 1.94 16.67 -35.93
CA LEU E 60 1.78 16.28 -37.34
C LEU E 60 0.82 17.22 -38.07
N ARG E 61 -0.27 17.61 -37.42
CA ARG E 61 -1.21 18.55 -38.05
C ARG E 61 -0.54 19.89 -38.32
N GLU E 62 0.23 20.39 -37.35
CA GLU E 62 0.95 21.65 -37.56
C GLU E 62 1.98 21.52 -38.66
N ILE E 63 2.70 20.40 -38.70
CA ILE E 63 3.68 20.17 -39.76
C ILE E 63 3.00 20.14 -41.12
N ASN E 64 1.85 19.46 -41.21
CA ASN E 64 1.17 19.31 -42.49
C ASN E 64 0.66 20.65 -43.02
N THR E 65 0.04 21.45 -42.16
CA THR E 65 -0.51 22.72 -42.62
C THR E 65 0.59 23.67 -43.08
N ILE E 66 1.69 23.74 -42.32
CA ILE E 66 2.77 24.65 -42.69
C ILE E 66 3.48 24.18 -43.96
N LEU E 67 3.61 22.87 -44.15
CA LEU E 67 4.28 22.37 -45.35
C LEU E 67 3.42 22.54 -46.59
N LYS E 68 2.13 22.23 -46.50
CA LYS E 68 1.24 22.37 -47.64
C LYS E 68 1.04 23.84 -48.01
N ALA E 69 1.09 24.74 -47.03
CA ALA E 69 0.87 26.15 -47.26
C ALA E 69 2.14 26.90 -47.63
N GLN E 70 3.15 26.20 -48.16
CA GLN E 70 4.38 26.86 -48.57
C GLN E 70 4.10 27.87 -49.69
N HIS E 71 4.26 29.15 -49.38
CA HIS E 71 3.88 30.25 -50.25
C HIS E 71 4.90 31.36 -50.05
N PRO E 72 5.12 32.21 -51.07
CA PRO E 72 6.05 33.33 -50.88
C PRO E 72 5.67 34.27 -49.75
N ASN E 73 4.40 34.33 -49.37
CA ASN E 73 3.95 35.11 -48.22
C ASN E 73 3.81 34.28 -46.96
N ILE E 74 4.24 33.02 -46.99
CA ILE E 74 4.21 32.12 -45.84
C ILE E 74 5.65 31.80 -45.46
N VAL E 75 5.94 31.74 -44.15
CA VAL E 75 7.32 31.66 -43.67
C VAL E 75 8.04 30.52 -44.37
N THR E 76 9.30 30.77 -44.73
CA THR E 76 10.10 29.80 -45.47
C THR E 76 10.66 28.78 -44.49
N VAL E 77 10.07 27.59 -44.48
CA VAL E 77 10.59 26.48 -43.68
C VAL E 77 11.79 25.88 -44.40
N ARG E 78 12.89 25.69 -43.67
CA ARG E 78 14.11 25.15 -44.25
C ARG E 78 14.48 23.77 -43.73
N GLU E 79 13.92 23.34 -42.61
CA GLU E 79 14.27 22.06 -42.01
C GLU E 79 13.29 21.73 -40.90
N ILE E 80 13.05 20.43 -40.70
CA ILE E 80 12.25 19.93 -39.59
C ILE E 80 13.07 18.85 -38.88
N VAL E 81 13.22 18.98 -37.57
CA VAL E 81 14.09 18.12 -36.77
C VAL E 81 13.24 17.33 -35.78
N VAL E 82 13.46 16.02 -35.75
CA VAL E 82 12.82 15.13 -34.79
C VAL E 82 13.89 14.31 -34.09
N GLY E 83 13.82 14.24 -32.76
CA GLY E 83 14.81 13.51 -32.01
C GLY E 83 14.34 13.26 -30.59
N SER E 84 15.21 12.57 -29.83
CA SER E 84 14.97 12.24 -28.42
C SER E 84 13.69 11.42 -28.27
N ASN E 85 13.67 10.28 -28.96
CA ASN E 85 12.53 9.35 -28.93
C ASN E 85 11.23 10.05 -29.33
N MET E 86 11.33 10.98 -30.28
CA MET E 86 10.20 11.73 -30.82
C MET E 86 9.46 12.52 -29.74
N ASP E 87 10.09 12.74 -28.59
CA ASP E 87 9.46 13.51 -27.52
C ASP E 87 9.45 15.01 -27.85
N LYS E 88 10.54 15.52 -28.40
CA LYS E 88 10.67 16.93 -28.75
C LYS E 88 10.81 17.06 -30.26
N ILE E 89 9.96 17.90 -30.85
CA ILE E 89 9.95 18.13 -32.29
C ILE E 89 10.33 19.59 -32.52
N TYR E 90 11.27 19.81 -33.44
CA TYR E 90 11.74 21.15 -33.77
C TYR E 90 11.59 21.40 -35.26
N ILE E 91 11.16 22.61 -35.60
CA ILE E 91 11.01 23.04 -36.99
C ILE E 91 11.89 24.25 -37.21
N VAL E 92 12.71 24.20 -38.27
CA VAL E 92 13.66 25.26 -38.61
C VAL E 92 13.08 26.07 -39.74
N MET E 93 13.15 27.40 -39.62
CA MET E 93 12.63 28.30 -40.63
C MET E 93 13.55 29.51 -40.75
N ASN E 94 13.52 30.14 -41.91
CA ASN E 94 14.30 31.36 -42.13
C ASN E 94 13.78 32.47 -41.23
N TYR E 95 14.70 33.19 -40.60
CA TYR E 95 14.34 34.22 -39.64
C TYR E 95 13.80 35.46 -40.35
N VAL E 96 12.68 35.98 -39.85
CA VAL E 96 12.09 37.22 -40.35
C VAL E 96 12.42 38.32 -39.36
N GLU E 97 12.65 39.53 -39.87
CA GLU E 97 13.20 40.61 -39.06
C GLU E 97 12.24 41.02 -37.94
N HIS E 98 10.99 41.31 -38.27
CA HIS E 98 10.05 41.89 -37.33
C HIS E 98 8.72 41.16 -37.37
N ASP E 99 7.83 41.54 -36.46
CA ASP E 99 6.43 41.14 -36.47
C ASP E 99 5.56 42.38 -36.35
N LEU E 100 4.33 42.30 -36.85
CA LEU E 100 3.48 43.48 -36.92
C LEU E 100 3.14 44.02 -35.55
N LYS E 101 2.85 43.13 -34.59
CA LYS E 101 2.46 43.58 -33.25
C LYS E 101 3.58 44.39 -32.60
N SER E 102 4.83 43.93 -32.72
CA SER E 102 5.95 44.70 -32.19
C SER E 102 6.08 46.04 -32.90
N LEU E 103 5.86 46.05 -34.22
CA LEU E 103 5.91 47.31 -34.97
C LEU E 103 4.75 48.23 -34.59
N MET E 104 3.61 47.66 -34.17
CA MET E 104 2.49 48.49 -33.76
C MET E 104 2.83 49.31 -32.53
N GLU E 105 3.53 48.71 -31.56
CA GLU E 105 3.86 49.38 -30.31
C GLU E 105 5.18 50.13 -30.37
N THR E 106 5.87 50.13 -31.52
CA THR E 106 7.17 50.79 -31.65
C THR E 106 7.23 51.69 -32.88
N MET E 107 6.09 52.24 -33.29
CA MET E 107 6.02 53.13 -34.44
C MET E 107 5.35 54.44 -34.03
N LYS E 108 6.01 55.55 -34.31
CA LYS E 108 5.46 56.86 -33.95
C LYS E 108 4.28 57.23 -34.84
N GLN E 109 4.42 57.03 -36.15
CA GLN E 109 3.39 57.39 -37.10
C GLN E 109 2.70 56.13 -37.65
N PRO E 110 1.41 56.21 -37.97
CA PRO E 110 0.71 55.04 -38.50
C PRO E 110 1.17 54.73 -39.93
N PHE E 111 0.77 53.54 -40.38
CA PHE E 111 1.11 53.10 -41.73
C PHE E 111 0.40 53.95 -42.77
N LEU E 112 1.11 54.26 -43.86
CA LEU E 112 0.50 54.96 -44.96
C LEU E 112 -0.50 54.05 -45.68
N PRO E 113 -1.57 54.62 -46.25
CA PRO E 113 -2.58 53.78 -46.92
C PRO E 113 -2.01 52.93 -48.04
N GLY E 114 -1.04 53.45 -48.80
CA GLY E 114 -0.39 52.64 -49.81
C GLY E 114 0.37 51.47 -49.22
N GLU E 115 1.07 51.71 -48.11
CA GLU E 115 1.77 50.63 -47.42
C GLU E 115 0.78 49.60 -46.88
N VAL E 116 -0.37 50.06 -46.39
CA VAL E 116 -1.39 49.14 -45.89
C VAL E 116 -1.90 48.24 -47.01
N LYS E 117 -2.15 48.81 -48.19
CA LYS E 117 -2.66 48.03 -49.31
C LYS E 117 -1.65 46.98 -49.75
N THR E 118 -0.36 47.34 -49.76
CA THR E 118 0.67 46.36 -50.10
C THR E 118 0.68 45.22 -49.09
N LEU E 119 0.58 45.54 -47.79
CA LEU E 119 0.50 44.51 -46.78
C LEU E 119 -0.78 43.69 -46.91
N MET E 120 -1.91 44.36 -47.17
CA MET E 120 -3.17 43.65 -47.30
C MET E 120 -3.18 42.73 -48.51
N ILE E 121 -2.57 43.16 -49.62
CA ILE E 121 -2.49 42.32 -50.80
C ILE E 121 -1.68 41.06 -50.50
N GLN E 122 -0.54 41.21 -49.82
CA GLN E 122 0.25 40.05 -49.44
C GLN E 122 -0.51 39.17 -48.46
N LEU E 123 -1.27 39.78 -47.55
CA LEU E 123 -2.05 39.01 -46.58
C LEU E 123 -3.10 38.16 -47.28
N LEU E 124 -3.86 38.77 -48.19
CA LEU E 124 -4.95 38.03 -48.83
C LEU E 124 -4.44 36.98 -49.81
N ARG E 125 -3.24 37.18 -50.37
CA ARG E 125 -2.65 36.16 -51.22
C ARG E 125 -2.35 34.88 -50.44
N GLY E 126 -1.75 35.02 -49.25
CA GLY E 126 -1.46 33.86 -48.44
C GLY E 126 -2.71 33.17 -47.94
N VAL E 127 -3.72 33.95 -47.55
CA VAL E 127 -4.99 33.37 -47.11
C VAL E 127 -5.64 32.61 -48.27
N LYS E 128 -5.52 33.14 -49.49
CA LYS E 128 -6.05 32.44 -50.65
C LYS E 128 -5.37 31.09 -50.84
N HIS E 129 -4.05 31.03 -50.61
CA HIS E 129 -3.34 29.76 -50.72
C HIS E 129 -3.83 28.77 -49.67
N LEU E 130 -4.14 29.25 -48.46
CA LEU E 130 -4.62 28.36 -47.40
C LEU E 130 -5.94 27.72 -47.77
N HIS E 131 -6.92 28.54 -48.17
CA HIS E 131 -8.26 28.02 -48.44
C HIS E 131 -8.29 27.18 -49.71
N ASP E 132 -7.51 27.58 -50.72
CA ASP E 132 -7.41 26.77 -51.93
C ASP E 132 -6.82 25.39 -51.63
N ASN E 133 -5.93 25.32 -50.66
CA ASN E 133 -5.35 24.06 -50.23
C ASN E 133 -6.07 23.46 -49.02
N TRP E 134 -7.32 23.85 -48.79
CA TRP E 134 -8.16 23.27 -47.74
C TRP E 134 -7.51 23.39 -46.36
N ILE E 135 -7.06 24.60 -46.04
CA ILE E 135 -6.40 24.87 -44.77
C ILE E 135 -7.12 26.02 -44.06
N LEU E 136 -7.42 25.83 -42.78
CA LEU E 136 -7.95 26.88 -41.92
C LEU E 136 -6.89 27.22 -40.88
N HIS E 137 -6.49 28.49 -40.84
CA HIS E 137 -5.44 28.91 -39.91
C HIS E 137 -5.99 29.10 -38.50
N ARG E 138 -7.12 29.80 -38.37
CA ARG E 138 -7.89 30.00 -37.15
C ARG E 138 -7.18 30.87 -36.11
N ASP E 139 -5.96 31.34 -36.36
CA ASP E 139 -5.22 32.14 -35.39
C ASP E 139 -4.56 33.34 -36.06
N LEU E 140 -5.31 34.06 -36.86
CA LEU E 140 -4.77 35.21 -37.58
C LEU E 140 -4.77 36.44 -36.68
N LYS E 141 -3.58 36.99 -36.43
CA LYS E 141 -3.45 38.22 -35.66
C LYS E 141 -2.11 38.85 -36.00
N THR E 142 -1.95 40.11 -35.59
CA THR E 142 -0.75 40.87 -35.94
C THR E 142 0.50 40.24 -35.32
N SER E 143 0.39 39.68 -34.13
CA SER E 143 1.53 39.02 -33.49
C SER E 143 2.00 37.80 -34.28
N ASN E 144 1.11 37.21 -35.09
CA ASN E 144 1.48 36.07 -35.94
C ASN E 144 1.91 36.50 -37.33
N LEU E 145 1.86 37.79 -37.64
CA LEU E 145 2.25 38.28 -38.96
C LEU E 145 3.70 38.77 -38.91
N LEU E 146 4.50 38.31 -39.86
CA LEU E 146 5.94 38.57 -39.88
C LEU E 146 6.27 39.49 -41.05
N LEU E 147 7.05 40.53 -40.77
CA LEU E 147 7.38 41.55 -41.77
C LEU E 147 8.90 41.59 -41.93
N SER E 148 9.35 41.46 -43.17
CA SER E 148 10.77 41.42 -43.49
C SER E 148 11.28 42.80 -43.91
N HIS E 149 12.60 42.97 -43.84
CA HIS E 149 13.21 44.25 -44.16
C HIS E 149 12.88 44.71 -45.57
N ALA E 150 12.63 43.77 -46.49
CA ALA E 150 12.28 44.08 -47.86
C ALA E 150 10.78 44.30 -48.06
N GLY E 151 10.04 44.52 -46.97
CA GLY E 151 8.61 44.76 -47.08
C GLY E 151 7.76 43.54 -47.34
N ILE E 152 8.32 42.34 -47.20
CA ILE E 152 7.59 41.11 -47.46
C ILE E 152 6.87 40.67 -46.19
N LEU E 153 5.59 40.33 -46.33
CA LEU E 153 4.75 39.92 -45.22
C LEU E 153 4.71 38.40 -45.13
N LYS E 154 4.84 37.87 -43.91
CA LYS E 154 4.90 36.44 -43.68
C LYS E 154 3.99 36.06 -42.52
N VAL E 155 3.56 34.80 -42.53
CA VAL E 155 2.77 34.21 -41.45
C VAL E 155 3.65 33.17 -40.77
N GLY E 156 3.86 33.32 -39.46
CA GLY E 156 4.91 32.57 -38.80
C GLY E 156 4.51 31.39 -37.93
N ASP E 157 3.22 31.15 -37.72
CA ASP E 157 2.80 30.07 -36.85
C ASP E 157 1.58 29.36 -37.42
N PHE E 158 1.52 28.04 -37.20
CA PHE E 158 0.39 27.23 -37.62
C PHE E 158 -0.02 26.24 -36.52
N GLY E 159 0.21 26.60 -35.26
CA GLY E 159 -0.16 25.71 -34.17
C GLY E 159 -1.65 25.44 -34.08
N LEU E 160 -2.46 26.42 -34.46
CA LEU E 160 -3.91 26.29 -34.46
C LEU E 160 -4.47 26.06 -35.86
N ALA E 161 -3.61 25.83 -36.86
CA ALA E 161 -4.08 25.60 -38.21
C ALA E 161 -4.73 24.22 -38.33
N ARG E 162 -5.73 24.12 -39.21
CA ARG E 162 -6.49 22.89 -39.36
C ARG E 162 -6.99 22.78 -40.79
N GLU E 163 -7.20 21.55 -41.23
CA GLU E 163 -7.79 21.25 -42.53
C GLU E 163 -9.30 21.08 -42.40
N TYR E 164 -10.01 21.48 -43.46
CA TYR E 164 -11.46 21.35 -43.52
C TYR E 164 -11.84 20.60 -44.80
N GLY E 165 -13.13 20.35 -44.96
CA GLY E 165 -13.61 19.61 -46.12
C GLY E 165 -14.94 20.12 -46.60
N SER E 166 -15.24 19.80 -47.86
CA SER E 166 -16.52 20.19 -48.44
C SER E 166 -17.71 19.59 -47.68
N PRO E 167 -17.73 18.30 -47.31
CA PRO E 167 -18.75 17.85 -46.37
C PRO E 167 -18.44 18.35 -44.97
N LEU E 168 -18.79 19.61 -44.70
CA LEU E 168 -18.37 20.28 -43.48
C LEU E 168 -18.93 19.57 -42.25
N LYS E 169 -18.09 19.47 -41.21
CA LYS E 169 -18.47 18.86 -39.95
C LYS E 169 -18.06 19.77 -38.81
N ALA E 170 -18.49 19.40 -37.60
CA ALA E 170 -18.14 20.18 -36.42
C ALA E 170 -16.65 20.03 -36.11
N TYR E 171 -16.02 21.14 -35.74
CA TYR E 171 -14.61 21.13 -35.41
C TYR E 171 -14.36 21.75 -34.04
N TPO E 172 -13.11 22.09 -33.76
CA TPO E 172 -12.72 22.68 -32.48
CB TPO E 172 -11.20 22.74 -32.36
CG2 TPO E 172 -10.81 23.48 -31.08
OG1 TPO E 172 -10.65 21.42 -32.31
P TPO E 172 -9.99 21.10 -33.73
O1P TPO E 172 -10.92 21.51 -34.80
O2P TPO E 172 -8.60 21.91 -33.89
O3P TPO E 172 -9.68 19.52 -33.85
C TPO E 172 -13.33 24.07 -32.32
O TPO E 172 -13.06 24.98 -33.11
N PRO E 173 -14.17 24.23 -31.28
CA PRO E 173 -14.99 25.44 -31.09
C PRO E 173 -14.22 26.66 -30.58
N VAL E 174 -13.74 26.62 -29.35
CA VAL E 174 -13.08 27.78 -28.74
C VAL E 174 -11.65 27.88 -29.25
N VAL E 175 -11.46 28.68 -30.29
CA VAL E 175 -10.14 28.96 -30.86
C VAL E 175 -10.06 30.45 -31.16
N VAL E 176 -8.89 30.88 -31.65
CA VAL E 176 -8.61 32.25 -32.05
C VAL E 176 -8.56 33.16 -30.83
N THR E 177 -7.78 34.23 -30.91
CA THR E 177 -7.75 35.23 -29.85
C THR E 177 -9.09 35.94 -29.76
N LEU E 178 -9.43 36.39 -28.54
CA LEU E 178 -10.74 36.98 -28.30
C LEU E 178 -10.96 38.22 -29.15
N TRP E 179 -9.92 39.06 -29.31
CA TRP E 179 -10.07 40.28 -30.08
C TRP E 179 -10.39 39.99 -31.55
N TYR E 180 -9.74 38.99 -32.13
CA TYR E 180 -9.89 38.66 -33.53
C TYR E 180 -10.92 37.57 -33.79
N ARG E 181 -11.60 37.09 -32.76
CA ARG E 181 -12.50 35.95 -32.91
C ARG E 181 -13.77 36.36 -33.67
N ALA E 182 -14.24 35.44 -34.52
CA ALA E 182 -15.40 35.71 -35.35
C ALA E 182 -16.68 35.75 -34.50
N PRO E 183 -17.69 36.52 -34.93
CA PRO E 183 -18.93 36.57 -34.15
C PRO E 183 -19.64 35.23 -34.01
N GLU E 184 -19.55 34.37 -35.02
CA GLU E 184 -20.15 33.04 -34.90
C GLU E 184 -19.49 32.24 -33.79
N LEU E 185 -18.16 32.35 -33.66
CA LEU E 185 -17.48 31.71 -32.55
C LEU E 185 -17.84 32.36 -31.22
N LEU E 186 -18.04 33.68 -31.22
CA LEU E 186 -18.48 34.36 -30.01
C LEU E 186 -19.87 33.92 -29.58
N LEU E 187 -20.70 33.48 -30.53
CA LEU E 187 -22.05 33.04 -30.26
C LEU E 187 -22.16 31.53 -30.15
N GLY E 188 -21.04 30.82 -30.13
CA GLY E 188 -21.04 29.39 -29.97
C GLY E 188 -21.59 28.63 -31.16
N ALA E 189 -20.89 28.69 -32.29
CA ALA E 189 -21.31 28.01 -33.51
C ALA E 189 -20.58 26.67 -33.62
N LYS E 190 -21.36 25.60 -33.84
CA LYS E 190 -20.76 24.28 -33.97
C LYS E 190 -20.03 24.12 -35.30
N GLU E 191 -20.54 24.74 -36.36
CA GLU E 191 -19.96 24.61 -37.69
C GLU E 191 -19.39 25.96 -38.13
N TYR E 192 -18.19 25.93 -38.70
CA TYR E 192 -17.54 27.13 -39.21
C TYR E 192 -16.51 26.72 -40.25
N SER E 193 -16.32 27.58 -41.26
CA SER E 193 -15.36 27.30 -42.32
C SER E 193 -15.07 28.58 -43.09
N THR E 194 -13.79 28.93 -43.18
CA THR E 194 -13.28 29.99 -44.07
C THR E 194 -13.87 31.36 -43.78
N ALA E 195 -14.68 31.48 -42.73
CA ALA E 195 -15.25 32.76 -42.35
C ALA E 195 -14.56 33.38 -41.13
N VAL E 196 -14.05 32.54 -40.23
CA VAL E 196 -13.31 33.06 -39.08
C VAL E 196 -12.02 33.74 -39.53
N ASP E 197 -11.31 33.14 -40.49
CA ASP E 197 -10.08 33.74 -41.00
C ASP E 197 -10.37 35.07 -41.69
N MET E 198 -11.44 35.14 -42.47
CA MET E 198 -11.77 36.39 -43.16
C MET E 198 -12.20 37.48 -42.18
N TRP E 199 -12.90 37.09 -41.10
CA TRP E 199 -13.22 38.07 -40.06
C TRP E 199 -11.95 38.59 -39.40
N SER E 200 -10.98 37.71 -39.16
CA SER E 200 -9.71 38.14 -38.57
C SER E 200 -8.97 39.09 -39.51
N VAL E 201 -9.00 38.81 -40.81
CA VAL E 201 -8.33 39.66 -41.79
C VAL E 201 -8.88 41.09 -41.72
N GLY E 202 -10.20 41.21 -41.59
CA GLY E 202 -10.80 42.53 -41.42
C GLY E 202 -10.34 43.22 -40.14
N CYS E 203 -10.17 42.44 -39.07
CA CYS E 203 -9.69 43.02 -37.81
C CYS E 203 -8.26 43.53 -37.96
N ILE E 204 -7.40 42.78 -38.66
CA ILE E 204 -6.03 43.24 -38.92
C ILE E 204 -6.05 44.49 -39.79
N PHE E 205 -7.01 44.58 -40.71
CA PHE E 205 -7.12 45.76 -41.57
C PHE E 205 -7.37 47.02 -40.75
N GLY E 206 -8.27 46.95 -39.77
CA GLY E 206 -8.54 48.10 -38.94
C GLY E 206 -7.37 48.47 -38.05
N GLU E 207 -6.67 47.47 -37.51
CA GLU E 207 -5.56 47.73 -36.60
C GLU E 207 -4.41 48.45 -37.32
N LEU E 208 -4.19 48.14 -38.60
CA LEU E 208 -3.11 48.78 -39.34
C LEU E 208 -3.35 50.27 -39.48
N LEU E 209 -4.60 50.68 -39.70
CA LEU E 209 -4.90 52.09 -39.94
C LEU E 209 -4.69 52.93 -38.69
N THR E 210 -5.24 52.50 -37.57
CA THR E 210 -5.21 53.28 -36.34
C THR E 210 -4.07 52.90 -35.40
N GLN E 211 -3.26 51.89 -35.77
CA GLN E 211 -2.16 51.40 -34.94
C GLN E 211 -2.62 50.89 -33.59
N LYS E 212 -3.91 50.66 -33.45
CA LYS E 212 -4.51 50.14 -32.23
C LYS E 212 -5.44 48.99 -32.56
N PRO E 213 -5.60 48.04 -31.65
CA PRO E 213 -6.54 46.94 -31.89
C PRO E 213 -7.94 47.44 -32.15
N LEU E 214 -8.61 46.77 -33.10
CA LEU E 214 -9.95 47.18 -33.53
C LEU E 214 -10.99 46.94 -32.44
N PHE E 215 -10.97 45.76 -31.83
CA PHE E 215 -11.99 45.34 -30.87
C PHE E 215 -11.28 44.86 -29.61
N PRO E 216 -10.78 45.78 -28.77
CA PRO E 216 -10.06 45.38 -27.56
C PRO E 216 -11.01 44.98 -26.42
N GLY E 217 -11.82 43.95 -26.68
CA GLY E 217 -12.75 43.45 -25.70
C GLY E 217 -12.07 42.89 -24.46
N LYS E 218 -12.50 43.34 -23.28
CA LYS E 218 -11.93 42.82 -22.04
C LYS E 218 -12.27 41.35 -21.85
N SER E 219 -13.52 40.97 -22.11
CA SER E 219 -13.96 39.59 -22.01
C SER E 219 -14.81 39.27 -23.22
N GLU E 220 -15.39 38.07 -23.23
CA GLU E 220 -16.30 37.71 -24.32
C GLU E 220 -17.51 38.63 -24.34
N ILE E 221 -18.16 38.82 -23.19
CA ILE E 221 -19.35 39.66 -23.12
C ILE E 221 -19.03 41.07 -23.59
N ASP E 222 -17.88 41.61 -23.18
CA ASP E 222 -17.46 42.91 -23.68
C ASP E 222 -17.17 42.86 -25.18
N GLN E 223 -16.64 41.74 -25.66
CA GLN E 223 -16.27 41.63 -27.07
C GLN E 223 -17.49 41.71 -27.98
N ILE E 224 -18.59 41.04 -27.62
CA ILE E 224 -19.77 41.07 -28.47
C ILE E 224 -20.35 42.48 -28.54
N ASN E 225 -20.43 43.17 -27.41
CA ASN E 225 -21.03 44.50 -27.40
C ASN E 225 -20.15 45.53 -28.09
N LYS E 226 -18.83 45.36 -28.05
CA LYS E 226 -17.94 46.27 -28.75
C LYS E 226 -18.17 46.22 -30.26
N VAL E 227 -18.33 45.01 -30.80
CA VAL E 227 -18.56 44.87 -32.23
C VAL E 227 -19.96 45.38 -32.60
N PHE E 228 -20.96 45.06 -31.78
CA PHE E 228 -22.34 45.44 -32.10
C PHE E 228 -22.55 46.95 -32.01
N LYS E 229 -21.84 47.61 -31.10
CA LYS E 229 -22.02 49.05 -30.93
C LYS E 229 -21.58 49.84 -32.16
N ASP E 230 -20.55 49.36 -32.85
CA ASP E 230 -20.01 50.06 -34.02
C ASP E 230 -20.56 49.51 -35.34
N LEU E 231 -20.70 48.20 -35.46
CA LEU E 231 -21.19 47.60 -36.70
C LEU E 231 -22.70 47.40 -36.72
N GLY E 232 -23.40 47.70 -35.63
CA GLY E 232 -24.83 47.49 -35.60
C GLY E 232 -25.19 46.11 -35.09
N THR E 233 -26.38 46.01 -34.50
CA THR E 233 -26.85 44.74 -33.98
C THR E 233 -27.34 43.85 -35.13
N PRO E 234 -26.92 42.59 -35.18
CA PRO E 234 -27.38 41.70 -36.27
C PRO E 234 -28.87 41.40 -36.14
N SER E 235 -29.38 40.72 -37.16
CA SER E 235 -30.80 40.37 -37.21
C SER E 235 -30.97 39.10 -38.03
N GLU E 236 -32.10 38.43 -37.82
CA GLU E 236 -32.42 37.26 -38.62
C GLU E 236 -32.62 37.64 -40.09
N LYS E 237 -33.06 38.87 -40.36
CA LYS E 237 -33.13 39.35 -41.73
C LYS E 237 -31.76 39.47 -42.36
N ILE E 238 -30.75 39.84 -41.56
CA ILE E 238 -29.39 39.97 -42.07
C ILE E 238 -28.54 38.73 -41.78
N TRP E 239 -28.94 37.89 -40.83
CA TRP E 239 -28.20 36.68 -40.48
C TRP E 239 -29.19 35.55 -40.29
N PRO E 240 -29.44 34.74 -41.33
CA PRO E 240 -30.33 33.58 -41.15
C PRO E 240 -29.77 32.61 -40.13
N GLY E 241 -30.68 31.98 -39.38
CA GLY E 241 -30.27 31.11 -38.29
C GLY E 241 -29.83 31.83 -37.04
N TYR E 242 -30.07 33.13 -36.94
CA TYR E 242 -29.65 33.88 -35.75
C TYR E 242 -30.40 33.42 -34.51
N SER E 243 -31.69 33.15 -34.64
CA SER E 243 -32.48 32.73 -33.48
C SER E 243 -32.02 31.38 -32.95
N GLU E 244 -31.66 30.45 -33.86
CA GLU E 244 -31.23 29.12 -33.46
C GLU E 244 -29.86 29.12 -32.81
N LEU E 245 -29.12 30.22 -32.86
CA LEU E 245 -27.80 30.25 -32.24
C LEU E 245 -27.92 30.09 -30.73
N PRO E 246 -27.03 29.31 -30.10
CA PRO E 246 -27.17 29.08 -28.65
C PRO E 246 -27.10 30.35 -27.82
N ALA E 247 -26.27 31.31 -28.20
CA ALA E 247 -26.16 32.55 -27.42
C ALA E 247 -27.45 33.36 -27.50
N VAL E 248 -28.01 33.49 -28.70
CA VAL E 248 -29.27 34.23 -28.85
C VAL E 248 -30.43 33.47 -28.22
N LYS E 249 -30.34 32.14 -28.17
CA LYS E 249 -31.43 31.33 -27.63
C LYS E 249 -31.62 31.50 -26.13
N LYS E 250 -30.68 32.14 -25.42
CA LYS E 250 -30.80 32.30 -23.98
C LYS E 250 -30.36 33.69 -23.51
N MET E 251 -30.20 34.65 -24.40
CA MET E 251 -29.68 35.97 -24.04
C MET E 251 -30.14 37.04 -25.01
N THR E 252 -30.32 38.23 -24.48
CA THR E 252 -30.73 39.40 -25.25
C THR E 252 -29.67 40.49 -25.11
N PHE E 253 -29.34 41.12 -26.23
CA PHE E 253 -28.31 42.15 -26.28
C PHE E 253 -28.94 43.51 -26.58
N SER E 254 -28.21 44.56 -26.24
CA SER E 254 -28.65 45.92 -26.52
C SER E 254 -28.76 46.12 -28.03
N GLU E 255 -29.88 46.71 -28.45
CA GLU E 255 -30.15 46.92 -29.88
C GLU E 255 -29.54 48.25 -30.29
N HIS E 256 -28.35 48.19 -30.90
CA HIS E 256 -27.67 49.38 -31.40
C HIS E 256 -27.64 49.35 -32.91
N PRO E 257 -28.39 50.23 -33.60
CA PRO E 257 -28.44 50.24 -35.07
C PRO E 257 -27.24 50.96 -35.69
N LEU E 261 -24.70 51.51 -37.76
CA LEU E 261 -23.31 51.27 -38.12
C LEU E 261 -22.52 52.58 -38.21
N ARG E 262 -21.53 52.72 -37.34
CA ARG E 262 -20.68 53.91 -37.30
C ARG E 262 -19.25 53.53 -37.63
N LYS E 263 -18.44 54.55 -37.93
CA LYS E 263 -17.05 54.36 -38.30
C LYS E 263 -16.17 55.30 -37.48
N ARG E 264 -15.02 54.78 -37.02
CA ARG E 264 -14.04 55.57 -36.30
C ARG E 264 -12.76 55.80 -37.10
N PHE E 265 -12.78 55.47 -38.40
CA PHE E 265 -11.64 55.68 -39.29
C PHE E 265 -11.80 56.94 -40.13
N GLY E 266 -12.50 57.93 -39.61
CA GLY E 266 -12.81 59.11 -40.42
C GLY E 266 -11.54 59.80 -40.90
N ALA E 267 -11.59 60.26 -42.15
CA ALA E 267 -10.52 60.95 -42.86
C ALA E 267 -9.31 60.05 -43.12
N LEU E 268 -9.37 58.77 -42.74
CA LEU E 268 -8.28 57.84 -42.99
C LEU E 268 -8.65 56.72 -43.95
N LEU E 269 -9.92 56.60 -44.33
CA LEU E 269 -10.39 55.55 -45.23
C LEU E 269 -11.30 56.14 -46.29
N SER E 270 -11.15 55.66 -47.51
CA SER E 270 -11.98 56.09 -48.61
C SER E 270 -13.33 55.37 -48.57
N ASP E 271 -14.23 55.77 -49.47
CA ASP E 271 -15.56 55.16 -49.53
C ASP E 271 -15.47 53.68 -49.89
N GLN E 272 -14.62 53.33 -50.86
CA GLN E 272 -14.47 51.93 -51.24
C GLN E 272 -13.76 51.13 -50.16
N GLY E 273 -12.90 51.77 -49.37
CA GLY E 273 -12.27 51.07 -48.26
C GLY E 273 -13.26 50.60 -47.23
N PHE E 274 -14.24 51.44 -46.89
CA PHE E 274 -15.30 51.02 -45.99
C PHE E 274 -16.13 49.90 -46.62
N ASP E 275 -16.37 49.99 -47.93
CA ASP E 275 -17.09 48.92 -48.62
C ASP E 275 -16.33 47.60 -48.54
N LEU E 276 -15.01 47.64 -48.74
CA LEU E 276 -14.20 46.43 -48.59
C LEU E 276 -14.20 45.96 -47.14
N MET E 277 -14.07 46.89 -46.19
CA MET E 277 -14.04 46.52 -44.78
C MET E 277 -15.36 45.91 -44.34
N ASN E 278 -16.48 46.49 -44.76
CA ASN E 278 -17.79 45.96 -44.38
C ASN E 278 -18.02 44.57 -44.96
N LYS E 279 -17.39 44.27 -46.11
CA LYS E 279 -17.46 42.91 -46.64
C LYS E 279 -16.61 41.96 -45.83
N PHE E 280 -15.47 42.42 -45.31
CA PHE E 280 -14.66 41.59 -44.42
C PHE E 280 -15.42 41.26 -43.15
N LEU E 281 -15.97 42.27 -42.49
CA LEU E 281 -16.69 42.10 -41.23
C LEU E 281 -18.19 41.99 -41.47
N THR E 282 -18.57 40.99 -42.26
CA THR E 282 -19.97 40.70 -42.53
C THR E 282 -20.48 39.70 -41.51
N TYR E 283 -21.62 40.01 -40.89
CA TYR E 283 -22.16 39.17 -39.83
C TYR E 283 -22.48 37.77 -40.35
N PHE E 284 -23.16 37.68 -41.48
CA PHE E 284 -23.51 36.40 -42.06
C PHE E 284 -22.28 35.78 -42.72
N PRO E 285 -21.85 34.58 -42.29
CA PRO E 285 -20.70 33.95 -42.96
C PRO E 285 -20.92 33.69 -44.44
N GLY E 286 -22.16 33.41 -44.85
CA GLY E 286 -22.42 33.15 -46.26
C GLY E 286 -22.18 34.36 -47.13
N ARG E 287 -22.50 35.55 -46.63
CA ARG E 287 -22.30 36.79 -47.37
C ARG E 287 -20.95 37.43 -47.12
N ARG E 288 -20.11 36.82 -46.29
CA ARG E 288 -18.79 37.36 -46.04
C ARG E 288 -17.88 37.15 -47.25
N ILE E 289 -17.07 38.16 -47.56
CA ILE E 289 -16.23 38.12 -48.74
C ILE E 289 -15.06 37.16 -48.50
N SER E 290 -14.59 36.55 -49.57
CA SER E 290 -13.48 35.62 -49.51
C SER E 290 -12.17 36.32 -49.83
N ALA E 291 -11.07 35.58 -49.70
CA ALA E 291 -9.75 36.14 -49.99
C ALA E 291 -9.59 36.48 -51.47
N GLU E 292 -10.11 35.61 -52.35
CA GLU E 292 -9.98 35.85 -53.78
C GLU E 292 -10.74 37.11 -54.20
N ASP E 293 -11.97 37.26 -53.72
CA ASP E 293 -12.75 38.44 -54.06
C ASP E 293 -12.21 39.69 -53.37
N GLY E 294 -11.57 39.53 -52.21
CA GLY E 294 -10.99 40.67 -51.54
C GLY E 294 -9.86 41.31 -52.32
N LEU E 295 -9.01 40.48 -52.94
CA LEU E 295 -7.91 41.01 -53.74
C LEU E 295 -8.42 41.80 -54.93
N LYS E 296 -9.50 41.34 -55.55
CA LYS E 296 -10.07 41.98 -56.72
C LYS E 296 -10.79 43.28 -56.40
N HIS E 297 -10.92 43.64 -55.12
CA HIS E 297 -11.67 44.84 -54.75
C HIS E 297 -11.02 46.09 -55.32
N GLU E 298 -11.85 47.05 -55.70
CA GLU E 298 -11.41 48.30 -56.31
C GLU E 298 -10.72 49.23 -55.33
N TYR E 299 -10.77 48.94 -54.03
CA TYR E 299 -10.06 49.77 -53.06
C TYR E 299 -8.56 49.75 -53.30
N PHE E 300 -8.03 48.59 -53.72
CA PHE E 300 -6.61 48.48 -54.05
C PHE E 300 -6.23 49.30 -55.27
N ARG E 301 -7.20 49.78 -56.05
CA ARG E 301 -6.96 50.56 -57.25
C ARG E 301 -7.52 51.97 -57.11
N GLU E 302 -7.54 52.51 -55.90
CA GLU E 302 -8.09 53.83 -55.63
C GLU E 302 -6.98 54.88 -55.66
N THR E 303 -7.30 56.10 -55.22
CA THR E 303 -6.35 57.20 -55.31
C THR E 303 -5.04 56.93 -54.58
N PRO E 304 -5.03 56.46 -53.31
CA PRO E 304 -3.76 56.05 -52.70
C PRO E 304 -3.39 54.66 -53.17
N LEU E 305 -2.35 54.57 -54.00
CA LEU E 305 -2.06 53.25 -54.54
C LEU E 305 -1.01 52.55 -53.71
N PRO E 306 -1.02 51.21 -53.70
CA PRO E 306 0.00 50.46 -52.96
C PRO E 306 1.40 50.72 -53.51
N ILE E 307 2.38 50.67 -52.62
CA ILE E 307 3.77 50.92 -52.98
C ILE E 307 4.51 49.59 -53.04
N ASP E 308 5.63 49.60 -53.75
CA ASP E 308 6.43 48.38 -53.88
C ASP E 308 6.99 47.98 -52.52
N PRO E 309 7.10 46.67 -52.25
CA PRO E 309 7.73 46.25 -50.99
C PRO E 309 9.17 46.72 -50.84
N SER E 310 9.89 46.88 -51.96
CA SER E 310 11.26 47.38 -51.90
C SER E 310 11.33 48.83 -51.44
N MET E 311 10.20 49.55 -51.47
CA MET E 311 10.15 50.93 -51.03
C MET E 311 9.71 51.07 -49.57
N PHE E 312 9.57 49.96 -48.86
CA PHE E 312 9.13 50.03 -47.46
C PHE E 312 10.26 50.60 -46.59
N PRO E 313 9.96 51.54 -45.71
CA PRO E 313 11.02 52.16 -44.89
C PRO E 313 11.54 51.27 -43.78
N LYS E 314 12.44 51.81 -42.96
CA LYS E 314 13.00 51.06 -41.84
C LYS E 314 12.01 50.92 -40.69
N LEU E 315 11.14 51.92 -40.51
CA LEU E 315 10.02 51.87 -39.58
C LEU E 315 10.45 51.96 -38.12
N VAL E 316 11.75 51.95 -37.86
CA VAL E 316 12.26 51.99 -36.49
C VAL E 316 13.74 52.34 -36.47
N GLU F 13 -51.40 7.35 40.80
CA GLU F 13 -52.53 7.73 39.95
C GLU F 13 -52.16 7.63 38.48
N GLU F 14 -52.76 6.66 37.79
CA GLU F 14 -52.53 6.41 36.37
C GLU F 14 -51.06 6.15 36.06
N PHE F 15 -50.28 5.75 37.06
CA PHE F 15 -48.86 5.42 36.87
C PHE F 15 -48.44 4.48 37.98
N GLN F 16 -47.96 3.29 37.62
CA GLN F 16 -47.45 2.33 38.58
C GLN F 16 -45.96 2.62 38.79
N CYS F 17 -45.62 3.10 39.98
CA CYS F 17 -44.25 3.49 40.30
C CYS F 17 -43.39 2.24 40.42
N LEU F 18 -42.63 1.93 39.38
CA LEU F 18 -41.75 0.77 39.43
C LEU F 18 -40.61 0.99 40.43
N ASN F 19 -39.98 2.17 40.40
CA ASN F 19 -38.89 2.47 41.31
C ASN F 19 -38.62 3.97 41.29
N ARG F 20 -38.11 4.47 42.41
CA ARG F 20 -37.53 5.80 42.48
C ARG F 20 -36.04 5.70 42.19
N ILE F 21 -35.45 6.82 41.79
CA ILE F 21 -34.05 6.86 41.35
C ILE F 21 -33.22 7.84 42.18
N GLU F 22 -33.75 9.04 42.42
CA GLU F 22 -33.04 10.08 43.16
C GLU F 22 -34.05 11.18 43.52
N GLU F 23 -33.52 12.24 44.12
CA GLU F 23 -34.36 13.37 44.54
C GLU F 23 -33.52 14.64 44.57
N GLY F 24 -34.19 15.77 44.33
CA GLY F 24 -33.56 17.07 44.35
C GLY F 24 -34.60 18.16 44.46
N THR F 25 -34.14 19.36 44.82
CA THR F 25 -34.96 20.54 45.09
C THR F 25 -36.25 20.19 45.82
N TYR F 26 -36.15 19.26 46.77
CA TYR F 26 -37.24 18.67 47.55
C TYR F 26 -38.17 17.82 46.69
N GLY F 27 -37.95 17.77 45.38
CA GLY F 27 -38.71 16.89 44.53
C GLY F 27 -38.03 15.54 44.35
N VAL F 28 -38.81 14.55 43.92
CA VAL F 28 -38.33 13.19 43.77
C VAL F 28 -38.76 12.66 42.41
N VAL F 29 -37.83 12.00 41.71
CA VAL F 29 -38.07 11.48 40.37
C VAL F 29 -38.27 9.97 40.47
N TYR F 30 -39.39 9.49 39.94
CA TYR F 30 -39.70 8.07 39.91
C TYR F 30 -39.48 7.52 38.51
N ARG F 31 -39.73 6.23 38.34
CA ARG F 31 -39.68 5.55 37.05
C ARG F 31 -40.97 4.77 36.89
N ALA F 32 -42.00 5.43 36.38
CA ALA F 32 -43.29 4.81 36.13
C ALA F 32 -43.40 4.41 34.66
N LYS F 33 -44.52 3.78 34.31
CA LYS F 33 -44.74 3.33 32.94
C LYS F 33 -46.22 3.06 32.74
N ASP F 34 -46.82 3.73 31.75
CA ASP F 34 -48.22 3.49 31.37
C ASP F 34 -48.48 4.01 29.96
N GLU F 39 -45.05 1.77 28.10
CA GLU F 39 -43.94 2.65 27.73
C GLU F 39 -43.26 3.21 28.98
N ILE F 40 -41.93 3.06 29.04
CA ILE F 40 -41.18 3.55 30.18
C ILE F 40 -41.17 5.07 30.16
N VAL F 41 -41.52 5.67 31.30
CA VAL F 41 -41.64 7.12 31.41
C VAL F 41 -40.92 7.58 32.68
N ALA F 42 -40.56 8.86 32.68
CA ALA F 42 -39.91 9.50 33.82
C ALA F 42 -40.90 10.46 34.47
N LEU F 43 -41.15 10.27 35.76
CA LEU F 43 -42.12 11.05 36.50
C LEU F 43 -41.44 11.66 37.72
N LYS F 44 -41.70 12.95 37.97
CA LYS F 44 -41.13 13.65 39.10
C LYS F 44 -42.24 14.38 39.84
N ARG F 45 -42.35 14.12 41.14
CA ARG F 45 -43.22 14.89 42.01
C ARG F 45 -42.45 16.10 42.51
N LEU F 46 -42.99 17.30 42.26
CA LEU F 46 -42.24 18.52 42.52
C LEU F 46 -42.28 18.88 44.01
N LYS F 47 -41.53 19.91 44.35
CA LYS F 47 -41.48 20.40 45.73
C LYS F 47 -42.86 20.90 46.16
N MET F 48 -43.26 20.52 47.36
CA MET F 48 -44.56 20.90 47.90
C MET F 48 -44.38 22.01 48.93
N GLU F 49 -45.14 23.09 48.77
CA GLU F 49 -45.05 24.22 49.69
C GLU F 49 -45.73 23.88 51.01
N LYS F 50 -45.49 24.73 52.01
CA LYS F 50 -46.03 24.54 53.36
C LYS F 50 -47.50 24.97 53.37
N GLU F 51 -48.33 24.14 52.75
CA GLU F 51 -49.78 24.34 52.69
C GLU F 51 -50.13 25.72 52.10
N LYS F 52 -49.72 25.92 50.85
CA LYS F 52 -50.02 27.17 50.16
C LYS F 52 -51.52 27.30 49.93
N GLU F 53 -52.00 28.55 49.97
CA GLU F 53 -53.42 28.80 49.78
C GLU F 53 -53.87 28.43 48.37
N GLY F 54 -53.01 28.59 47.38
CA GLY F 54 -53.35 28.27 46.01
C GLY F 54 -52.25 27.50 45.30
N PHE F 55 -51.87 27.97 44.10
CA PHE F 55 -50.82 27.32 43.33
C PHE F 55 -49.46 27.65 43.92
N PRO F 56 -48.60 26.66 44.15
CA PRO F 56 -47.25 26.96 44.66
C PRO F 56 -46.48 27.87 43.71
N ILE F 57 -45.83 28.88 44.28
CA ILE F 57 -45.03 29.80 43.48
C ILE F 57 -43.76 29.12 42.98
N THR F 58 -43.11 28.32 43.83
CA THR F 58 -41.87 27.67 43.45
C THR F 58 -42.09 26.69 42.30
N SER F 59 -43.20 25.95 42.33
CA SER F 59 -43.52 25.05 41.23
C SER F 59 -43.74 25.82 39.93
N LEU F 60 -44.38 27.00 40.03
CA LEU F 60 -44.66 27.78 38.82
C LEU F 60 -43.38 28.22 38.13
N ARG F 61 -42.39 28.67 38.90
CA ARG F 61 -41.11 29.05 38.30
C ARG F 61 -40.44 27.87 37.62
N GLU F 62 -40.49 26.69 38.26
CA GLU F 62 -39.93 25.50 37.65
C GLU F 62 -40.65 25.12 36.36
N ILE F 63 -41.98 25.24 36.35
CA ILE F 63 -42.75 24.89 35.16
C ILE F 63 -42.43 25.83 34.00
N ASN F 64 -42.41 27.14 34.28
CA ASN F 64 -42.21 28.11 33.21
C ASN F 64 -40.83 27.97 32.57
N THR F 65 -39.79 27.80 33.39
CA THR F 65 -38.43 27.76 32.86
C THR F 65 -38.22 26.56 31.95
N ILE F 66 -38.71 25.38 32.36
CA ILE F 66 -38.49 24.18 31.54
C ILE F 66 -39.31 24.24 30.26
N LEU F 67 -40.46 24.93 30.29
CA LEU F 67 -41.29 25.02 29.09
C LEU F 67 -40.61 25.85 28.00
N LYS F 68 -40.07 27.01 28.36
CA LYS F 68 -39.31 27.80 27.40
C LYS F 68 -38.04 27.09 26.97
N ALA F 69 -37.56 26.14 27.75
CA ALA F 69 -36.30 25.46 27.51
C ALA F 69 -36.44 24.26 26.58
N GLN F 70 -37.64 23.97 26.09
CA GLN F 70 -37.88 22.78 25.29
C GLN F 70 -36.99 22.76 24.06
N HIS F 71 -36.03 21.85 24.04
CA HIS F 71 -34.96 21.79 23.05
C HIS F 71 -34.66 20.32 22.78
N PRO F 72 -34.09 20.01 21.61
CA PRO F 72 -33.61 18.64 21.39
C PRO F 72 -32.55 18.22 22.39
N ASN F 73 -31.80 19.16 22.95
CA ASN F 73 -30.81 18.89 23.97
C ASN F 73 -31.34 19.08 25.39
N ILE F 74 -32.65 19.26 25.53
CA ILE F 74 -33.32 19.37 26.82
C ILE F 74 -34.33 18.25 26.92
N VAL F 75 -34.47 17.66 28.11
CA VAL F 75 -35.35 16.51 28.29
C VAL F 75 -36.76 16.84 27.82
N THR F 76 -37.40 15.86 27.19
CA THR F 76 -38.71 16.06 26.57
C THR F 76 -39.80 15.82 27.62
N VAL F 77 -40.63 16.84 27.84
CA VAL F 77 -41.75 16.74 28.78
C VAL F 77 -42.99 16.30 28.01
N ARG F 78 -43.64 15.25 28.50
CA ARG F 78 -44.84 14.74 27.87
C ARG F 78 -46.10 15.45 28.37
N GLU F 79 -46.28 15.49 29.69
CA GLU F 79 -47.47 16.10 30.28
C GLU F 79 -47.15 16.60 31.68
N ILE F 80 -48.04 17.46 32.19
CA ILE F 80 -47.95 17.97 33.55
C ILE F 80 -49.30 17.75 34.22
N VAL F 81 -49.28 17.13 35.40
CA VAL F 81 -50.49 16.75 36.11
C VAL F 81 -50.49 17.40 37.48
N VAL F 82 -51.63 17.98 37.86
CA VAL F 82 -51.80 18.59 39.17
C VAL F 82 -53.09 18.05 39.77
N GLY F 83 -53.01 17.57 41.02
CA GLY F 83 -54.17 16.99 41.65
C GLY F 83 -54.06 17.07 43.16
N SER F 84 -55.00 16.38 43.81
CA SER F 84 -55.09 16.34 45.28
C SER F 84 -55.20 17.75 45.86
N ASN F 85 -56.20 18.49 45.39
CA ASN F 85 -56.41 19.89 45.78
C ASN F 85 -55.18 20.74 45.50
N MET F 86 -54.47 20.42 44.42
CA MET F 86 -53.26 21.13 43.98
C MET F 86 -52.14 21.09 45.00
N ASP F 87 -52.23 20.20 46.00
CA ASP F 87 -51.16 20.08 46.98
C ASP F 87 -49.95 19.36 46.39
N LYS F 88 -50.18 18.32 45.60
CA LYS F 88 -49.12 17.54 44.99
C LYS F 88 -49.13 17.76 43.48
N ILE F 89 -47.96 18.08 42.93
CA ILE F 89 -47.79 18.32 41.50
C ILE F 89 -46.77 17.33 40.97
N TYR F 90 -47.02 16.82 39.76
CA TYR F 90 -46.15 15.84 39.13
C TYR F 90 -45.85 16.26 37.69
N ILE F 91 -44.64 15.95 37.25
CA ILE F 91 -44.17 16.30 35.91
C ILE F 91 -43.78 15.03 35.18
N VAL F 92 -44.34 14.85 33.98
CA VAL F 92 -44.12 13.65 33.17
C VAL F 92 -43.14 14.00 32.05
N MET F 93 -42.10 13.19 31.90
CA MET F 93 -41.09 13.42 30.88
C MET F 93 -40.62 12.08 30.33
N ASN F 94 -40.09 12.13 29.10
CA ASN F 94 -39.57 10.92 28.47
C ASN F 94 -38.40 10.35 29.25
N TYR F 95 -38.40 9.04 29.44
CA TYR F 95 -37.38 8.38 30.25
C TYR F 95 -36.07 8.29 29.47
N VAL F 96 -35.04 8.95 29.98
CA VAL F 96 -33.70 8.84 29.42
C VAL F 96 -33.03 7.62 30.04
N GLU F 97 -32.21 6.93 29.24
CA GLU F 97 -31.61 5.67 29.67
C GLU F 97 -30.74 5.87 30.90
N HIS F 98 -29.66 6.63 30.78
CA HIS F 98 -28.66 6.80 31.83
C HIS F 98 -28.52 8.27 32.20
N ASP F 99 -27.70 8.53 33.22
CA ASP F 99 -27.27 9.87 33.55
C ASP F 99 -25.74 9.89 33.64
N LEU F 100 -25.17 11.09 33.51
CA LEU F 100 -23.72 11.21 33.36
C LEU F 100 -22.99 10.77 34.62
N LYS F 101 -23.39 11.28 35.78
CA LYS F 101 -22.61 11.04 37.00
C LYS F 101 -22.55 9.56 37.35
N SER F 102 -23.67 8.85 37.21
CA SER F 102 -23.65 7.41 37.43
C SER F 102 -22.76 6.71 36.40
N LEU F 103 -22.76 7.21 35.16
CA LEU F 103 -21.90 6.64 34.14
C LEU F 103 -20.43 6.82 34.49
N MET F 104 -20.07 8.00 35.02
CA MET F 104 -18.67 8.29 35.32
C MET F 104 -18.09 7.31 36.33
N GLU F 105 -18.82 7.05 37.41
CA GLU F 105 -18.36 6.13 38.44
C GLU F 105 -18.47 4.67 38.02
N THR F 106 -19.21 4.37 36.96
CA THR F 106 -19.39 3.01 36.47
C THR F 106 -18.64 2.74 35.17
N MET F 107 -17.81 3.69 34.73
CA MET F 107 -17.03 3.53 33.50
C MET F 107 -15.57 3.28 33.85
N LYS F 108 -14.99 2.26 33.22
CA LYS F 108 -13.59 1.92 33.50
C LYS F 108 -12.65 3.03 33.06
N GLN F 109 -12.91 3.63 31.91
CA GLN F 109 -12.03 4.65 31.36
C GLN F 109 -12.83 5.90 31.02
N PRO F 110 -12.19 7.07 31.04
CA PRO F 110 -12.89 8.30 30.68
C PRO F 110 -13.27 8.31 29.20
N PHE F 111 -14.21 9.20 28.88
CA PHE F 111 -14.66 9.36 27.51
C PHE F 111 -13.51 9.82 26.61
N LEU F 112 -13.52 9.34 25.36
CA LEU F 112 -12.52 9.76 24.40
C LEU F 112 -12.70 11.24 24.08
N PRO F 113 -11.61 11.93 23.70
CA PRO F 113 -11.74 13.37 23.42
C PRO F 113 -12.77 13.71 22.37
N GLY F 114 -12.91 12.88 21.34
CA GLY F 114 -13.97 13.09 20.36
C GLY F 114 -15.35 12.97 20.99
N GLU F 115 -15.52 12.01 21.90
CA GLU F 115 -16.79 11.89 22.61
C GLU F 115 -17.02 13.07 23.53
N VAL F 116 -15.96 13.59 24.16
CA VAL F 116 -16.09 14.74 25.04
C VAL F 116 -16.58 15.96 24.27
N LYS F 117 -16.01 16.20 23.09
CA LYS F 117 -16.43 17.34 22.27
C LYS F 117 -17.88 17.21 21.84
N THR F 118 -18.30 15.99 21.48
CA THR F 118 -19.70 15.77 21.08
C THR F 118 -20.65 16.11 22.23
N LEU F 119 -20.32 15.66 23.45
CA LEU F 119 -21.15 15.98 24.60
C LEU F 119 -21.12 17.47 24.91
N MET F 120 -19.94 18.10 24.78
CA MET F 120 -19.84 19.53 25.03
C MET F 120 -20.66 20.33 24.03
N ILE F 121 -20.66 19.91 22.77
CA ILE F 121 -21.47 20.59 21.76
C ILE F 121 -22.95 20.47 22.09
N GLN F 122 -23.39 19.28 22.50
CA GLN F 122 -24.79 19.10 22.90
C GLN F 122 -25.13 19.96 24.11
N LEU F 123 -24.22 20.03 25.08
CA LEU F 123 -24.45 20.86 26.26
C LEU F 123 -24.55 22.33 25.89
N LEU F 124 -23.64 22.81 25.04
CA LEU F 124 -23.62 24.23 24.69
C LEU F 124 -24.84 24.64 23.89
N ARG F 125 -25.35 23.75 23.02
CA ARG F 125 -26.54 24.07 22.25
C ARG F 125 -27.75 24.26 23.15
N GLY F 126 -27.91 23.39 24.15
CA GLY F 126 -29.02 23.54 25.08
C GLY F 126 -28.92 24.77 25.95
N VAL F 127 -27.69 25.08 26.40
CA VAL F 127 -27.50 26.27 27.23
C VAL F 127 -27.80 27.53 26.45
N LYS F 128 -27.42 27.56 25.17
CA LYS F 128 -27.72 28.72 24.32
C LYS F 128 -29.22 28.96 24.24
N HIS F 129 -30.01 27.89 24.22
CA HIS F 129 -31.47 28.04 24.18
C HIS F 129 -31.98 28.73 25.44
N LEU F 130 -31.40 28.41 26.60
CA LEU F 130 -31.81 29.02 27.84
C LEU F 130 -31.55 30.53 27.84
N HIS F 131 -30.33 30.92 27.48
CA HIS F 131 -29.95 32.33 27.56
C HIS F 131 -30.68 33.16 26.52
N ASP F 132 -30.90 32.60 25.33
CA ASP F 132 -31.70 33.30 24.32
C ASP F 132 -33.15 33.47 24.77
N ASN F 133 -33.63 32.58 25.63
CA ASN F 133 -34.97 32.66 26.19
C ASN F 133 -35.00 33.22 27.60
N TRP F 134 -33.89 33.85 28.04
CA TRP F 134 -33.79 34.49 29.34
C TRP F 134 -34.04 33.48 30.48
N ILE F 135 -33.16 32.48 30.55
CA ILE F 135 -33.28 31.41 31.54
C ILE F 135 -31.92 31.16 32.17
N LEU F 136 -31.89 31.05 33.50
CA LEU F 136 -30.70 30.64 34.25
C LEU F 136 -31.02 29.35 34.97
N HIS F 137 -30.22 28.30 34.69
CA HIS F 137 -30.44 27.02 35.36
C HIS F 137 -29.92 27.05 36.79
N ARG F 138 -28.70 27.57 36.98
CA ARG F 138 -28.06 27.71 38.29
C ARG F 138 -27.80 26.39 38.99
N ASP F 139 -28.05 25.25 38.34
CA ASP F 139 -27.80 23.95 38.93
C ASP F 139 -27.19 23.00 37.90
N LEU F 140 -26.23 23.48 37.12
CA LEU F 140 -25.57 22.65 36.13
C LEU F 140 -24.58 21.72 36.82
N LYS F 141 -24.84 20.43 36.80
CA LYS F 141 -23.98 19.45 37.45
C LYS F 141 -24.03 18.14 36.68
N THR F 142 -23.04 17.29 36.96
CA THR F 142 -22.92 16.02 36.22
C THR F 142 -24.13 15.13 36.49
N SER F 143 -24.62 15.09 37.72
CA SER F 143 -25.79 14.27 38.03
C SER F 143 -27.03 14.75 37.30
N ASN F 144 -27.11 16.05 37.00
CA ASN F 144 -28.27 16.61 36.31
C ASN F 144 -28.24 16.38 34.81
N LEU F 145 -27.16 15.83 34.27
CA LEU F 145 -27.03 15.59 32.84
C LEU F 145 -27.36 14.14 32.53
N LEU F 146 -28.20 13.93 31.53
CA LEU F 146 -28.67 12.59 31.15
C LEU F 146 -28.21 12.25 29.74
N LEU F 147 -27.75 11.03 29.56
CA LEU F 147 -27.31 10.54 28.26
C LEU F 147 -28.18 9.37 27.84
N SER F 148 -28.69 9.42 26.61
CA SER F 148 -29.49 8.34 26.06
C SER F 148 -28.61 7.27 25.45
N HIS F 149 -29.23 6.14 25.09
CA HIS F 149 -28.51 5.07 24.43
C HIS F 149 -28.05 5.47 23.03
N ALA F 150 -28.67 6.47 22.43
CA ALA F 150 -28.28 6.98 21.12
C ALA F 150 -27.24 8.08 21.20
N GLY F 151 -26.76 8.41 22.39
CA GLY F 151 -25.79 9.47 22.56
C GLY F 151 -26.36 10.86 22.72
N ILE F 152 -27.68 11.00 22.82
CA ILE F 152 -28.31 12.30 22.99
C ILE F 152 -28.21 12.72 24.44
N LEU F 153 -27.70 13.93 24.68
CA LEU F 153 -27.53 14.48 26.01
C LEU F 153 -28.63 15.48 26.30
N LYS F 154 -29.26 15.37 27.46
CA LYS F 154 -30.36 16.24 27.85
C LYS F 154 -30.23 16.62 29.31
N VAL F 155 -30.71 17.82 29.64
CA VAL F 155 -30.73 18.30 31.01
C VAL F 155 -32.07 17.88 31.63
N GLY F 156 -32.00 17.18 32.74
CA GLY F 156 -33.18 16.54 33.30
C GLY F 156 -33.88 17.24 34.44
N ASP F 157 -33.26 18.27 35.01
CA ASP F 157 -33.85 18.97 36.14
C ASP F 157 -33.71 20.47 35.96
N PHE F 158 -34.68 21.20 36.51
CA PHE F 158 -34.67 22.66 36.54
C PHE F 158 -35.08 23.15 37.91
N GLY F 159 -34.55 22.52 38.96
CA GLY F 159 -34.95 22.88 40.32
C GLY F 159 -34.59 24.30 40.69
N LEU F 160 -33.41 24.75 40.29
CA LEU F 160 -32.94 26.10 40.59
C LEU F 160 -33.08 27.04 39.40
N ALA F 161 -33.83 26.65 38.38
CA ALA F 161 -33.96 27.47 37.19
C ALA F 161 -34.76 28.73 37.48
N ARG F 162 -34.34 29.84 36.88
CA ARG F 162 -34.99 31.13 37.11
C ARG F 162 -34.70 32.04 35.91
N GLU F 163 -35.71 32.82 35.52
CA GLU F 163 -35.58 33.75 34.42
C GLU F 163 -34.95 35.06 34.90
N TYR F 164 -34.45 35.83 33.93
CA TYR F 164 -33.84 37.14 34.21
C TYR F 164 -34.25 38.12 33.12
N GLY F 165 -33.89 39.38 33.32
CA GLY F 165 -34.24 40.42 32.38
C GLY F 165 -33.10 41.39 32.15
N SER F 166 -33.25 42.22 31.12
CA SER F 166 -32.24 43.22 30.81
C SER F 166 -32.02 44.21 31.96
N PRO F 167 -33.06 44.75 32.63
CA PRO F 167 -32.80 45.51 33.86
C PRO F 167 -32.34 44.60 34.98
N LEU F 168 -31.06 44.22 34.94
CA LEU F 168 -30.52 43.23 35.87
C LEU F 168 -30.76 43.65 37.31
N LYS F 169 -31.23 42.71 38.12
CA LYS F 169 -31.55 42.95 39.52
C LYS F 169 -30.99 41.80 40.36
N ALA F 170 -31.04 42.00 41.68
CA ALA F 170 -30.54 40.98 42.60
C ALA F 170 -31.44 39.77 42.58
N TYR F 171 -30.82 38.58 42.62
CA TYR F 171 -31.57 37.33 42.64
C TYR F 171 -31.23 36.54 43.89
N TPO F 172 -31.45 35.23 43.85
CA TPO F 172 -31.19 34.37 45.00
CB TPO F 172 -31.96 33.06 44.87
CG2 TPO F 172 -31.44 32.04 45.89
OG1 TPO F 172 -33.35 33.30 45.18
P TPO F 172 -34.17 33.53 43.82
O1P TPO F 172 -33.88 32.31 42.80
O2P TPO F 172 -33.77 34.80 43.18
O3P TPO F 172 -35.74 33.57 44.15
C TPO F 172 -29.69 34.11 45.15
O TPO F 172 -29.07 33.54 44.25
N PRO F 173 -29.11 34.54 46.27
CA PRO F 173 -27.66 34.55 46.51
C PRO F 173 -27.01 33.17 46.48
N VAL F 174 -27.19 32.39 47.55
CA VAL F 174 -26.54 31.09 47.69
C VAL F 174 -27.27 30.11 46.79
N VAL F 175 -26.68 29.79 45.63
CA VAL F 175 -27.22 28.83 44.70
C VAL F 175 -26.09 27.95 44.18
N VAL F 176 -26.47 26.91 43.44
CA VAL F 176 -25.56 26.00 42.75
C VAL F 176 -24.80 25.13 43.75
N THR F 177 -24.48 23.90 43.34
CA THR F 177 -23.70 23.01 44.17
C THR F 177 -22.31 23.61 44.42
N LEU F 178 -21.77 23.33 45.61
CA LEU F 178 -20.51 23.95 46.02
C LEU F 178 -19.38 23.65 45.03
N TRP F 179 -19.31 22.42 44.53
CA TRP F 179 -18.23 22.05 43.62
C TRP F 179 -18.30 22.83 42.31
N TYR F 180 -19.50 23.04 41.78
CA TYR F 180 -19.70 23.78 40.55
C TYR F 180 -20.01 25.25 40.80
N ARG F 181 -19.93 25.70 42.05
CA ARG F 181 -20.31 27.06 42.39
C ARG F 181 -19.36 28.06 41.75
N ALA F 182 -19.93 29.06 41.06
CA ALA F 182 -19.12 30.11 40.48
C ALA F 182 -18.47 30.95 41.59
N PRO F 183 -17.29 31.52 41.34
CA PRO F 183 -16.63 32.30 42.40
C PRO F 183 -17.49 33.42 42.93
N GLU F 184 -18.19 34.16 42.07
CA GLU F 184 -19.03 35.27 42.54
C GLU F 184 -20.03 34.80 43.58
N LEU F 185 -20.64 33.63 43.35
CA LEU F 185 -21.54 33.07 44.35
C LEU F 185 -20.78 32.67 45.61
N LEU F 186 -19.54 32.20 45.46
CA LEU F 186 -18.73 31.85 46.62
C LEU F 186 -18.43 33.07 47.48
N LEU F 187 -18.12 34.20 46.85
CA LEU F 187 -17.85 35.43 47.58
C LEU F 187 -19.10 36.26 47.85
N GLY F 188 -20.29 35.68 47.66
CA GLY F 188 -21.53 36.36 47.99
C GLY F 188 -21.85 37.58 47.15
N ALA F 189 -21.67 37.48 45.83
CA ALA F 189 -21.99 38.59 44.95
C ALA F 189 -23.49 38.86 44.94
N LYS F 190 -23.85 40.15 44.92
CA LYS F 190 -25.26 40.52 44.96
C LYS F 190 -25.94 40.26 43.62
N GLU F 191 -25.25 40.53 42.51
CA GLU F 191 -25.82 40.44 41.18
C GLU F 191 -25.04 39.44 40.34
N TYR F 192 -25.76 38.64 39.55
CA TYR F 192 -25.16 37.63 38.70
C TYR F 192 -26.11 37.32 37.56
N SER F 193 -25.55 37.04 36.38
CA SER F 193 -26.37 36.77 35.20
C SER F 193 -25.55 35.98 34.19
N THR F 194 -25.89 34.70 34.03
CA THR F 194 -25.47 33.86 32.91
C THR F 194 -23.98 33.49 33.00
N ALA F 195 -23.26 34.14 33.91
CA ALA F 195 -21.85 33.80 34.09
C ALA F 195 -21.68 32.60 35.00
N VAL F 196 -22.59 32.40 35.95
CA VAL F 196 -22.50 31.24 36.84
C VAL F 196 -22.77 29.95 36.07
N ASP F 197 -23.67 29.99 35.09
CA ASP F 197 -23.93 28.81 34.29
C ASP F 197 -22.72 28.44 33.44
N MET F 198 -22.03 29.43 32.87
CA MET F 198 -20.88 29.13 32.03
C MET F 198 -19.69 28.67 32.87
N TRP F 199 -19.53 29.22 34.07
CA TRP F 199 -18.51 28.70 34.97
C TRP F 199 -18.79 27.25 35.32
N SER F 200 -20.05 26.90 35.56
CA SER F 200 -20.41 25.51 35.82
C SER F 200 -20.09 24.64 34.61
N VAL F 201 -20.38 25.14 33.40
CA VAL F 201 -20.10 24.39 32.18
C VAL F 201 -18.61 24.07 32.10
N GLY F 202 -17.76 25.03 32.42
CA GLY F 202 -16.32 24.77 32.47
C GLY F 202 -15.95 23.73 33.51
N CYS F 203 -16.67 23.74 34.65
CA CYS F 203 -16.42 22.73 35.68
C CYS F 203 -16.77 21.33 35.19
N ILE F 204 -17.89 21.19 34.47
CA ILE F 204 -18.24 19.89 33.90
C ILE F 204 -17.23 19.48 32.84
N PHE F 205 -16.65 20.45 32.12
CA PHE F 205 -15.68 20.14 31.08
C PHE F 205 -14.47 19.41 31.64
N GLY F 206 -13.91 19.93 32.74
CA GLY F 206 -12.76 19.27 33.35
C GLY F 206 -13.10 17.92 33.94
N GLU F 207 -14.29 17.79 34.54
CA GLU F 207 -14.68 16.54 35.18
C GLU F 207 -14.79 15.41 34.17
N LEU F 208 -15.30 15.70 32.97
CA LEU F 208 -15.47 14.67 31.95
C LEU F 208 -14.12 14.11 31.50
N LEU F 209 -13.12 14.98 31.35
CA LEU F 209 -11.81 14.53 30.88
C LEU F 209 -11.15 13.61 31.89
N THR F 210 -11.17 13.98 33.17
CA THR F 210 -10.47 13.22 34.21
C THR F 210 -11.35 12.18 34.89
N GLN F 211 -12.64 12.12 34.56
CA GLN F 211 -13.62 11.23 35.19
C GLN F 211 -13.75 11.49 36.68
N LYS F 212 -13.18 12.58 37.20
CA LYS F 212 -13.24 12.96 38.60
C LYS F 212 -13.59 14.44 38.70
N PRO F 213 -14.22 14.86 39.80
CA PRO F 213 -14.61 16.26 39.93
C PRO F 213 -13.42 17.20 39.84
N LEU F 214 -13.63 18.35 39.19
CA LEU F 214 -12.55 19.31 39.00
C LEU F 214 -12.20 20.03 40.30
N PHE F 215 -13.21 20.48 41.04
CA PHE F 215 -13.03 21.27 42.26
C PHE F 215 -13.85 20.64 43.38
N PRO F 216 -13.36 19.55 43.98
CA PRO F 216 -14.10 18.88 45.07
C PRO F 216 -13.88 19.54 46.41
N GLY F 217 -14.21 20.84 46.49
CA GLY F 217 -14.04 21.59 47.72
C GLY F 217 -14.89 21.07 48.87
N LYS F 218 -14.23 20.78 50.00
CA LYS F 218 -14.95 20.27 51.17
C LYS F 218 -15.76 21.35 51.88
N SER F 219 -15.44 22.62 51.66
CA SER F 219 -16.15 23.72 52.29
C SER F 219 -16.11 24.92 51.36
N GLU F 220 -16.87 25.95 51.72
CA GLU F 220 -16.87 27.18 50.93
C GLU F 220 -15.49 27.82 50.89
N ILE F 221 -14.81 27.88 52.05
CA ILE F 221 -13.44 28.38 52.07
C ILE F 221 -12.51 27.44 51.31
N ASP F 222 -12.70 26.13 51.49
CA ASP F 222 -11.89 25.15 50.76
C ASP F 222 -12.16 25.25 49.26
N GLN F 223 -13.41 25.48 48.87
CA GLN F 223 -13.74 25.66 47.46
C GLN F 223 -13.00 26.86 46.88
N ILE F 224 -12.97 27.97 47.62
CA ILE F 224 -12.18 29.12 47.19
C ILE F 224 -10.70 28.77 47.16
N ASN F 225 -10.23 28.01 48.15
CA ASN F 225 -8.82 27.63 48.20
C ASN F 225 -8.45 26.75 47.00
N LYS F 226 -9.32 25.81 46.63
CA LYS F 226 -9.02 24.93 45.50
C LYS F 226 -8.94 25.72 44.19
N VAL F 227 -9.86 26.67 44.00
CA VAL F 227 -9.85 27.45 42.77
C VAL F 227 -8.64 28.39 42.74
N PHE F 228 -8.34 29.03 43.88
CA PHE F 228 -7.26 30.01 43.92
C PHE F 228 -5.90 29.35 43.67
N LYS F 229 -5.70 28.14 44.20
CA LYS F 229 -4.40 27.48 44.07
C LYS F 229 -4.05 27.18 42.62
N ASP F 230 -5.05 26.89 41.79
CA ASP F 230 -4.79 26.53 40.40
C ASP F 230 -4.91 27.74 39.47
N LEU F 231 -6.08 28.39 39.48
CA LEU F 231 -6.33 29.51 38.58
C LEU F 231 -5.64 30.79 39.00
N GLY F 232 -5.05 30.83 40.20
CA GLY F 232 -4.37 32.01 40.67
C GLY F 232 -5.28 32.93 41.47
N THR F 233 -4.64 33.86 42.19
CA THR F 233 -5.38 34.82 43.00
C THR F 233 -5.81 35.99 42.15
N PRO F 234 -7.11 36.29 42.04
CA PRO F 234 -7.55 37.42 41.23
C PRO F 234 -7.16 38.74 41.87
N SER F 235 -7.24 39.79 41.04
CA SER F 235 -6.91 41.15 41.48
C SER F 235 -7.85 42.12 40.76
N GLU F 236 -7.72 43.41 41.10
CA GLU F 236 -8.53 44.43 40.44
C GLU F 236 -8.21 44.52 38.96
N LYS F 237 -6.94 44.34 38.60
CA LYS F 237 -6.57 44.34 37.17
C LYS F 237 -7.23 43.18 36.43
N ILE F 238 -7.22 41.99 37.05
CA ILE F 238 -7.86 40.82 36.43
C ILE F 238 -9.35 40.74 36.74
N TRP F 239 -9.86 41.58 37.64
CA TRP F 239 -11.26 41.59 38.01
C TRP F 239 -11.63 42.95 38.59
N PRO F 240 -11.97 43.93 37.75
CA PRO F 240 -12.42 45.22 38.28
C PRO F 240 -13.61 45.06 39.21
N GLY F 241 -13.61 45.86 40.28
CA GLY F 241 -14.60 45.72 41.33
C GLY F 241 -14.29 44.63 42.33
N TYR F 242 -13.05 44.12 42.35
CA TYR F 242 -12.71 43.01 43.23
C TYR F 242 -12.69 43.41 44.70
N SER F 243 -12.39 44.68 44.99
CA SER F 243 -12.32 45.13 46.37
C SER F 243 -13.68 45.42 46.98
N GLU F 244 -14.75 45.41 46.18
CA GLU F 244 -16.08 45.75 46.66
C GLU F 244 -16.94 44.53 46.96
N LEU F 245 -16.41 43.33 46.81
CA LEU F 245 -17.19 42.13 47.13
C LEU F 245 -17.46 42.07 48.63
N PRO F 246 -18.63 41.58 49.04
CA PRO F 246 -18.90 41.47 50.49
C PRO F 246 -17.89 40.60 51.22
N ALA F 247 -17.45 39.49 50.59
CA ALA F 247 -16.44 38.65 51.22
C ALA F 247 -15.05 39.28 51.15
N VAL F 248 -14.71 39.89 50.01
CA VAL F 248 -13.39 40.49 49.85
C VAL F 248 -13.22 41.68 50.79
N LYS F 249 -14.29 42.43 51.03
CA LYS F 249 -14.23 43.58 51.93
C LYS F 249 -13.98 43.19 53.38
N LYS F 250 -14.13 41.91 53.73
CA LYS F 250 -13.92 41.46 55.11
C LYS F 250 -13.02 40.24 55.19
N MET F 251 -12.34 39.87 54.11
CA MET F 251 -11.47 38.70 54.11
C MET F 251 -10.27 38.94 53.21
N THR F 252 -9.24 38.14 53.41
CA THR F 252 -8.07 38.12 52.54
C THR F 252 -7.64 36.67 52.35
N PHE F 253 -6.94 36.42 51.24
CA PHE F 253 -6.53 35.09 50.87
C PHE F 253 -5.07 35.09 50.44
N SER F 254 -4.47 33.90 50.43
CA SER F 254 -3.09 33.75 49.98
C SER F 254 -2.99 34.06 48.49
N GLU F 255 -1.99 34.86 48.12
CA GLU F 255 -1.82 35.27 46.72
C GLU F 255 -1.11 34.15 45.98
N HIS F 256 -1.91 33.30 45.33
CA HIS F 256 -1.37 32.19 44.55
C HIS F 256 -1.08 32.65 43.13
N PRO F 257 0.16 32.57 42.66
CA PRO F 257 0.45 32.94 41.27
C PRO F 257 0.16 31.80 40.32
N TYR F 258 -0.22 32.17 39.09
CA TYR F 258 -0.50 31.22 38.02
C TYR F 258 -1.54 30.18 38.43
N ARG F 262 -1.68 27.33 36.58
CA ARG F 262 -1.41 25.92 36.74
C ARG F 262 -2.46 25.07 36.04
N LYS F 263 -2.03 23.98 35.41
CA LYS F 263 -2.95 23.10 34.70
C LYS F 263 -2.32 21.71 34.64
N ARG F 264 -2.88 20.78 35.40
CA ARG F 264 -2.47 19.38 35.37
C ARG F 264 -3.17 18.61 34.27
N PHE F 265 -4.07 19.24 33.53
CA PHE F 265 -4.79 18.61 32.43
C PHE F 265 -3.94 18.45 31.18
N GLY F 266 -2.61 18.62 31.29
CA GLY F 266 -1.77 18.43 30.13
C GLY F 266 -1.83 17.01 29.61
N ALA F 267 -1.63 16.89 28.30
CA ALA F 267 -1.72 15.61 27.59
C ALA F 267 -3.17 15.12 27.53
N LEU F 268 -4.09 15.88 28.12
CA LEU F 268 -5.51 15.63 28.01
C LEU F 268 -6.26 16.80 27.37
N LEU F 269 -5.57 17.89 27.05
CA LEU F 269 -6.19 19.04 26.40
C LEU F 269 -5.16 19.70 25.49
N SER F 270 -5.62 20.20 24.35
CA SER F 270 -4.73 20.85 23.40
C SER F 270 -4.51 22.30 23.79
N ASP F 271 -3.69 23.01 23.00
CA ASP F 271 -3.45 24.42 23.26
C ASP F 271 -4.72 25.23 23.07
N GLN F 272 -5.49 24.93 22.03
CA GLN F 272 -6.77 25.61 21.84
C GLN F 272 -7.81 25.17 22.87
N GLY F 273 -7.76 23.90 23.29
CA GLY F 273 -8.65 23.45 24.34
C GLY F 273 -8.41 24.18 25.65
N PHE F 274 -7.13 24.45 25.96
CA PHE F 274 -6.82 25.28 27.13
C PHE F 274 -7.37 26.69 26.96
N ASP F 275 -7.29 27.24 25.75
CA ASP F 275 -7.86 28.56 25.49
C ASP F 275 -9.36 28.57 25.72
N LEU F 276 -10.05 27.51 25.25
CA LEU F 276 -11.48 27.40 25.52
C LEU F 276 -11.75 27.24 27.02
N MET F 277 -10.94 26.43 27.70
CA MET F 277 -11.09 26.26 29.14
C MET F 277 -10.78 27.55 29.89
N ASN F 278 -9.73 28.26 29.46
CA ASN F 278 -9.38 29.53 30.10
C ASN F 278 -10.51 30.55 29.93
N LYS F 279 -11.13 30.57 28.75
CA LYS F 279 -12.30 31.41 28.55
C LYS F 279 -13.46 30.97 29.43
N PHE F 280 -13.63 29.66 29.60
CA PHE F 280 -14.70 29.15 30.46
C PHE F 280 -14.51 29.61 31.91
N LEU F 281 -13.32 29.40 32.46
CA LEU F 281 -13.03 29.72 33.85
C LEU F 281 -12.38 31.10 33.96
N THR F 282 -13.11 32.11 33.49
CA THR F 282 -12.66 33.50 33.58
C THR F 282 -13.21 34.13 34.85
N TYR F 283 -12.33 34.79 35.59
CA TYR F 283 -12.72 35.34 36.89
C TYR F 283 -13.76 36.45 36.75
N PHE F 284 -13.52 37.41 35.85
CA PHE F 284 -14.48 38.47 35.62
C PHE F 284 -15.70 37.89 34.89
N PRO F 285 -16.90 37.99 35.47
CA PRO F 285 -18.09 37.49 34.75
C PRO F 285 -18.33 38.15 33.41
N GLY F 286 -18.04 39.44 33.28
CA GLY F 286 -18.33 40.15 32.05
C GLY F 286 -17.52 39.67 30.86
N ARG F 287 -16.31 39.19 31.11
CA ARG F 287 -15.43 38.69 30.04
C ARG F 287 -15.55 37.19 29.84
N ARG F 288 -16.43 36.51 30.57
CA ARG F 288 -16.60 35.07 30.41
C ARG F 288 -17.18 34.76 29.04
N ILE F 289 -16.74 33.64 28.47
CA ILE F 289 -17.18 33.25 27.14
C ILE F 289 -18.67 32.90 27.17
N SER F 290 -19.41 33.43 26.19
CA SER F 290 -20.83 33.16 26.11
C SER F 290 -21.07 31.74 25.58
N ALA F 291 -22.31 31.28 25.76
CA ALA F 291 -22.67 29.96 25.25
C ALA F 291 -22.60 29.92 23.73
N GLU F 292 -23.01 31.00 23.06
CA GLU F 292 -22.90 31.06 21.61
C GLU F 292 -21.45 30.99 21.15
N ASP F 293 -20.57 31.71 21.84
CA ASP F 293 -19.15 31.70 21.47
C ASP F 293 -18.48 30.36 21.74
N GLY F 294 -19.05 29.56 22.66
CA GLY F 294 -18.47 28.26 22.94
C GLY F 294 -18.55 27.30 21.77
N LEU F 295 -19.70 27.28 21.08
CA LEU F 295 -19.88 26.39 19.95
C LEU F 295 -18.98 26.77 18.78
N LYS F 296 -18.66 28.06 18.65
CA LYS F 296 -17.85 28.55 17.54
C LYS F 296 -16.36 28.38 17.77
N HIS F 297 -15.94 27.89 18.93
CA HIS F 297 -14.53 27.87 19.28
C HIS F 297 -13.74 26.92 18.38
N GLU F 298 -12.45 27.23 18.23
CA GLU F 298 -11.57 26.46 17.37
C GLU F 298 -11.36 25.03 17.86
N TYR F 299 -11.54 24.79 19.16
CA TYR F 299 -11.26 23.48 19.73
C TYR F 299 -12.18 22.40 19.17
N PHE F 300 -13.37 22.79 18.71
CA PHE F 300 -14.33 21.82 18.19
C PHE F 300 -14.07 21.44 16.74
N ARG F 301 -13.07 22.04 16.10
CA ARG F 301 -12.68 21.71 14.73
C ARG F 301 -11.21 21.33 14.66
N GLU F 302 -10.65 20.85 15.77
CA GLU F 302 -9.23 20.53 15.85
C GLU F 302 -9.00 19.07 15.45
N THR F 303 -7.79 18.57 15.71
CA THR F 303 -7.39 17.25 15.22
C THR F 303 -8.29 16.13 15.71
N PRO F 304 -8.66 16.03 17.01
CA PRO F 304 -9.57 14.94 17.40
C PRO F 304 -11.04 15.34 17.24
N LEU F 305 -11.51 15.34 15.99
CA LEU F 305 -12.84 15.87 15.70
C LEU F 305 -13.90 15.06 16.45
N PRO F 306 -14.99 15.71 16.84
CA PRO F 306 -16.03 15.01 17.60
C PRO F 306 -16.63 13.85 16.80
N ILE F 307 -17.02 12.81 17.52
CA ILE F 307 -17.54 11.60 16.92
C ILE F 307 -19.06 11.64 16.94
N ASP F 308 -19.67 10.87 16.03
CA ASP F 308 -21.11 10.84 15.94
C ASP F 308 -21.72 10.24 17.21
N PRO F 309 -22.90 10.72 17.62
CA PRO F 309 -23.57 10.11 18.78
C PRO F 309 -23.88 8.64 18.59
N SER F 310 -24.14 8.22 17.35
CA SER F 310 -24.37 6.80 17.09
C SER F 310 -23.13 5.96 17.36
N MET F 311 -21.95 6.55 17.27
CA MET F 311 -20.70 5.84 17.53
C MET F 311 -20.36 5.75 19.01
N PHE F 312 -21.16 6.35 19.88
CA PHE F 312 -20.91 6.27 21.31
C PHE F 312 -21.10 4.84 21.79
N PRO F 313 -20.19 4.29 22.57
CA PRO F 313 -20.35 2.91 23.06
C PRO F 313 -21.55 2.78 23.98
N LYS F 314 -22.14 1.59 23.98
CA LYS F 314 -23.29 1.30 24.82
C LYS F 314 -22.90 1.27 26.29
C24 NK3 G . 0.54 -31.14 -1.53
N25 NK3 G . 1.92 -30.52 -1.52
C26 NK3 G . 1.81 -29.12 -1.02
C27 NK3 G . 2.82 -31.26 -0.58
C22 NK3 G . 0.22 -32.02 -2.77
C21 NK3 G . 3.36 -33.98 -4.08
C17 NK3 G . 3.11 -32.11 -5.43
C18 NK3 G . 1.98 -31.72 -4.69
C19 NK3 G . 1.47 -32.44 -3.60
C16 NK3 G . 3.88 -33.26 -5.17
C13 NK3 G . 2.39 -34.80 -7.33
C12 NK3 G . 3.78 -34.98 -7.73
C01 NK3 G . 8.88 -34.89 -8.11
C02 NK3 G . 7.59 -34.50 -7.41
C03 NK3 G . 7.62 -33.72 -6.26
C04 NK3 G . 6.45 -33.33 -5.55
C05 NK3 G . 5.13 -33.71 -5.97
C06 NK3 G . 5.07 -34.52 -7.16
C07 NK3 G . 6.28 -34.91 -7.87
C09 NK3 G . 4.96 -36.15 -9.58
C11 NK3 G . 3.76 -35.76 -8.88
C14 NK3 G . 1.47 -35.41 -8.13
C20 NK3 G . 2.22 -33.59 -3.34
C23 NK3 G . -0.61 -33.23 -2.30
N08 NK3 G . 6.17 -35.70 -9.05
O10 NK3 G . 4.99 -36.85 -10.63
O28 NK3 G . 6.51 -32.56 -4.42
S15 NK3 G . 2.19 -36.22 -9.42
S SO4 H . 4.21 -25.60 1.15
O1 SO4 H . 4.83 -25.30 -0.13
O2 SO4 H . 3.27 -26.70 0.99
O3 SO4 H . 3.50 -24.41 1.63
O4 SO4 H . 5.23 -25.97 2.13
C24 NK3 I . -5.65 -35.77 18.65
N25 NK3 I . -7.09 -35.44 19.00
C26 NK3 I . -7.21 -33.95 19.11
C27 NK3 I . -8.01 -35.88 17.90
C22 NK3 I . -5.02 -36.90 19.53
C21 NK3 I . -7.50 -39.87 20.22
C17 NK3 I . -7.58 -38.45 22.07
C18 NK3 I . -6.63 -37.60 21.47
C19 NK3 I . -6.06 -37.84 20.20
C16 NK3 I . -8.08 -39.64 21.49
C13 NK3 I . -6.09 -41.34 23.05
C12 NK3 I . -7.36 -41.97 23.40
C01 NK3 I . -12.30 -43.22 23.85
C02 NK3 I . -11.20 -42.34 23.28
C03 NK3 I . -11.50 -41.29 22.43
C04 NK3 I . -10.51 -40.43 21.86
C05 NK3 I . -9.12 -40.59 22.13
C06 NK3 I . -8.78 -41.67 23.02
C07 NK3 I . -9.79 -42.54 23.59
C09 NK3 I . -8.09 -43.88 24.82
C11 NK3 I . -7.07 -43.02 24.26
C14 NK3 I . -4.99 -41.91 23.62
C20 NK3 I . -6.55 -39.02 19.62
C23 NK3 I . -4.02 -37.68 18.65
N08 NK3 I . -9.42 -43.59 24.45
O10 NK3 I . -7.87 -44.84 25.61
O28 NK3 I . -10.86 -39.41 21.02
S15 NK3 I . -5.39 -43.23 24.60
S SO4 J . -10.86 -30.84 17.58
O1 SO4 J . -10.09 -29.76 17.00
O2 SO4 J . -11.87 -31.28 16.63
O3 SO4 J . -9.97 -31.96 17.88
O4 SO4 J . -11.50 -30.39 18.82
C24 NK3 K . 55.85 -39.98 -17.56
N25 NK3 K . 54.88 -41.14 -17.41
C26 NK3 K . 53.52 -40.66 -17.81
C27 NK3 K . 55.24 -42.26 -18.35
C22 NK3 K . 56.89 -39.86 -16.39
C21 NK3 K . 58.50 -43.27 -15.28
C17 NK3 K . 56.64 -42.91 -13.92
C18 NK3 K . 56.38 -41.70 -14.59
C19 NK3 K . 57.17 -41.20 -15.65
C16 NK3 K . 57.71 -43.78 -14.23
C13 NK3 K . 59.48 -42.58 -12.06
C12 NK3 K . 59.51 -44.00 -11.73
C01 NK3 K . 58.81 -49.08 -11.59
C02 NK3 K . 58.57 -47.71 -12.22
C03 NK3 K . 57.76 -47.59 -13.34
C04 NK3 K . 57.49 -46.35 -13.98
C05 NK3 K . 58.02 -45.11 -13.51
C06 NK3 K . 58.87 -45.20 -12.35
C07 NK3 K . 59.14 -46.49 -11.71
C09 NK3 K . 60.58 -45.41 -9.98
C11 NK3 K . 60.31 -44.13 -10.61
C14 NK3 K . 60.22 -41.77 -11.25
C20 NK3 K . 58.23 -42.06 -15.94
C23 NK3 K . 58.17 -39.24 -16.97
N08 NK3 K . 59.97 -46.54 -10.56
O10 NK3 K . 61.31 -45.56 -8.96
O28 NK3 K . 56.68 -46.27 -15.08
S15 NK3 K . 60.99 -42.66 -10.02
S SO4 L . 49.23 -42.27 -20.35
O1 SO4 L . 47.89 -41.69 -20.36
O2 SO4 L . 49.59 -42.68 -21.70
O3 SO4 L . 49.26 -43.43 -19.46
O4 SO4 L . 50.19 -41.27 -19.87
C24 NK3 M . -1.30 24.95 -12.26
N25 NK3 M . -2.14 23.69 -12.41
C26 NK3 M . -3.45 23.92 -11.75
C27 NK3 M . -2.41 23.41 -13.87
C22 NK3 M . -0.39 24.98 -10.98
C21 NK3 M . 0.85 21.36 -10.10
C17 NK3 M . -0.82 21.91 -8.57
C18 NK3 M . -0.97 23.17 -9.18
C19 NK3 M . -0.23 23.60 -10.29
C16 NK3 M . 0.10 20.93 -8.98
C13 NK3 M . 2.21 21.77 -6.95
C12 NK3 M . 2.07 20.34 -6.66
C01 NK3 M . 0.68 15.41 -6.64
C02 NK3 M . 0.57 16.83 -7.19
C03 NK3 M . -0.30 17.11 -8.23
C04 NK3 M . -0.46 18.41 -8.80
C05 NK3 M . 0.29 19.53 -8.34
C06 NK3 M . 1.21 19.27 -7.26
C07 NK3 M . 1.35 17.94 -6.69
C09 NK3 M . 3.07 18.72 -5.06
C11 NK3 M . 2.94 20.05 -5.62
C14 NK3 M . 3.13 22.42 -6.16
C20 NK3 M . 0.69 22.63 -10.72
C23 NK3 M . 0.96 25.60 -11.38
N08 NK3 M . 2.26 17.71 -5.62
O10 NK3 M . 3.86 18.40 -4.11
O28 NK3 M . -1.32 18.65 -9.83
S15 NK3 M . 3.85 21.39 -5.05
S SO4 N . -7.99 23.08 -14.58
O1 SO4 N . -8.63 24.32 -15.02
O2 SO4 N . -7.96 22.13 -15.69
O3 SO4 N . -6.63 23.37 -14.14
O4 SO4 N . -8.75 22.51 -13.48
C24 NK3 O . 2.66 32.91 -30.57
N25 NK3 O . 1.96 34.25 -30.73
C26 NK3 O . 0.74 34.23 -29.85
C27 NK3 O . 2.83 35.36 -30.23
C22 NK3 O . 3.34 32.38 -31.87
C21 NK3 O . 6.74 34.27 -32.40
C17 NK3 O . 5.28 35.02 -34.04
C18 NK3 O . 4.27 34.17 -33.55
C19 NK3 O . 4.44 33.32 -32.45
C16 NK3 O . 6.58 35.13 -33.51
C13 NK3 O . 7.82 33.11 -35.43
C12 NK3 O . 8.68 34.28 -35.62
C01 NK3 O . 10.88 38.90 -35.39
C02 NK3 O . 9.80 37.90 -34.95
C03 NK3 O . 8.86 38.27 -34.00
C04 NK3 O . 7.83 37.39 -33.54
C05 NK3 O . 7.70 36.05 -34.03
C06 NK3 O . 8.67 35.65 -35.01
C07 NK3 O . 9.71 36.56 -35.47
C09 NK3 O . 10.66 34.84 -37.01
C11 NK3 O . 9.63 33.93 -36.55
C14 NK3 O . 8.15 32.02 -36.19
C20 NK3 O . 5.74 33.42 -31.90
C23 NK3 O . 3.88 30.96 -31.58
N08 NK3 O . 10.66 36.13 -36.44
O10 NK3 O . 11.55 34.57 -37.87
O28 NK3 O . 6.92 37.78 -32.61
S15 NK3 O . 9.49 32.32 -37.16
S SO4 P . -1.18 38.33 -28.53
O1 SO4 P . -1.71 38.95 -29.74
O2 SO4 P . -0.11 37.40 -28.88
O3 SO4 P . -0.64 39.37 -27.65
O4 SO4 P . -2.24 37.62 -27.83
C24 NK3 Q . -31.27 15.87 41.83
N25 NK3 Q . -29.83 15.44 41.73
C26 NK3 Q . -29.04 16.19 42.75
C27 NK3 Q . -29.69 13.97 42.05
C22 NK3 Q . -32.00 16.07 40.45
C21 NK3 Q . -32.80 12.67 38.66
C17 NK3 Q . -30.84 13.48 37.72
C18 NK3 Q . -30.89 14.61 38.57
C19 NK3 Q . -31.92 14.83 39.51
C16 NK3 Q . -31.78 12.43 37.71
C13 NK3 Q . -34.12 13.20 35.84
C12 NK3 Q . -33.71 11.90 35.32
C01 NK3 Q . -31.42 7.41 34.40
C02 NK3 Q . -31.56 8.71 35.20
C03 NK3 Q . -30.70 8.96 36.27
C04 NK3 Q . -30.78 10.14 37.06
C05 NK3 Q . -31.73 11.17 36.81
C06 NK3 Q . -32.64 10.93 35.72
C07 NK3 Q . -32.55 9.72 34.92
C09 NK3 Q . -34.45 10.41 33.47
C11 NK3 Q . -34.54 11.63 34.25
C14 NK3 Q . -35.17 13.79 35.20
C20 NK3 Q . -32.87 13.79 39.51
C23 NK3 Q . -33.45 16.49 40.74
N08 NK3 Q . -33.44 9.50 33.84
O10 NK3 Q . -35.20 10.12 32.48
O28 NK3 Q . -29.92 10.37 38.10
S15 NK3 Q . -35.73 12.84 33.92
S SO4 R . -24.26 15.42 43.58
O1 SO4 R . -23.33 15.73 42.49
O2 SO4 R . -25.51 14.89 43.03
O3 SO4 R . -23.66 14.42 44.47
O4 SO4 R . -24.55 16.64 44.34
#